data_8TJJ
#
_entry.id   8TJJ
#
_cell.length_a   113.860
_cell.length_b   58.780
_cell.length_c   113.920
_cell.angle_alpha   90.000
_cell.angle_beta   103.110
_cell.angle_gamma   90.000
#
_symmetry.space_group_name_H-M   'P 1 21 1'
#
loop_
_entity.id
_entity.type
_entity.pdbx_description
1 polymer RedM
2 non-polymer 'SULFATE ION'
3 non-polymer S-ADENOSYLMETHIONINE
4 non-polymer 'SODIUM ION'
5 non-polymer 1,2-ETHANEDIOL
6 non-polymer 'POTASSIUM ION'
7 water water
#
_entity_poly.entity_id   1
_entity_poly.type   'polypeptide(L)'
_entity_poly.pdbx_seq_one_letter_code
;MSDTSPGPEHAPAIDRLLQIATGFMASKVLLVAASLGLFTELAAGPLRGEELRARLRLHPRSARDFFDTLVALGVLERTN
GAYANTPATAQYLVRGKSAYLGGLLEMSDARMYELWGRLDEGLRTGNPQNEIRTGEEGIYATLYDDPDRLDAFQQAMTGL
SMRSAHALAEAIDWSAYRTVADIGCAEGTVLIHLLERHPHLRGTGFDLAAVRPSFQRRHEESGLGDRLAFRAGDFFAEPL
PQADALVFGHILSNWALPKAKTLLRKAHEALPEGGIVVIYETLIDDERRENVPGLLMSLTMLLETPGGFEYTGADCREWL
ADAGFRESRVQYLAGPESMVIATK
;
_entity_poly.pdbx_strand_id   A,B,C,D
#
# COMPACT_ATOMS: atom_id res chain seq x y z
N PRO A 12 28.55 -13.39 -13.23
CA PRO A 12 28.15 -14.43 -12.28
C PRO A 12 26.96 -15.25 -12.76
N ALA A 13 26.82 -16.48 -12.26
CA ALA A 13 25.63 -17.27 -12.56
C ALA A 13 24.38 -16.62 -12.01
N ILE A 14 24.50 -15.86 -10.92
CA ILE A 14 23.33 -15.26 -10.30
C ILE A 14 22.84 -14.06 -11.12
N ASP A 15 23.77 -13.31 -11.74
CA ASP A 15 23.37 -12.20 -12.60
C ASP A 15 22.58 -12.69 -13.80
N ARG A 16 23.02 -13.78 -14.43
CA ARG A 16 22.26 -14.37 -15.52
C ARG A 16 20.90 -14.85 -15.03
N LEU A 17 20.86 -15.41 -13.83
CA LEU A 17 19.61 -15.91 -13.28
C LEU A 17 18.60 -14.79 -13.09
N LEU A 18 19.05 -13.65 -12.55
CA LEU A 18 18.14 -12.53 -12.34
C LEU A 18 17.74 -11.88 -13.66
N GLN A 19 18.61 -11.92 -14.66
CA GLN A 19 18.25 -11.40 -15.97
C GLN A 19 17.14 -12.23 -16.61
N ILE A 20 17.20 -13.56 -16.44
CA ILE A 20 16.09 -14.40 -16.87
C ILE A 20 14.83 -14.05 -16.08
N ALA A 21 14.97 -13.92 -14.76
CA ALA A 21 13.80 -13.72 -13.92
C ALA A 21 13.07 -12.42 -14.26
N THR A 22 13.80 -11.37 -14.62
CA THR A 22 13.15 -10.10 -14.96
C THR A 22 12.99 -9.92 -16.47
N GLY A 23 13.22 -10.97 -17.26
CA GLY A 23 13.09 -10.90 -18.71
C GLY A 23 11.70 -10.52 -19.20
N PHE A 24 10.67 -10.63 -18.34
CA PHE A 24 9.32 -10.25 -18.75
C PHE A 24 9.18 -8.76 -19.07
N MET A 25 10.08 -7.92 -18.54
CA MET A 25 9.99 -6.50 -18.83
C MET A 25 10.38 -6.20 -20.27
N ALA A 26 11.58 -6.62 -20.69
CA ALA A 26 12.01 -6.39 -22.07
C ALA A 26 11.14 -7.17 -23.06
N SER A 27 10.69 -8.36 -22.67
CA SER A 27 9.70 -9.08 -23.49
C SER A 27 8.49 -8.19 -23.77
N LYS A 28 7.91 -7.63 -22.71
CA LYS A 28 6.74 -6.78 -22.85
C LYS A 28 7.02 -5.57 -23.73
N VAL A 29 8.21 -4.97 -23.59
CA VAL A 29 8.57 -3.85 -24.46
C VAL A 29 8.46 -4.27 -25.92
N LEU A 30 9.05 -5.42 -26.27
CA LEU A 30 9.03 -5.86 -27.66
C LEU A 30 7.63 -6.31 -28.08
N LEU A 31 6.90 -6.97 -27.18
CA LEU A 31 5.56 -7.45 -27.53
C LEU A 31 4.62 -6.30 -27.81
N VAL A 32 4.73 -5.20 -27.06
CA VAL A 32 3.87 -4.05 -27.28
C VAL A 32 4.26 -3.34 -28.57
N ALA A 33 5.56 -3.21 -28.83
CA ALA A 33 6.02 -2.65 -30.10
C ALA A 33 5.45 -3.45 -31.27
N ALA A 34 5.43 -4.78 -31.17
CA ALA A 34 4.82 -5.57 -32.22
C ALA A 34 3.31 -5.34 -32.29
N SER A 35 2.66 -5.29 -31.13
CA SER A 35 1.21 -5.06 -31.10
C SER A 35 0.84 -3.73 -31.73
N LEU A 36 1.69 -2.71 -31.54
CA LEU A 36 1.46 -1.40 -32.14
C LEU A 36 1.77 -1.37 -33.63
N GLY A 37 2.38 -2.41 -34.18
CA GLY A 37 2.86 -2.32 -35.54
C GLY A 37 3.97 -1.30 -35.71
N LEU A 38 4.79 -1.09 -34.68
CA LEU A 38 5.84 -0.08 -34.74
C LEU A 38 6.78 -0.32 -35.91
N PHE A 39 7.20 -1.58 -36.11
CA PHE A 39 8.13 -1.87 -37.18
C PHE A 39 7.50 -1.69 -38.55
N THR A 40 6.21 -1.98 -38.69
CA THR A 40 5.54 -1.73 -39.96
C THR A 40 5.48 -0.23 -40.26
N GLU A 41 5.27 0.59 -39.22
CA GLU A 41 5.25 2.03 -39.44
C GLU A 41 6.61 2.57 -39.88
N LEU A 42 7.69 1.86 -39.56
CA LEU A 42 9.02 2.27 -39.98
C LEU A 42 9.43 1.69 -41.33
N ALA A 43 8.59 0.85 -41.94
CA ALA A 43 8.94 0.24 -43.22
C ALA A 43 9.03 1.27 -44.34
N ALA A 44 8.33 2.39 -44.22
CA ALA A 44 8.45 3.44 -45.24
C ALA A 44 9.77 4.19 -45.15
N GLY A 45 10.43 4.18 -43.98
CA GLY A 45 11.66 4.92 -43.81
C GLY A 45 11.77 5.42 -42.39
N PRO A 46 12.93 5.99 -42.04
CA PRO A 46 13.15 6.43 -40.66
C PRO A 46 12.17 7.53 -40.24
N LEU A 47 11.79 7.51 -38.96
CA LEU A 47 10.93 8.55 -38.39
C LEU A 47 11.52 9.09 -37.09
N ARG A 48 11.41 10.40 -36.91
CA ARG A 48 11.80 10.98 -35.64
C ARG A 48 10.79 10.60 -34.55
N GLY A 49 11.23 10.77 -33.30
CA GLY A 49 10.42 10.33 -32.18
C GLY A 49 9.03 10.95 -32.14
N GLU A 50 8.93 12.25 -32.42
CA GLU A 50 7.64 12.91 -32.33
C GLU A 50 6.69 12.40 -33.42
N GLU A 51 7.23 12.12 -34.61
CA GLU A 51 6.38 11.59 -35.68
C GLU A 51 5.95 10.16 -35.38
N LEU A 52 6.87 9.33 -34.89
CA LEU A 52 6.54 7.95 -34.56
C LEU A 52 5.52 7.88 -33.43
N ARG A 53 5.68 8.73 -32.42
CA ARG A 53 4.70 8.80 -31.33
C ARG A 53 3.31 9.15 -31.86
N ALA A 54 3.22 10.19 -32.69
CA ALA A 54 1.94 10.59 -33.25
C ALA A 54 1.31 9.47 -34.07
N ARG A 55 2.10 8.77 -34.88
CA ARG A 55 1.55 7.69 -35.70
C ARG A 55 1.02 6.56 -34.83
N LEU A 56 1.71 6.26 -33.74
CA LEU A 56 1.32 5.17 -32.86
C LEU A 56 0.32 5.59 -31.79
N ARG A 57 -0.04 6.89 -31.73
CA ARG A 57 -1.00 7.40 -30.74
C ARG A 57 -0.53 7.16 -29.32
N LEU A 58 0.76 7.31 -29.08
CA LEU A 58 1.31 7.21 -27.74
C LEU A 58 1.33 8.57 -27.06
N HIS A 59 1.30 8.54 -25.73
CA HIS A 59 1.35 9.74 -24.92
C HIS A 59 2.77 10.29 -24.88
N PRO A 60 2.94 11.61 -24.79
CA PRO A 60 4.29 12.18 -24.83
C PRO A 60 5.15 11.81 -23.62
N ARG A 61 4.57 11.37 -22.50
CA ARG A 61 5.36 11.15 -21.28
C ARG A 61 6.49 10.16 -21.51
N SER A 62 6.17 8.99 -22.10
CA SER A 62 7.09 7.87 -22.12
C SER A 62 7.40 7.34 -23.51
N ALA A 63 6.92 8.00 -24.57
CA ALA A 63 7.14 7.47 -25.92
C ALA A 63 8.63 7.40 -26.25
N ARG A 64 9.37 8.49 -25.95
CA ARG A 64 10.80 8.51 -26.22
C ARG A 64 11.53 7.42 -25.43
N ASP A 65 11.19 7.27 -24.15
CA ASP A 65 11.78 6.19 -23.37
C ASP A 65 11.49 4.84 -23.99
N PHE A 66 10.25 4.63 -24.44
CA PHE A 66 9.88 3.39 -25.10
C PHE A 66 10.73 3.13 -26.35
N PHE A 67 10.84 4.14 -27.22
CA PHE A 67 11.62 3.96 -28.45
C PHE A 67 13.09 3.70 -28.14
N ASP A 68 13.67 4.45 -27.21
CA ASP A 68 15.07 4.28 -26.86
C ASP A 68 15.33 2.95 -26.16
N THR A 69 14.35 2.44 -25.40
CA THR A 69 14.53 1.11 -24.82
C THR A 69 14.70 0.07 -25.93
N LEU A 70 13.87 0.15 -26.97
CA LEU A 70 14.00 -0.76 -28.11
C LEU A 70 15.37 -0.61 -28.78
N VAL A 71 15.86 0.63 -28.91
CA VAL A 71 17.20 0.83 -29.46
C VAL A 71 18.23 0.13 -28.58
N ALA A 72 18.13 0.34 -27.26
CA ALA A 72 19.11 -0.23 -26.33
C ALA A 72 19.06 -1.75 -26.33
N LEU A 73 17.88 -2.33 -26.57
CA LEU A 73 17.73 -3.78 -26.68
C LEU A 73 18.28 -4.33 -27.99
N GLY A 74 18.59 -3.47 -28.95
CA GLY A 74 19.10 -3.91 -30.24
C GLY A 74 18.03 -4.26 -31.25
N VAL A 75 16.79 -3.86 -31.01
CA VAL A 75 15.68 -4.18 -31.91
C VAL A 75 15.18 -2.94 -32.63
N LEU A 76 15.97 -1.87 -32.61
CA LEU A 76 15.64 -0.66 -33.34
C LEU A 76 16.93 0.11 -33.55
N GLU A 77 17.04 0.76 -34.71
CA GLU A 77 18.13 1.69 -34.94
C GLU A 77 17.66 3.11 -34.63
N ARG A 78 18.60 3.94 -34.22
CA ARG A 78 18.37 5.37 -34.17
C ARG A 78 19.62 6.04 -34.68
N THR A 79 19.47 6.84 -35.74
CA THR A 79 20.58 7.56 -36.34
C THR A 79 20.16 9.01 -36.52
N ASN A 80 20.89 9.91 -35.89
CA ASN A 80 20.65 11.35 -35.95
C ASN A 80 19.19 11.69 -35.63
N GLY A 81 18.68 11.08 -34.56
CA GLY A 81 17.36 11.38 -34.06
C GLY A 81 16.21 10.70 -34.80
N ALA A 82 16.49 9.83 -35.77
CA ALA A 82 15.45 9.13 -36.53
C ALA A 82 15.51 7.64 -36.24
N TYR A 83 14.39 7.08 -35.80
CA TYR A 83 14.28 5.64 -35.56
C TYR A 83 14.04 4.88 -36.86
N ALA A 84 14.61 3.67 -36.93
CA ALA A 84 14.47 2.83 -38.12
C ALA A 84 14.60 1.36 -37.74
N ASN A 85 14.07 0.50 -38.60
CA ASN A 85 14.19 -0.94 -38.40
C ASN A 85 15.66 -1.38 -38.43
N THR A 86 15.95 -2.45 -37.71
CA THR A 86 17.19 -3.16 -37.91
C THR A 86 17.02 -4.11 -39.09
N PRO A 87 18.09 -4.71 -39.60
CA PRO A 87 17.91 -5.72 -40.66
C PRO A 87 16.92 -6.80 -40.26
N ALA A 88 16.93 -7.23 -39.00
CA ALA A 88 16.04 -8.31 -38.58
C ALA A 88 14.60 -7.84 -38.47
N THR A 89 14.36 -6.66 -37.89
CA THR A 89 12.96 -6.23 -37.75
C THR A 89 12.37 -5.88 -39.11
N ALA A 90 13.21 -5.38 -40.02
CA ALA A 90 12.76 -5.12 -41.38
C ALA A 90 12.36 -6.41 -42.08
N GLN A 91 13.09 -7.50 -41.83
CA GLN A 91 12.82 -8.75 -42.54
C GLN A 91 11.64 -9.52 -41.96
N TYR A 92 11.45 -9.45 -40.63
CA TYR A 92 10.56 -10.36 -39.93
C TYR A 92 9.41 -9.71 -39.17
N LEU A 93 9.46 -8.41 -38.88
CA LEU A 93 8.41 -7.76 -38.10
C LEU A 93 7.64 -6.71 -38.89
N VAL A 94 7.79 -6.69 -40.21
CA VAL A 94 7.04 -5.77 -41.06
C VAL A 94 5.88 -6.56 -41.67
N ARG A 95 4.66 -6.12 -41.38
CA ARG A 95 3.47 -6.83 -41.82
C ARG A 95 3.38 -6.84 -43.36
N GLY A 96 2.83 -7.94 -43.89
CA GLY A 96 2.67 -8.11 -45.31
C GLY A 96 3.80 -8.85 -46.01
N LYS A 97 5.02 -8.75 -45.48
CA LYS A 97 6.14 -9.50 -46.06
C LYS A 97 5.95 -11.00 -45.88
N SER A 98 6.58 -11.77 -46.77
CA SER A 98 6.39 -13.22 -46.76
C SER A 98 6.97 -13.86 -45.49
N ALA A 99 8.10 -13.33 -45.01
CA ALA A 99 8.76 -13.87 -43.83
C ALA A 99 8.25 -13.25 -42.53
N TYR A 100 7.11 -12.58 -42.56
CA TYR A 100 6.58 -11.90 -41.38
C TYR A 100 6.16 -12.92 -40.32
N LEU A 101 6.76 -12.83 -39.13
CA LEU A 101 6.37 -13.67 -38.00
C LEU A 101 5.86 -12.84 -36.83
N GLY A 102 5.62 -11.55 -37.03
CA GLY A 102 5.11 -10.69 -35.97
C GLY A 102 3.77 -11.12 -35.42
N GLY A 103 2.99 -11.90 -36.19
CA GLY A 103 1.73 -12.42 -35.68
C GLY A 103 1.91 -13.25 -34.42
N LEU A 104 3.07 -13.90 -34.28
CA LEU A 104 3.37 -14.63 -33.06
C LEU A 104 3.53 -13.67 -31.87
N LEU A 105 4.16 -12.51 -32.09
CA LEU A 105 4.35 -11.55 -31.01
C LEU A 105 3.05 -10.86 -30.65
N GLU A 106 2.20 -10.58 -31.65
CA GLU A 106 0.91 -9.97 -31.36
C GLU A 106 0.06 -10.90 -30.50
N MET A 107 0.10 -12.20 -30.77
CA MET A 107 -0.67 -13.16 -29.98
C MET A 107 -0.09 -13.30 -28.57
N SER A 108 1.24 -13.33 -28.46
CA SER A 108 1.88 -13.35 -27.14
C SER A 108 1.48 -12.13 -26.33
N ASP A 109 1.36 -10.97 -26.98
CA ASP A 109 0.99 -9.75 -26.27
C ASP A 109 -0.47 -9.76 -25.87
N ALA A 110 -1.36 -10.15 -26.80
CA ALA A 110 -2.79 -10.07 -26.55
C ALA A 110 -3.30 -11.20 -25.66
N ARG A 111 -2.62 -12.35 -25.66
CA ARG A 111 -3.20 -13.51 -25.01
C ARG A 111 -2.21 -14.26 -24.11
N MET A 112 -1.01 -14.56 -24.63
CA MET A 112 -0.16 -15.53 -23.94
C MET A 112 0.48 -14.95 -22.69
N TYR A 113 0.80 -13.65 -22.68
CA TYR A 113 1.39 -13.04 -21.50
C TYR A 113 0.47 -13.21 -20.29
N GLU A 114 -0.81 -12.88 -20.45
CA GLU A 114 -1.75 -12.99 -19.33
C GLU A 114 -2.05 -14.46 -19.01
N LEU A 115 -2.10 -15.31 -20.04
CA LEU A 115 -2.36 -16.73 -19.81
C LEU A 115 -1.22 -17.35 -18.99
N TRP A 116 0.02 -17.10 -19.40
CA TRP A 116 1.18 -17.52 -18.62
C TRP A 116 1.22 -16.93 -17.22
N GLY A 117 0.56 -15.79 -17.00
CA GLY A 117 0.41 -15.29 -15.63
C GLY A 117 -0.31 -16.26 -14.71
N ARG A 118 -0.99 -17.25 -15.28
CA ARG A 118 -1.73 -18.25 -14.53
C ARG A 118 -0.98 -19.58 -14.42
N LEU A 119 0.34 -19.57 -14.66
CA LEU A 119 1.13 -20.80 -14.66
C LEU A 119 0.98 -21.57 -13.36
N ASP A 120 1.06 -20.89 -12.22
CA ASP A 120 0.99 -21.59 -10.93
C ASP A 120 -0.32 -22.37 -10.79
N GLU A 121 -1.43 -21.79 -11.26
CA GLU A 121 -2.70 -22.50 -11.18
C GLU A 121 -2.71 -23.71 -12.12
N GLY A 122 -2.12 -23.56 -13.31
CA GLY A 122 -2.00 -24.70 -14.19
C GLY A 122 -1.15 -25.80 -13.61
N LEU A 123 -0.04 -25.43 -12.97
CA LEU A 123 0.83 -26.42 -12.35
C LEU A 123 0.14 -27.12 -11.20
N ARG A 124 -0.64 -26.37 -10.41
CA ARG A 124 -1.27 -27.02 -9.26
C ARG A 124 -2.46 -27.88 -9.67
N THR A 125 -3.21 -27.48 -10.70
CA THR A 125 -4.42 -28.20 -11.08
C THR A 125 -4.20 -29.19 -12.22
N GLY A 126 -3.16 -29.01 -13.03
CA GLY A 126 -3.03 -29.78 -14.24
C GLY A 126 -4.07 -29.46 -15.30
N ASN A 127 -4.88 -28.43 -15.09
CA ASN A 127 -5.93 -28.05 -16.02
C ASN A 127 -5.56 -26.78 -16.77
N PRO A 128 -6.01 -26.63 -18.02
CA PRO A 128 -5.73 -25.40 -18.76
C PRO A 128 -6.33 -24.18 -18.07
N GLN A 129 -5.78 -23.02 -18.39
CA GLN A 129 -6.11 -21.78 -17.71
C GLN A 129 -6.71 -20.74 -18.65
N ASN A 130 -7.17 -21.17 -19.82
CA ASN A 130 -7.80 -20.29 -20.80
C ASN A 130 -9.32 -20.34 -20.66
N GLU A 131 -10.04 -20.32 -21.78
CA GLU A 131 -11.49 -20.30 -21.72
C GLU A 131 -12.06 -21.66 -21.31
N ILE A 132 -11.36 -22.75 -21.62
CA ILE A 132 -11.81 -24.08 -21.24
C ILE A 132 -11.71 -24.24 -19.72
N ASP A 148 -12.41 -11.95 -37.17
CA ASP A 148 -11.25 -11.98 -36.28
C ASP A 148 -11.24 -13.27 -35.47
N ARG A 149 -10.36 -13.30 -34.45
CA ARG A 149 -10.12 -14.45 -33.58
C ARG A 149 -9.42 -15.57 -34.34
N LEU A 150 -10.14 -16.22 -35.28
CA LEU A 150 -9.50 -17.24 -36.11
C LEU A 150 -8.31 -16.69 -36.87
N ASP A 151 -8.46 -15.49 -37.45
CA ASP A 151 -7.35 -14.89 -38.17
C ASP A 151 -6.21 -14.51 -37.24
N ALA A 152 -6.50 -14.22 -35.97
CA ALA A 152 -5.43 -13.96 -35.01
C ALA A 152 -4.68 -15.23 -34.69
N PHE A 153 -5.40 -16.35 -34.51
CA PHE A 153 -4.75 -17.62 -34.25
C PHE A 153 -3.93 -18.07 -35.46
N GLN A 154 -4.44 -17.84 -36.67
CA GLN A 154 -3.73 -18.28 -37.86
C GLN A 154 -2.44 -17.48 -38.05
N GLN A 155 -2.48 -16.16 -37.79
CA GLN A 155 -1.27 -15.36 -37.94
C GLN A 155 -0.22 -15.72 -36.91
N ALA A 156 -0.63 -16.11 -35.70
CA ALA A 156 0.35 -16.60 -34.74
C ALA A 156 0.96 -17.92 -35.18
N MET A 157 0.14 -18.80 -35.76
CA MET A 157 0.64 -20.10 -36.21
C MET A 157 1.56 -19.96 -37.41
N THR A 158 1.25 -19.03 -38.31
CA THR A 158 2.14 -18.80 -39.45
C THR A 158 3.51 -18.34 -38.98
N GLY A 159 3.54 -17.45 -37.99
CA GLY A 159 4.82 -17.00 -37.45
C GLY A 159 5.58 -18.08 -36.71
N LEU A 160 4.86 -18.93 -35.97
CA LEU A 160 5.50 -20.06 -35.29
C LEU A 160 6.11 -21.03 -36.31
N SER A 161 5.38 -21.34 -37.38
CA SER A 161 5.79 -22.34 -38.36
C SER A 161 6.51 -21.75 -39.56
N MET A 162 6.81 -20.44 -39.53
CA MET A 162 7.36 -19.76 -40.71
C MET A 162 8.68 -20.38 -41.16
N ARG A 163 9.68 -20.40 -40.27
CA ARG A 163 10.98 -20.97 -40.63
C ARG A 163 10.89 -22.47 -40.88
N SER A 164 10.01 -23.17 -40.17
CA SER A 164 9.87 -24.61 -40.36
C SER A 164 9.24 -24.95 -41.71
N ALA A 165 8.32 -24.13 -42.21
CA ALA A 165 7.70 -24.41 -43.50
C ALA A 165 8.70 -24.28 -44.65
N HIS A 166 9.58 -23.28 -44.59
CA HIS A 166 10.63 -23.19 -45.60
C HIS A 166 11.61 -24.35 -45.47
N ALA A 167 12.00 -24.69 -44.23
CA ALA A 167 12.94 -25.79 -44.03
C ALA A 167 12.33 -27.12 -44.48
N LEU A 168 11.03 -27.30 -44.27
CA LEU A 168 10.37 -28.55 -44.66
C LEU A 168 10.47 -28.78 -46.17
N ALA A 169 10.40 -27.71 -46.96
CA ALA A 169 10.48 -27.85 -48.41
C ALA A 169 11.89 -28.23 -48.87
N GLU A 170 12.91 -27.98 -48.05
CA GLU A 170 14.29 -28.32 -48.40
C GLU A 170 14.81 -29.58 -47.73
N ALA A 171 14.20 -30.01 -46.62
CA ALA A 171 14.79 -31.05 -45.79
C ALA A 171 14.50 -32.45 -46.30
N ILE A 172 13.53 -32.61 -47.19
CA ILE A 172 13.14 -33.91 -47.73
C ILE A 172 13.28 -33.85 -49.25
N ASP A 173 13.70 -34.96 -49.85
CA ASP A 173 13.73 -35.06 -51.31
C ASP A 173 12.31 -35.21 -51.84
N TRP A 174 11.62 -34.08 -52.08
CA TRP A 174 10.21 -34.13 -52.45
C TRP A 174 9.98 -34.69 -53.85
N SER A 175 11.02 -34.75 -54.68
CA SER A 175 10.85 -35.29 -56.03
C SER A 175 10.44 -36.75 -56.01
N ALA A 176 10.63 -37.45 -54.89
CA ALA A 176 10.29 -38.86 -54.79
C ALA A 176 8.81 -39.09 -54.48
N TYR A 177 7.99 -38.06 -54.32
CA TYR A 177 6.59 -38.22 -53.97
C TYR A 177 5.72 -37.47 -54.97
N ARG A 178 4.56 -38.06 -55.31
CA ARG A 178 3.65 -37.41 -56.25
C ARG A 178 2.72 -36.44 -55.55
N THR A 179 2.26 -36.81 -54.36
CA THR A 179 1.15 -36.14 -53.70
C THR A 179 1.48 -35.97 -52.23
N VAL A 180 1.00 -34.88 -51.65
CA VAL A 180 1.23 -34.59 -50.24
C VAL A 180 -0.08 -34.11 -49.64
N ALA A 181 -0.38 -34.57 -48.44
CA ALA A 181 -1.56 -34.16 -47.70
C ALA A 181 -1.11 -33.55 -46.38
N ASP A 182 -1.48 -32.30 -46.15
CA ASP A 182 -1.16 -31.61 -44.90
C ASP A 182 -2.37 -31.73 -43.97
N ILE A 183 -2.19 -32.43 -42.85
CA ILE A 183 -3.29 -32.75 -41.93
C ILE A 183 -3.32 -31.69 -40.85
N GLY A 184 -4.42 -30.94 -40.78
CA GLY A 184 -4.45 -29.75 -39.95
C GLY A 184 -3.81 -28.56 -40.63
N CYS A 185 -4.11 -28.36 -41.92
CA CYS A 185 -3.38 -27.45 -42.79
C CYS A 185 -3.62 -25.97 -42.49
N ALA A 186 -4.62 -25.64 -41.67
CA ALA A 186 -5.02 -24.24 -41.46
C ALA A 186 -5.25 -23.55 -42.80
N GLU A 187 -4.74 -22.33 -42.96
CA GLU A 187 -4.99 -21.61 -44.20
C GLU A 187 -4.12 -22.08 -45.37
N GLY A 188 -3.26 -23.08 -45.14
CA GLY A 188 -2.56 -23.74 -46.24
C GLY A 188 -1.22 -23.16 -46.61
N THR A 189 -0.59 -22.39 -45.72
CA THR A 189 0.65 -21.70 -46.04
C THR A 189 1.80 -22.69 -46.29
N VAL A 190 1.92 -23.70 -45.44
CA VAL A 190 2.98 -24.69 -45.60
C VAL A 190 2.82 -25.44 -46.93
N LEU A 191 1.61 -25.94 -47.17
CA LEU A 191 1.35 -26.68 -48.41
C LEU A 191 1.58 -25.82 -49.64
N ILE A 192 1.14 -24.56 -49.60
CA ILE A 192 1.29 -23.69 -50.77
C ILE A 192 2.76 -23.45 -51.06
N HIS A 193 3.57 -23.19 -50.04
CA HIS A 193 4.99 -23.01 -50.29
C HIS A 193 5.62 -24.29 -50.84
N LEU A 194 5.21 -25.44 -50.31
CA LEU A 194 5.76 -26.71 -50.78
C LEU A 194 5.50 -26.90 -52.27
N LEU A 195 4.27 -26.63 -52.72
CA LEU A 195 3.93 -26.81 -54.12
C LEU A 195 4.56 -25.75 -55.00
N GLU A 196 4.65 -24.51 -54.52
CA GLU A 196 5.36 -23.49 -55.28
C GLU A 196 6.82 -23.85 -55.45
N ARG A 197 7.43 -24.41 -54.41
CA ARG A 197 8.84 -24.79 -54.45
C ARG A 197 9.06 -26.00 -55.36
N HIS A 198 8.11 -26.93 -55.41
CA HIS A 198 8.28 -28.17 -56.18
C HIS A 198 7.13 -28.29 -57.18
N PRO A 199 7.33 -27.82 -58.42
CA PRO A 199 6.23 -27.79 -59.41
C PRO A 199 5.57 -29.13 -59.68
N HIS A 200 6.21 -30.26 -59.40
CA HIS A 200 5.60 -31.54 -59.72
C HIS A 200 4.53 -31.94 -58.73
N LEU A 201 4.55 -31.37 -57.52
CA LEU A 201 3.73 -31.86 -56.42
C LEU A 201 2.27 -31.49 -56.61
N ARG A 202 1.38 -32.40 -56.21
CA ARG A 202 -0.02 -32.09 -55.98
C ARG A 202 -0.30 -32.20 -54.49
N GLY A 203 -1.19 -31.34 -53.99
CA GLY A 203 -1.38 -31.20 -52.56
C GLY A 203 -2.84 -31.15 -52.19
N THR A 204 -3.14 -31.68 -51.01
CA THR A 204 -4.47 -31.67 -50.42
C THR A 204 -4.34 -31.18 -48.98
N GLY A 205 -5.05 -30.10 -48.65
CA GLY A 205 -5.12 -29.61 -47.29
C GLY A 205 -6.34 -30.18 -46.58
N PHE A 206 -6.16 -30.62 -45.34
CA PHE A 206 -7.22 -31.21 -44.54
C PHE A 206 -7.38 -30.40 -43.26
N ASP A 207 -8.59 -29.91 -43.03
CA ASP A 207 -8.87 -29.13 -41.82
C ASP A 207 -10.38 -29.02 -41.67
N LEU A 208 -10.80 -28.38 -40.58
CA LEU A 208 -12.22 -28.22 -40.29
C LEU A 208 -12.88 -27.30 -41.31
N ALA A 209 -14.20 -27.48 -41.48
CA ALA A 209 -14.93 -26.75 -42.51
C ALA A 209 -14.84 -25.24 -42.29
N ALA A 210 -14.76 -24.80 -41.03
CA ALA A 210 -14.67 -23.38 -40.74
C ALA A 210 -13.37 -22.76 -41.23
N VAL A 211 -12.37 -23.57 -41.60
CA VAL A 211 -11.11 -23.03 -42.11
C VAL A 211 -11.12 -22.85 -43.63
N ARG A 212 -12.04 -23.51 -44.33
CA ARG A 212 -12.06 -23.46 -45.79
C ARG A 212 -11.98 -22.04 -46.37
N PRO A 213 -12.69 -21.04 -45.86
CA PRO A 213 -12.55 -19.69 -46.47
C PRO A 213 -11.13 -19.16 -46.41
N SER A 214 -10.45 -19.28 -45.27
CA SER A 214 -9.07 -18.81 -45.19
C SER A 214 -8.16 -19.60 -46.14
N PHE A 215 -8.40 -20.90 -46.25
CA PHE A 215 -7.65 -21.69 -47.23
C PHE A 215 -7.99 -21.26 -48.65
N GLN A 216 -9.28 -21.08 -48.94
CA GLN A 216 -9.70 -20.70 -50.30
C GLN A 216 -9.07 -19.38 -50.71
N ARG A 217 -8.93 -18.44 -49.77
CA ARG A 217 -8.32 -17.15 -50.10
C ARG A 217 -6.85 -17.34 -50.50
N ARG A 218 -6.08 -18.03 -49.67
CA ARG A 218 -4.68 -18.27 -49.96
C ARG A 218 -4.51 -19.08 -51.24
N HIS A 219 -5.38 -20.08 -51.43
CA HIS A 219 -5.37 -20.88 -52.66
C HIS A 219 -5.51 -19.99 -53.90
N GLU A 220 -6.54 -19.14 -53.93
CA GLU A 220 -6.75 -18.25 -55.06
C GLU A 220 -5.55 -17.34 -55.28
N GLU A 221 -4.98 -16.80 -54.21
CA GLU A 221 -3.83 -15.91 -54.32
C GLU A 221 -2.60 -16.63 -54.82
N SER A 222 -2.46 -17.93 -54.54
CA SER A 222 -1.28 -18.67 -55.00
C SER A 222 -1.32 -18.94 -56.49
N GLY A 223 -2.51 -18.99 -57.10
CA GLY A 223 -2.61 -19.36 -58.49
C GLY A 223 -2.30 -20.82 -58.77
N LEU A 224 -2.28 -21.66 -57.73
CA LEU A 224 -1.93 -23.06 -57.92
C LEU A 224 -3.05 -23.87 -58.54
N GLY A 225 -4.29 -23.40 -58.42
CA GLY A 225 -5.40 -24.02 -59.13
C GLY A 225 -5.56 -25.47 -58.79
N ASP A 226 -5.79 -26.28 -59.84
CA ASP A 226 -6.06 -27.72 -59.71
C ASP A 226 -4.95 -28.49 -59.00
N ARG A 227 -3.74 -27.91 -58.87
CA ARG A 227 -2.67 -28.60 -58.17
C ARG A 227 -2.94 -28.74 -56.69
N LEU A 228 -3.83 -27.93 -56.13
CA LEU A 228 -4.08 -27.89 -54.70
C LEU A 228 -5.57 -27.98 -54.42
N ALA A 229 -5.93 -28.73 -53.39
CA ALA A 229 -7.32 -28.95 -53.04
C ALA A 229 -7.46 -28.94 -51.53
N PHE A 230 -8.67 -28.65 -51.06
CA PHE A 230 -8.99 -28.65 -49.65
C PHE A 230 -9.99 -29.76 -49.36
N ARG A 231 -9.80 -30.46 -48.25
CA ARG A 231 -10.71 -31.49 -47.78
C ARG A 231 -11.16 -31.12 -46.38
N ALA A 232 -12.47 -30.88 -46.22
CA ALA A 232 -13.03 -30.53 -44.93
C ALA A 232 -13.38 -31.79 -44.16
N GLY A 233 -13.09 -31.77 -42.86
CA GLY A 233 -13.41 -32.92 -42.04
C GLY A 233 -12.85 -32.78 -40.64
N ASP A 234 -13.25 -33.74 -39.80
CA ASP A 234 -12.75 -33.89 -38.45
C ASP A 234 -11.88 -35.14 -38.44
N PHE A 235 -10.58 -34.99 -38.14
CA PHE A 235 -9.72 -36.16 -38.27
C PHE A 235 -9.86 -37.16 -37.12
N PHE A 236 -10.71 -36.88 -36.13
CA PHE A 236 -11.05 -37.87 -35.13
C PHE A 236 -12.34 -38.61 -35.47
N ALA A 237 -12.94 -38.33 -36.62
CA ALA A 237 -14.17 -38.98 -37.05
C ALA A 237 -14.17 -39.44 -38.50
N GLU A 238 -13.18 -39.05 -39.30
CA GLU A 238 -13.14 -39.39 -40.72
C GLU A 238 -11.74 -39.79 -41.11
N PRO A 239 -11.59 -40.73 -42.06
CA PRO A 239 -10.26 -41.08 -42.53
C PRO A 239 -9.56 -39.88 -43.16
N LEU A 240 -8.24 -39.99 -43.30
CA LEU A 240 -7.43 -38.92 -43.84
C LEU A 240 -7.28 -39.07 -45.35
N PRO A 241 -6.99 -37.97 -46.07
CA PRO A 241 -6.82 -38.08 -47.52
C PRO A 241 -5.62 -38.95 -47.87
N GLN A 242 -5.78 -39.78 -48.89
CA GLN A 242 -4.69 -40.60 -49.36
C GLN A 242 -3.69 -39.74 -50.13
N ALA A 243 -2.41 -39.95 -49.85
CA ALA A 243 -1.34 -39.26 -50.55
C ALA A 243 -0.04 -40.02 -50.30
N ASP A 244 0.98 -39.70 -51.10
CA ASP A 244 2.28 -40.33 -50.92
C ASP A 244 2.95 -39.87 -49.64
N ALA A 245 2.65 -38.65 -49.19
CA ALA A 245 3.23 -38.12 -47.95
C ALA A 245 2.15 -37.41 -47.16
N LEU A 246 2.16 -37.59 -45.84
CA LEU A 246 1.27 -36.91 -44.93
C LEU A 246 2.08 -36.10 -43.93
N VAL A 247 1.67 -34.85 -43.70
CA VAL A 247 2.39 -33.90 -42.86
C VAL A 247 1.55 -33.58 -41.62
N PHE A 248 2.18 -33.63 -40.45
CA PHE A 248 1.55 -33.22 -39.19
C PHE A 248 2.38 -32.09 -38.59
N GLY A 249 1.97 -30.84 -38.84
CA GLY A 249 2.65 -29.69 -38.29
C GLY A 249 1.94 -29.13 -37.08
N HIS A 250 2.55 -29.29 -35.90
CA HIS A 250 1.99 -28.77 -34.64
C HIS A 250 0.59 -29.33 -34.38
N ILE A 251 0.42 -30.63 -34.61
CA ILE A 251 -0.86 -31.31 -34.44
C ILE A 251 -0.87 -32.18 -33.18
N LEU A 252 0.03 -33.17 -33.12
CA LEU A 252 -0.04 -34.18 -32.07
C LEU A 252 0.13 -33.57 -30.68
N SER A 253 0.91 -32.50 -30.57
CA SER A 253 1.17 -31.90 -29.26
C SER A 253 -0.09 -31.29 -28.63
N ASN A 254 -1.18 -31.15 -29.38
CA ASN A 254 -2.40 -30.55 -28.84
C ASN A 254 -3.29 -31.56 -28.13
N TRP A 255 -3.02 -32.86 -28.27
CA TRP A 255 -3.97 -33.89 -27.88
C TRP A 255 -3.31 -34.91 -26.96
N ALA A 256 -4.11 -35.51 -26.08
CA ALA A 256 -3.63 -36.59 -25.24
C ALA A 256 -3.12 -37.74 -26.09
N LEU A 257 -2.19 -38.51 -25.53
CA LEU A 257 -1.48 -39.52 -26.29
C LEU A 257 -2.38 -40.51 -27.03
N PRO A 258 -3.48 -41.02 -26.46
CA PRO A 258 -4.32 -41.95 -27.24
C PRO A 258 -4.89 -41.36 -28.52
N LYS A 259 -5.21 -40.06 -28.53
CA LYS A 259 -5.73 -39.45 -29.75
C LYS A 259 -4.61 -39.20 -30.75
N ALA A 260 -3.40 -38.86 -30.28
CA ALA A 260 -2.26 -38.77 -31.18
C ALA A 260 -1.93 -40.12 -31.81
N LYS A 261 -2.02 -41.20 -31.01
CA LYS A 261 -1.81 -42.53 -31.55
C LYS A 261 -2.87 -42.87 -32.60
N THR A 262 -4.10 -42.41 -32.38
CA THR A 262 -5.15 -42.59 -33.38
C THR A 262 -4.80 -41.91 -34.69
N LEU A 263 -4.27 -40.68 -34.61
CA LEU A 263 -3.89 -39.95 -35.82
C LEU A 263 -2.73 -40.63 -36.54
N LEU A 264 -1.78 -41.20 -35.78
CA LEU A 264 -0.68 -41.92 -36.42
C LEU A 264 -1.18 -43.19 -37.11
N ARG A 265 -2.16 -43.87 -36.51
CA ARG A 265 -2.74 -45.04 -37.16
C ARG A 265 -3.43 -44.65 -38.47
N LYS A 266 -4.20 -43.55 -38.45
CA LYS A 266 -4.89 -43.13 -39.65
C LYS A 266 -3.92 -42.69 -40.74
N ALA A 267 -2.76 -42.13 -40.36
CA ALA A 267 -1.76 -41.78 -41.36
C ALA A 267 -1.18 -43.02 -42.02
N HIS A 268 -0.97 -44.09 -41.24
CA HIS A 268 -0.52 -45.35 -41.81
C HIS A 268 -1.50 -45.88 -42.84
N GLU A 269 -2.81 -45.85 -42.51
CA GLU A 269 -3.82 -46.38 -43.42
C GLU A 269 -3.95 -45.53 -44.68
N ALA A 270 -3.68 -44.23 -44.59
CA ALA A 270 -3.80 -43.32 -45.72
C ALA A 270 -2.59 -43.36 -46.66
N LEU A 271 -1.46 -43.95 -46.22
CA LEU A 271 -0.22 -43.97 -46.99
C LEU A 271 -0.08 -45.26 -47.78
N PRO A 272 0.58 -45.20 -48.93
CA PRO A 272 0.94 -46.40 -49.67
C PRO A 272 2.26 -46.95 -49.13
N GLU A 273 2.66 -48.10 -49.67
CA GLU A 273 3.95 -48.67 -49.36
C GLU A 273 5.05 -47.73 -49.82
N GLY A 274 6.00 -47.45 -48.93
CA GLY A 274 7.03 -46.46 -49.22
C GLY A 274 6.62 -45.03 -49.00
N GLY A 275 5.35 -44.76 -48.69
CA GLY A 275 4.95 -43.41 -48.33
C GLY A 275 5.53 -43.00 -46.99
N ILE A 276 5.47 -41.69 -46.73
CA ILE A 276 6.10 -41.14 -45.54
C ILE A 276 5.09 -40.33 -44.74
N VAL A 277 5.28 -40.31 -43.42
CA VAL A 277 4.60 -39.39 -42.53
C VAL A 277 5.65 -38.45 -41.97
N VAL A 278 5.34 -37.16 -41.96
CA VAL A 278 6.26 -36.11 -41.52
C VAL A 278 5.59 -35.34 -40.39
N ILE A 279 6.23 -35.32 -39.23
CA ILE A 279 5.72 -34.67 -38.05
C ILE A 279 6.76 -33.67 -37.58
N TYR A 280 6.35 -32.42 -37.39
CA TYR A 280 7.31 -31.43 -36.91
C TYR A 280 6.67 -30.63 -35.78
N GLU A 281 7.50 -30.32 -34.79
CA GLU A 281 7.10 -29.66 -33.57
C GLU A 281 8.31 -28.90 -33.04
N THR A 282 8.09 -28.14 -31.97
CA THR A 282 9.18 -27.68 -31.13
C THR A 282 9.52 -28.81 -30.15
N LEU A 283 10.11 -29.86 -30.72
CA LEU A 283 10.38 -31.08 -29.96
C LEU A 283 11.38 -30.80 -28.83
N ILE A 284 11.14 -31.43 -27.69
CA ILE A 284 12.11 -31.44 -26.60
C ILE A 284 13.23 -32.41 -26.94
N ASP A 285 14.45 -32.06 -26.53
CA ASP A 285 15.57 -33.00 -26.67
C ASP A 285 15.24 -34.31 -25.96
N ASP A 286 15.84 -35.40 -26.44
CA ASP A 286 15.52 -36.72 -25.91
C ASP A 286 15.82 -36.82 -24.42
N GLU A 287 16.92 -36.21 -23.98
CA GLU A 287 17.27 -36.23 -22.56
C GLU A 287 16.47 -35.23 -21.74
N ARG A 288 15.67 -34.38 -22.37
CA ARG A 288 14.75 -33.47 -21.65
C ARG A 288 15.49 -32.54 -20.70
N ARG A 289 16.58 -31.94 -21.19
CA ARG A 289 17.35 -31.04 -20.34
C ARG A 289 18.01 -29.91 -21.13
N GLU A 290 17.57 -29.64 -22.36
CA GLU A 290 18.28 -28.65 -23.17
C GLU A 290 17.33 -27.73 -23.95
N ASN A 291 16.32 -28.30 -24.61
CA ASN A 291 15.49 -27.53 -25.54
C ASN A 291 14.48 -26.70 -24.75
N VAL A 292 14.88 -25.47 -24.42
CA VAL A 292 13.99 -24.60 -23.62
C VAL A 292 12.70 -24.27 -24.35
N PRO A 293 12.69 -23.88 -25.63
CA PRO A 293 11.41 -23.62 -26.31
C PRO A 293 10.48 -24.83 -26.31
N GLY A 294 11.03 -26.04 -26.44
CA GLY A 294 10.20 -27.23 -26.41
C GLY A 294 9.57 -27.47 -25.05
N LEU A 295 10.38 -27.35 -23.99
CA LEU A 295 9.84 -27.52 -22.64
C LEU A 295 8.85 -26.41 -22.30
N LEU A 296 9.14 -25.17 -22.71
CA LEU A 296 8.17 -24.10 -22.54
C LEU A 296 6.90 -24.38 -23.32
N MET A 297 7.02 -24.91 -24.54
CA MET A 297 5.83 -25.24 -25.31
C MET A 297 4.97 -26.27 -24.58
N SER A 298 5.61 -27.23 -23.90
CA SER A 298 4.86 -28.22 -23.14
C SER A 298 4.03 -27.55 -22.05
N LEU A 299 4.55 -26.46 -21.46
CA LEU A 299 3.79 -25.72 -20.46
C LEU A 299 2.70 -24.86 -21.09
N THR A 300 2.94 -24.35 -22.30
CA THR A 300 1.86 -23.72 -23.06
C THR A 300 0.74 -24.72 -23.35
N MET A 301 1.10 -25.96 -23.73
CA MET A 301 0.09 -26.98 -23.96
C MET A 301 -0.71 -27.25 -22.68
N LEU A 302 -0.04 -27.29 -21.53
CA LEU A 302 -0.75 -27.38 -20.25
C LEU A 302 -1.77 -26.25 -20.13
N LEU A 303 -1.33 -25.02 -20.37
CA LEU A 303 -2.18 -23.85 -20.18
C LEU A 303 -3.31 -23.77 -21.19
N GLU A 304 -3.14 -24.38 -22.38
CA GLU A 304 -4.09 -24.18 -23.48
C GLU A 304 -5.01 -25.37 -23.73
N THR A 305 -4.63 -26.58 -23.33
CA THR A 305 -5.34 -27.79 -23.74
C THR A 305 -5.64 -28.65 -22.53
N PRO A 306 -6.65 -29.54 -22.63
CA PRO A 306 -6.88 -30.48 -21.52
C PRO A 306 -5.82 -31.56 -21.42
N GLY A 307 -5.18 -31.95 -22.52
CA GLY A 307 -4.29 -33.09 -22.43
C GLY A 307 -3.11 -33.09 -23.38
N GLY A 308 -2.84 -31.97 -24.04
CA GLY A 308 -1.67 -31.89 -24.89
C GLY A 308 -0.38 -31.80 -24.10
N PHE A 309 0.72 -32.11 -24.77
CA PHE A 309 2.04 -31.99 -24.18
C PHE A 309 3.07 -32.01 -25.30
N GLU A 310 4.24 -31.44 -25.03
CA GLU A 310 5.35 -31.53 -25.96
C GLU A 310 6.15 -32.78 -25.68
N TYR A 311 6.72 -33.36 -26.72
CA TYR A 311 7.36 -34.66 -26.59
C TYR A 311 8.74 -34.63 -27.26
N THR A 312 9.45 -35.75 -27.16
CA THR A 312 10.78 -35.87 -27.71
C THR A 312 10.72 -36.67 -29.01
N GLY A 313 11.79 -36.55 -29.80
CA GLY A 313 11.91 -37.39 -30.98
C GLY A 313 11.86 -38.87 -30.64
N ALA A 314 12.47 -39.25 -29.51
CA ALA A 314 12.43 -40.64 -29.08
C ALA A 314 11.01 -41.08 -28.71
N ASP A 315 10.28 -40.20 -28.01
CA ASP A 315 8.86 -40.46 -27.76
C ASP A 315 8.12 -40.75 -29.06
N CYS A 316 8.31 -39.90 -30.07
CA CYS A 316 7.55 -40.03 -31.30
C CYS A 316 7.94 -41.28 -32.08
N ARG A 317 9.23 -41.60 -32.10
CA ARG A 317 9.68 -42.79 -32.83
C ARG A 317 9.09 -44.07 -32.23
N GLU A 318 8.86 -44.10 -30.91
CA GLU A 318 8.20 -45.25 -30.30
C GLU A 318 6.73 -45.32 -30.73
N TRP A 319 6.05 -44.17 -30.78
CA TRP A 319 4.67 -44.16 -31.22
C TRP A 319 4.56 -44.60 -32.69
N LEU A 320 5.54 -44.20 -33.51
CA LEU A 320 5.50 -44.54 -34.93
C LEU A 320 5.77 -46.02 -35.15
N ALA A 321 6.74 -46.59 -34.45
CA ALA A 321 6.96 -48.03 -34.52
C ALA A 321 5.71 -48.78 -34.04
N ASP A 322 5.07 -48.28 -32.99
CA ASP A 322 3.84 -48.87 -32.50
C ASP A 322 2.72 -48.76 -33.53
N ALA A 323 2.72 -47.70 -34.33
CA ALA A 323 1.69 -47.53 -35.35
C ALA A 323 1.91 -48.41 -36.58
N GLY A 324 3.08 -49.04 -36.72
CA GLY A 324 3.35 -49.95 -37.81
C GLY A 324 4.36 -49.47 -38.83
N PHE A 325 4.87 -48.25 -38.69
CA PHE A 325 5.91 -47.76 -39.60
C PHE A 325 7.21 -48.52 -39.35
N ARG A 326 7.92 -48.82 -40.44
CA ARG A 326 9.07 -49.72 -40.35
C ARG A 326 10.39 -48.99 -40.08
N GLU A 327 10.50 -47.73 -40.47
CA GLU A 327 11.72 -46.96 -40.27
C GLU A 327 11.34 -45.53 -39.90
N SER A 328 12.21 -44.88 -39.13
CA SER A 328 11.98 -43.52 -38.70
C SER A 328 13.30 -42.87 -38.27
N ARG A 329 13.37 -41.55 -38.44
CA ARG A 329 14.51 -40.76 -37.99
C ARG A 329 14.03 -39.40 -37.49
N VAL A 330 14.86 -38.77 -36.66
CA VAL A 330 14.65 -37.41 -36.18
C VAL A 330 15.66 -36.51 -36.87
N GLN A 331 15.20 -35.37 -37.37
CA GLN A 331 16.05 -34.49 -38.17
C GLN A 331 15.76 -33.05 -37.80
N TYR A 332 16.83 -32.27 -37.59
CA TYR A 332 16.68 -30.84 -37.32
C TYR A 332 16.04 -30.13 -38.49
N LEU A 333 15.22 -29.12 -38.18
CA LEU A 333 14.52 -28.33 -39.19
C LEU A 333 14.99 -26.88 -39.23
N ALA A 334 14.56 -26.08 -38.26
CA ALA A 334 14.85 -24.66 -38.22
C ALA A 334 14.57 -24.14 -36.83
N GLY A 335 15.44 -23.25 -36.35
CA GLY A 335 15.34 -22.73 -35.01
C GLY A 335 15.19 -23.83 -33.99
N PRO A 336 14.19 -23.70 -33.11
CA PRO A 336 13.97 -24.73 -32.08
C PRO A 336 13.16 -25.93 -32.58
N GLU A 337 12.78 -25.98 -33.85
CA GLU A 337 11.87 -26.99 -34.33
C GLU A 337 12.61 -28.12 -35.04
N SER A 338 12.04 -29.32 -34.93
CA SER A 338 12.60 -30.53 -35.50
C SER A 338 11.47 -31.37 -36.07
N MET A 339 11.82 -32.35 -36.89
CA MET A 339 10.83 -33.24 -37.47
C MET A 339 11.17 -34.70 -37.19
N VAL A 340 10.14 -35.53 -37.22
CA VAL A 340 10.27 -36.97 -37.21
C VAL A 340 9.65 -37.48 -38.50
N ILE A 341 10.40 -38.29 -39.24
CA ILE A 341 9.96 -38.86 -40.50
C ILE A 341 9.92 -40.37 -40.36
N ALA A 342 8.84 -40.98 -40.84
CA ALA A 342 8.72 -42.44 -40.86
C ALA A 342 8.25 -42.91 -42.23
N THR A 343 8.70 -44.10 -42.61
CA THR A 343 8.33 -44.72 -43.88
C THR A 343 7.39 -45.88 -43.59
N LYS A 344 6.27 -45.91 -44.29
CA LYS A 344 5.32 -47.00 -44.13
C LYS A 344 5.92 -48.30 -44.66
N PRO B 12 -13.44 -6.35 28.96
CA PRO B 12 -13.82 -5.06 28.38
C PRO B 12 -12.90 -3.91 28.80
N ALA B 13 -12.00 -4.12 29.77
CA ALA B 13 -11.03 -3.07 30.03
C ALA B 13 -10.14 -2.81 28.81
N ILE B 14 -9.84 -3.86 28.05
CA ILE B 14 -9.14 -3.66 26.79
C ILE B 14 -10.02 -2.91 25.80
N ASP B 15 -11.35 -3.09 25.89
CA ASP B 15 -12.24 -2.37 24.99
C ASP B 15 -12.23 -0.88 25.28
N ARG B 16 -12.12 -0.49 26.55
CA ARG B 16 -11.92 0.91 26.89
C ARG B 16 -10.60 1.42 26.35
N LEU B 17 -9.55 0.59 26.44
CA LEU B 17 -8.24 0.98 25.91
C LEU B 17 -8.33 1.27 24.41
N LEU B 18 -9.02 0.41 23.67
CA LEU B 18 -9.16 0.62 22.24
C LEU B 18 -10.00 1.86 21.93
N GLN B 19 -10.99 2.16 22.77
CA GLN B 19 -11.78 3.38 22.56
C GLN B 19 -10.91 4.63 22.73
N ILE B 20 -10.06 4.65 23.76
CA ILE B 20 -9.12 5.76 23.90
C ILE B 20 -8.20 5.85 22.69
N ALA B 21 -7.69 4.70 22.24
CA ALA B 21 -6.69 4.69 21.17
C ALA B 21 -7.25 5.28 19.88
N THR B 22 -8.52 4.99 19.58
CA THR B 22 -9.15 5.49 18.37
C THR B 22 -10.01 6.72 18.61
N GLY B 23 -9.88 7.36 19.77
CA GLY B 23 -10.68 8.53 20.07
C GLY B 23 -10.45 9.71 19.15
N PHE B 24 -9.40 9.68 18.34
CA PHE B 24 -9.24 10.73 17.34
C PHE B 24 -10.41 10.76 16.37
N MET B 25 -11.14 9.66 16.23
CA MET B 25 -12.25 9.58 15.29
C MET B 25 -13.43 10.42 15.77
N ALA B 26 -13.97 10.11 16.95
CA ALA B 26 -15.04 10.93 17.49
C ALA B 26 -14.60 12.38 17.67
N SER B 27 -13.33 12.60 18.04
CA SER B 27 -12.83 13.95 18.17
C SER B 27 -12.96 14.71 16.85
N LYS B 28 -12.56 14.08 15.75
CA LYS B 28 -12.60 14.76 14.46
C LYS B 28 -14.04 15.05 14.04
N VAL B 29 -14.96 14.14 14.37
CA VAL B 29 -16.38 14.37 14.06
C VAL B 29 -16.84 15.68 14.71
N LEU B 30 -16.51 15.86 15.99
CA LEU B 30 -16.91 17.07 16.69
C LEU B 30 -16.15 18.29 16.18
N LEU B 31 -14.85 18.15 15.93
CA LEU B 31 -14.05 19.29 15.46
C LEU B 31 -14.52 19.77 14.10
N VAL B 32 -14.82 18.83 13.20
CA VAL B 32 -15.33 19.23 11.89
C VAL B 32 -16.72 19.87 12.03
N ALA B 33 -17.57 19.33 12.90
CA ALA B 33 -18.86 20.00 13.13
C ALA B 33 -18.66 21.45 13.55
N ALA B 34 -17.70 21.71 14.45
CA ALA B 34 -17.43 23.08 14.88
C ALA B 34 -16.89 23.93 13.74
N SER B 35 -15.95 23.39 12.95
CA SER B 35 -15.39 24.15 11.85
C SER B 35 -16.46 24.54 10.83
N LEU B 36 -17.42 23.64 10.62
CA LEU B 36 -18.52 23.90 9.70
C LEU B 36 -19.56 24.88 10.26
N GLY B 37 -19.49 25.20 11.55
CA GLY B 37 -20.53 25.98 12.20
C GLY B 37 -21.86 25.26 12.32
N LEU B 38 -21.84 23.93 12.42
CA LEU B 38 -23.07 23.15 12.40
C LEU B 38 -24.02 23.59 13.52
N PHE B 39 -23.49 23.83 14.72
CA PHE B 39 -24.34 24.19 15.86
C PHE B 39 -24.91 25.59 15.68
N THR B 40 -24.16 26.47 15.03
CA THR B 40 -24.67 27.81 14.75
C THR B 40 -25.82 27.75 13.76
N GLU B 41 -25.79 26.82 12.79
CA GLU B 41 -26.90 26.69 11.86
C GLU B 41 -28.19 26.28 12.54
N LEU B 42 -28.10 25.67 13.73
CA LEU B 42 -29.28 25.22 14.46
C LEU B 42 -29.73 26.20 15.52
N ALA B 43 -29.07 27.35 15.64
CA ALA B 43 -29.46 28.32 16.67
C ALA B 43 -30.88 28.81 16.47
N ALA B 44 -31.31 28.96 15.22
CA ALA B 44 -32.65 29.48 14.96
C ALA B 44 -33.74 28.41 15.11
N GLY B 45 -33.39 27.17 15.37
CA GLY B 45 -34.38 26.13 15.53
C GLY B 45 -34.00 24.86 14.81
N PRO B 46 -34.71 23.78 15.09
CA PRO B 46 -34.33 22.47 14.54
C PRO B 46 -34.44 22.43 13.02
N LEU B 47 -33.65 21.53 12.42
CA LEU B 47 -33.65 21.36 10.96
C LEU B 47 -33.68 19.88 10.62
N ARG B 48 -34.50 19.54 9.63
CA ARG B 48 -34.44 18.22 9.04
C ARG B 48 -33.05 17.98 8.44
N GLY B 49 -32.69 16.71 8.34
CA GLY B 49 -31.36 16.37 7.85
C GLY B 49 -31.03 17.00 6.50
N GLU B 50 -31.97 16.94 5.56
CA GLU B 50 -31.68 17.45 4.22
C GLU B 50 -31.42 18.96 4.24
N GLU B 51 -32.16 19.70 5.08
CA GLU B 51 -31.95 21.14 5.12
C GLU B 51 -30.62 21.48 5.78
N LEU B 52 -30.25 20.74 6.82
CA LEU B 52 -28.94 20.96 7.44
C LEU B 52 -27.81 20.61 6.47
N ARG B 53 -27.96 19.50 5.75
CA ARG B 53 -26.99 19.18 4.70
C ARG B 53 -26.87 20.31 3.70
N ALA B 54 -28.01 20.83 3.23
CA ALA B 54 -28.01 21.88 2.21
C ALA B 54 -27.34 23.16 2.73
N ARG B 55 -27.62 23.51 4.00
CA ARG B 55 -26.95 24.66 4.62
C ARG B 55 -25.43 24.47 4.67
N LEU B 56 -24.98 23.28 5.04
CA LEU B 56 -23.56 23.02 5.18
C LEU B 56 -22.88 22.59 3.89
N ARG B 57 -23.67 22.36 2.83
CA ARG B 57 -23.15 21.98 1.52
C ARG B 57 -22.32 20.70 1.61
N LEU B 58 -22.88 19.70 2.30
CA LEU B 58 -22.25 18.39 2.43
C LEU B 58 -22.81 17.43 1.38
N HIS B 59 -21.98 16.48 0.98
CA HIS B 59 -22.43 15.46 0.05
C HIS B 59 -23.40 14.52 0.76
N PRO B 60 -24.47 14.09 0.10
CA PRO B 60 -25.49 13.29 0.80
C PRO B 60 -25.05 11.87 1.15
N ARG B 61 -23.90 11.40 0.67
CA ARG B 61 -23.48 10.03 1.00
C ARG B 61 -23.38 9.84 2.50
N SER B 62 -22.76 10.79 3.20
CA SER B 62 -22.43 10.61 4.60
C SER B 62 -22.93 11.72 5.50
N ALA B 63 -23.71 12.67 4.96
CA ALA B 63 -24.19 13.77 5.80
C ALA B 63 -25.05 13.25 6.94
N ARG B 64 -26.02 12.37 6.65
CA ARG B 64 -26.86 11.81 7.70
C ARG B 64 -26.04 11.00 8.72
N ASP B 65 -25.09 10.18 8.25
CA ASP B 65 -24.22 9.45 9.18
C ASP B 65 -23.46 10.39 10.10
N PHE B 66 -22.96 11.49 9.53
CA PHE B 66 -22.23 12.48 10.32
C PHE B 66 -23.12 13.11 11.37
N PHE B 67 -24.34 13.52 10.98
CA PHE B 67 -25.26 14.11 11.95
C PHE B 67 -25.62 13.11 13.05
N ASP B 68 -25.94 11.87 12.67
CA ASP B 68 -26.37 10.89 13.65
C ASP B 68 -25.23 10.46 14.56
N THR B 69 -23.98 10.44 14.06
CA THR B 69 -22.83 10.24 14.94
C THR B 69 -22.78 11.33 16.01
N LEU B 70 -23.03 12.58 15.64
CA LEU B 70 -23.04 13.65 16.66
C LEU B 70 -24.12 13.40 17.71
N VAL B 71 -25.30 12.95 17.28
CA VAL B 71 -26.36 12.59 18.22
C VAL B 71 -25.90 11.48 19.14
N ALA B 72 -25.31 10.42 18.57
CA ALA B 72 -24.92 9.28 19.38
C ALA B 72 -23.82 9.64 20.38
N LEU B 73 -22.95 10.60 20.03
CA LEU B 73 -21.94 11.11 20.95
C LEU B 73 -22.52 12.03 22.01
N GLY B 74 -23.80 12.38 21.90
CA GLY B 74 -24.45 13.22 22.89
C GLY B 74 -24.26 14.70 22.71
N VAL B 75 -23.78 15.14 21.57
CA VAL B 75 -23.48 16.55 21.32
C VAL B 75 -24.42 17.12 20.25
N LEU B 76 -25.51 16.43 19.98
CA LEU B 76 -26.56 16.92 19.11
C LEU B 76 -27.85 16.24 19.53
N GLU B 77 -28.96 16.96 19.44
CA GLU B 77 -30.26 16.35 19.65
C GLU B 77 -30.88 16.02 18.30
N ARG B 78 -31.77 15.02 18.29
CA ARG B 78 -32.60 14.75 17.11
C ARG B 78 -33.96 14.28 17.63
N THR B 79 -35.02 14.96 17.22
CA THR B 79 -36.36 14.62 17.67
C THR B 79 -37.29 14.70 16.48
N ASN B 80 -37.97 13.59 16.19
CA ASN B 80 -38.91 13.55 15.07
C ASN B 80 -38.19 13.91 13.77
N GLY B 81 -36.92 13.49 13.65
CA GLY B 81 -36.18 13.67 12.43
C GLY B 81 -35.59 15.04 12.20
N ALA B 82 -35.62 15.92 13.20
CA ALA B 82 -35.02 17.25 13.10
C ALA B 82 -33.90 17.35 14.11
N TYR B 83 -32.74 17.84 13.68
CA TYR B 83 -31.57 17.99 14.53
C TYR B 83 -31.64 19.33 15.25
N ALA B 84 -31.14 19.33 16.49
CA ALA B 84 -31.21 20.53 17.31
C ALA B 84 -29.99 20.56 18.20
N ASN B 85 -29.64 21.75 18.66
CA ASN B 85 -28.60 21.87 19.68
C ASN B 85 -29.03 21.18 20.97
N THR B 86 -28.05 20.65 21.69
CA THR B 86 -28.24 20.31 23.10
C THR B 86 -28.14 21.60 23.91
N PRO B 87 -28.50 21.57 25.20
CA PRO B 87 -28.24 22.76 26.02
C PRO B 87 -26.78 23.21 25.97
N ALA B 88 -25.84 22.26 25.97
CA ALA B 88 -24.43 22.63 25.97
C ALA B 88 -23.99 23.25 24.65
N THR B 89 -24.40 22.68 23.51
CA THR B 89 -23.97 23.27 22.25
C THR B 89 -24.68 24.58 21.97
N ALA B 90 -25.92 24.73 22.45
CA ALA B 90 -26.63 26.01 22.31
C ALA B 90 -25.90 27.08 23.10
N GLN B 91 -25.43 26.75 24.30
CA GLN B 91 -24.81 27.75 25.15
C GLN B 91 -23.42 28.10 24.67
N TYR B 92 -22.66 27.11 24.18
CA TYR B 92 -21.22 27.25 23.99
C TYR B 92 -20.71 27.11 22.58
N LEU B 93 -21.51 26.60 21.63
CA LEU B 93 -21.02 26.36 20.27
C LEU B 93 -21.83 27.14 19.22
N VAL B 94 -22.55 28.18 19.63
CA VAL B 94 -23.27 29.07 18.73
C VAL B 94 -22.47 30.35 18.62
N ARG B 95 -21.93 30.62 17.42
CA ARG B 95 -21.11 31.79 17.20
C ARG B 95 -21.87 33.07 17.52
N GLY B 96 -21.14 34.07 18.02
CA GLY B 96 -21.71 35.34 18.35
C GLY B 96 -22.18 35.48 19.78
N LYS B 97 -22.22 34.40 20.55
CA LYS B 97 -22.57 34.46 21.96
C LYS B 97 -21.33 34.72 22.79
N SER B 98 -21.51 35.45 23.90
CA SER B 98 -20.35 35.78 24.74
C SER B 98 -19.67 34.53 25.28
N ALA B 99 -20.42 33.46 25.50
CA ALA B 99 -19.85 32.21 26.03
C ALA B 99 -19.25 31.31 24.96
N TYR B 100 -19.33 31.70 23.68
CA TYR B 100 -18.91 30.82 22.58
C TYR B 100 -17.47 30.41 22.74
N LEU B 101 -17.23 29.11 22.80
CA LEU B 101 -15.86 28.59 22.89
C LEU B 101 -15.54 27.69 21.71
N GLY B 102 -16.34 27.76 20.64
CA GLY B 102 -16.04 26.98 19.46
C GLY B 102 -14.75 27.38 18.78
N GLY B 103 -14.26 28.60 19.03
CA GLY B 103 -12.95 28.98 18.54
C GLY B 103 -11.86 28.02 18.97
N LEU B 104 -11.99 27.45 20.17
CA LEU B 104 -11.04 26.44 20.63
C LEU B 104 -11.07 25.20 19.75
N LEU B 105 -12.27 24.73 19.41
CA LEU B 105 -12.40 23.56 18.55
C LEU B 105 -12.00 23.87 17.12
N GLU B 106 -12.26 25.08 16.65
CA GLU B 106 -11.82 25.46 15.31
C GLU B 106 -10.30 25.41 15.22
N MET B 107 -9.62 25.94 16.24
CA MET B 107 -8.16 25.89 16.25
C MET B 107 -7.64 24.46 16.39
N SER B 108 -8.32 23.65 17.21
CA SER B 108 -7.95 22.25 17.30
C SER B 108 -8.02 21.59 15.93
N ASP B 109 -9.10 21.85 15.19
CA ASP B 109 -9.27 21.26 13.86
C ASP B 109 -8.24 21.77 12.87
N ALA B 110 -8.01 23.09 12.84
CA ALA B 110 -7.18 23.70 11.81
C ALA B 110 -5.70 23.58 12.08
N ARG B 111 -5.30 23.38 13.34
CA ARG B 111 -3.89 23.45 13.70
C ARG B 111 -3.46 22.31 14.61
N MET B 112 -4.21 22.05 15.70
CA MET B 112 -3.66 21.22 16.75
C MET B 112 -3.71 19.74 16.40
N TYR B 113 -4.71 19.31 15.64
CA TYR B 113 -4.79 17.91 15.24
C TYR B 113 -3.53 17.54 14.47
N GLU B 114 -3.13 18.39 13.52
CA GLU B 114 -1.94 18.08 12.72
C GLU B 114 -0.67 18.21 13.56
N LEU B 115 -0.60 19.23 14.42
CA LEU B 115 0.56 19.41 15.29
C LEU B 115 0.77 18.18 16.18
N TRP B 116 -0.32 17.70 16.80
CA TRP B 116 -0.21 16.53 17.66
C TRP B 116 0.15 15.28 16.91
N GLY B 117 0.02 15.26 15.58
CA GLY B 117 0.53 14.15 14.81
C GLY B 117 2.03 13.99 14.93
N ARG B 118 2.74 15.04 15.34
CA ARG B 118 4.19 15.03 15.48
C ARG B 118 4.64 14.78 16.91
N LEU B 119 3.75 14.23 17.75
CA LEU B 119 4.11 14.00 19.15
C LEU B 119 5.40 13.21 19.30
N ASP B 120 5.58 12.14 18.52
CA ASP B 120 6.74 11.28 18.71
C ASP B 120 8.05 12.05 18.51
N GLU B 121 8.15 12.79 17.41
CA GLU B 121 9.36 13.59 17.19
C GLU B 121 9.52 14.64 18.29
N GLY B 122 8.42 15.21 18.76
CA GLY B 122 8.51 16.12 19.90
C GLY B 122 9.06 15.44 21.14
N LEU B 123 8.58 14.23 21.44
CA LEU B 123 9.05 13.54 22.64
C LEU B 123 10.52 13.17 22.52
N ARG B 124 10.97 12.79 21.32
CA ARG B 124 12.35 12.34 21.14
C ARG B 124 13.34 13.51 21.17
N THR B 125 12.93 14.67 20.65
CA THR B 125 13.85 15.80 20.53
C THR B 125 13.71 16.81 21.67
N GLY B 126 12.58 16.79 22.39
CA GLY B 126 12.30 17.84 23.36
C GLY B 126 12.03 19.20 22.74
N ASN B 127 11.84 19.27 21.41
CA ASN B 127 11.71 20.55 20.73
C ASN B 127 10.29 20.70 20.18
N PRO B 128 9.81 21.93 20.08
CA PRO B 128 8.48 22.15 19.51
C PRO B 128 8.44 21.71 18.06
N GLN B 129 7.23 21.35 17.61
CA GLN B 129 7.05 20.76 16.29
C GLN B 129 6.15 21.62 15.41
N ASN B 130 5.97 22.88 15.76
CA ASN B 130 5.14 23.80 14.99
C ASN B 130 5.99 24.51 13.94
N GLU B 131 5.67 25.78 13.64
CA GLU B 131 6.43 26.54 12.65
C GLU B 131 7.90 26.64 12.99
N ILE B 132 8.27 26.52 14.26
CA ILE B 132 9.68 26.51 14.64
C ILE B 132 10.41 25.37 13.93
N ARG B 133 9.74 24.22 13.80
CA ARG B 133 10.30 23.11 13.02
C ARG B 133 10.02 23.26 11.52
N THR B 134 8.73 23.28 11.15
CA THR B 134 8.33 23.19 9.74
C THR B 134 8.64 24.44 8.94
N GLY B 135 9.14 25.51 9.56
CA GLY B 135 9.51 26.72 8.86
C GLY B 135 10.99 27.02 8.99
N ARG B 149 -3.05 36.33 11.88
CA ARG B 149 -3.01 35.09 12.65
C ARG B 149 -3.24 35.35 14.14
N LEU B 150 -2.89 36.56 14.59
CA LEU B 150 -3.08 36.92 15.99
C LEU B 150 -4.54 36.77 16.39
N ASP B 151 -5.46 37.21 15.54
CA ASP B 151 -6.88 37.05 15.82
C ASP B 151 -7.26 35.58 15.97
N ALA B 152 -6.67 34.72 15.13
CA ALA B 152 -6.98 33.29 15.19
C ALA B 152 -6.56 32.69 16.52
N PHE B 153 -5.34 33.01 16.96
CA PHE B 153 -4.88 32.53 18.26
C PHE B 153 -5.74 33.11 19.38
N GLN B 154 -6.05 34.41 19.29
CA GLN B 154 -6.86 35.04 20.33
C GLN B 154 -8.28 34.46 20.36
N GLN B 155 -8.84 34.18 19.19
CA GLN B 155 -10.17 33.57 19.15
C GLN B 155 -10.15 32.16 19.73
N ALA B 156 -9.06 31.42 19.53
CA ALA B 156 -8.93 30.12 20.16
C ALA B 156 -9.01 30.20 21.68
N MET B 157 -8.69 31.35 22.27
CA MET B 157 -8.67 31.47 23.71
C MET B 157 -9.80 32.31 24.29
N THR B 158 -10.51 33.10 23.48
CA THR B 158 -11.43 34.11 24.01
C THR B 158 -12.60 33.49 24.76
N GLY B 159 -13.25 32.48 24.16
CA GLY B 159 -14.35 31.83 24.87
C GLY B 159 -13.88 31.09 26.11
N LEU B 160 -12.72 30.44 26.01
CA LEU B 160 -12.12 29.79 27.17
C LEU B 160 -11.81 30.80 28.27
N SER B 161 -11.19 31.92 27.90
CA SER B 161 -10.95 33.00 28.87
C SER B 161 -12.26 33.49 29.48
N MET B 162 -13.35 33.52 28.71
CA MET B 162 -14.61 33.99 29.24
C MET B 162 -15.14 33.05 30.33
N ARG B 163 -14.91 31.75 30.16
CA ARG B 163 -15.33 30.78 31.16
C ARG B 163 -14.52 30.91 32.44
N SER B 164 -13.22 31.07 32.31
CA SER B 164 -12.40 31.31 33.49
C SER B 164 -12.68 32.67 34.10
N ALA B 165 -13.00 33.66 33.26
CA ALA B 165 -13.30 35.00 33.78
C ALA B 165 -14.58 34.99 34.60
N HIS B 166 -15.57 34.21 34.17
CA HIS B 166 -16.81 34.14 34.93
C HIS B 166 -16.57 33.53 36.30
N ALA B 167 -15.84 32.42 36.36
CA ALA B 167 -15.48 31.81 37.63
C ALA B 167 -14.67 32.77 38.50
N LEU B 168 -13.64 33.40 37.90
CA LEU B 168 -12.81 34.36 38.64
C LEU B 168 -13.64 35.45 39.29
N ALA B 169 -14.61 36.00 38.54
CA ALA B 169 -15.40 37.10 39.06
C ALA B 169 -16.30 36.69 40.21
N GLU B 170 -16.64 35.40 40.31
CA GLU B 170 -17.50 34.91 41.39
C GLU B 170 -16.75 34.20 42.51
N ALA B 171 -15.50 33.79 42.27
CA ALA B 171 -14.73 33.00 43.21
C ALA B 171 -13.94 33.85 44.20
N ILE B 172 -13.69 35.11 43.86
CA ILE B 172 -12.90 36.02 44.69
C ILE B 172 -13.79 37.19 45.09
N ASP B 173 -13.67 37.62 46.35
CA ASP B 173 -14.36 38.83 46.80
C ASP B 173 -13.59 40.04 46.27
N TRP B 174 -14.03 40.53 45.11
CA TRP B 174 -13.35 41.64 44.46
C TRP B 174 -13.63 42.98 45.13
N SER B 175 -14.66 43.06 45.97
CA SER B 175 -14.94 44.29 46.70
C SER B 175 -13.82 44.66 47.65
N ALA B 176 -12.88 43.76 47.92
CA ALA B 176 -11.74 44.04 48.77
C ALA B 176 -10.60 44.74 48.04
N TYR B 177 -10.68 44.89 46.72
CA TYR B 177 -9.60 45.48 45.93
C TYR B 177 -10.15 46.62 45.08
N ARG B 178 -9.31 47.64 44.88
CA ARG B 178 -9.68 48.77 44.02
C ARG B 178 -9.15 48.62 42.61
N THR B 179 -7.97 48.05 42.43
CA THR B 179 -7.29 47.98 41.14
C THR B 179 -6.82 46.56 40.88
N VAL B 180 -6.81 46.20 39.59
CA VAL B 180 -6.35 44.89 39.15
C VAL B 180 -5.52 45.07 37.89
N ALA B 181 -4.46 44.27 37.76
CA ALA B 181 -3.64 44.26 36.55
C ALA B 181 -3.61 42.83 36.02
N ASP B 182 -3.91 42.69 34.72
CA ASP B 182 -3.87 41.39 34.06
C ASP B 182 -2.60 41.33 33.21
N ILE B 183 -1.70 40.41 33.57
CA ILE B 183 -0.36 40.34 33.02
C ILE B 183 -0.38 39.35 31.86
N GLY B 184 -0.06 39.83 30.66
CA GLY B 184 -0.23 39.04 29.46
C GLY B 184 -1.69 38.94 29.10
N CYS B 185 -2.36 40.09 29.05
CA CYS B 185 -3.82 40.15 29.02
C CYS B 185 -4.42 39.85 27.66
N ALA B 186 -3.61 39.77 26.61
CA ALA B 186 -4.10 39.52 25.24
C ALA B 186 -5.12 40.61 24.90
N GLU B 187 -6.22 40.27 24.25
CA GLU B 187 -7.23 41.27 23.87
C GLU B 187 -8.02 41.81 25.06
N GLY B 188 -7.81 41.31 26.28
CA GLY B 188 -8.44 41.89 27.45
C GLY B 188 -9.75 41.25 27.87
N THR B 189 -10.08 40.07 27.36
CA THR B 189 -11.36 39.43 27.66
C THR B 189 -11.60 39.31 29.16
N VAL B 190 -10.64 38.71 29.88
CA VAL B 190 -10.85 38.44 31.30
C VAL B 190 -10.97 39.74 32.08
N LEU B 191 -10.06 40.69 31.83
CA LEU B 191 -10.06 41.94 32.56
C LEU B 191 -11.35 42.73 32.34
N ILE B 192 -11.89 42.68 31.11
CA ILE B 192 -13.12 43.39 30.81
C ILE B 192 -14.29 42.79 31.57
N HIS B 193 -14.38 41.45 31.61
CA HIS B 193 -15.49 40.81 32.30
C HIS B 193 -15.44 41.08 33.81
N LEU B 194 -14.24 41.04 34.40
CA LEU B 194 -14.10 41.42 35.80
C LEU B 194 -14.63 42.81 36.06
N LEU B 195 -14.22 43.78 35.25
CA LEU B 195 -14.63 45.17 35.48
C LEU B 195 -16.10 45.37 35.22
N GLU B 196 -16.69 44.57 34.33
CA GLU B 196 -18.13 44.64 34.11
C GLU B 196 -18.88 44.08 35.31
N ARG B 197 -18.45 42.92 35.79
CA ARG B 197 -19.10 42.27 36.93
C ARG B 197 -18.93 43.09 38.21
N HIS B 198 -17.79 43.77 38.36
CA HIS B 198 -17.49 44.58 39.55
C HIS B 198 -17.14 46.00 39.11
N PRO B 199 -18.14 46.87 38.98
CA PRO B 199 -17.91 48.20 38.41
C PRO B 199 -16.99 49.10 39.24
N HIS B 200 -16.70 48.76 40.49
CA HIS B 200 -15.80 49.61 41.28
C HIS B 200 -14.34 49.44 40.86
N LEU B 201 -14.01 48.35 40.16
CA LEU B 201 -12.62 48.07 39.84
C LEU B 201 -12.11 48.96 38.72
N ARG B 202 -10.85 49.35 38.82
CA ARG B 202 -10.08 49.90 37.71
C ARG B 202 -9.02 48.89 37.32
N GLY B 203 -8.87 48.66 36.01
CA GLY B 203 -8.02 47.60 35.52
C GLY B 203 -6.94 48.13 34.60
N THR B 204 -5.80 47.42 34.59
CA THR B 204 -4.72 47.68 33.65
C THR B 204 -4.35 46.37 32.98
N GLY B 205 -4.44 46.34 31.65
CA GLY B 205 -4.00 45.20 30.88
C GLY B 205 -2.59 45.42 30.38
N PHE B 206 -1.72 44.45 30.65
CA PHE B 206 -0.30 44.52 30.28
C PHE B 206 0.00 43.44 29.25
N ASP B 207 0.64 43.84 28.15
CA ASP B 207 0.98 42.91 27.09
C ASP B 207 1.92 43.63 26.11
N LEU B 208 2.28 42.92 25.04
CA LEU B 208 3.20 43.47 24.05
C LEU B 208 2.49 44.50 23.18
N ALA B 209 3.28 45.44 22.64
CA ALA B 209 2.73 46.51 21.81
C ALA B 209 1.91 45.96 20.65
N ALA B 210 2.28 44.78 20.12
CA ALA B 210 1.55 44.20 19.01
C ALA B 210 0.12 43.84 19.40
N VAL B 211 -0.12 43.58 20.68
CA VAL B 211 -1.45 43.19 21.13
C VAL B 211 -2.39 44.39 21.28
N ARG B 212 -1.83 45.59 21.43
CA ARG B 212 -2.62 46.78 21.72
C ARG B 212 -3.82 46.98 20.80
N PRO B 213 -3.72 46.83 19.46
CA PRO B 213 -4.92 47.03 18.63
C PRO B 213 -6.06 46.08 18.98
N SER B 214 -5.77 44.82 19.27
CA SER B 214 -6.82 43.89 19.65
C SER B 214 -7.43 44.27 20.99
N PHE B 215 -6.59 44.63 21.96
CA PHE B 215 -7.08 45.13 23.24
C PHE B 215 -7.91 46.39 23.05
N GLN B 216 -7.44 47.30 22.18
CA GLN B 216 -8.14 48.57 21.99
C GLN B 216 -9.53 48.35 21.40
N ARG B 217 -9.68 47.38 20.49
CA ARG B 217 -10.98 47.11 19.90
C ARG B 217 -11.97 46.62 20.96
N ARG B 218 -11.56 45.63 21.76
CA ARG B 218 -12.43 45.15 22.83
C ARG B 218 -12.66 46.24 23.87
N HIS B 219 -11.61 47.01 24.20
CA HIS B 219 -11.78 48.10 25.15
C HIS B 219 -12.81 49.11 24.66
N GLU B 220 -12.74 49.46 23.37
CA GLU B 220 -13.75 50.34 22.77
C GLU B 220 -15.13 49.70 22.84
N GLU B 221 -15.22 48.42 22.47
CA GLU B 221 -16.50 47.72 22.46
C GLU B 221 -17.10 47.58 23.86
N SER B 222 -16.33 47.80 24.93
CA SER B 222 -16.84 47.64 26.28
C SER B 222 -17.36 48.93 26.89
N GLY B 223 -16.90 50.08 26.42
CA GLY B 223 -17.34 51.34 26.98
C GLY B 223 -16.85 51.62 28.39
N LEU B 224 -15.90 50.83 28.90
CA LEU B 224 -15.34 51.09 30.22
C LEU B 224 -14.54 52.38 30.27
N GLY B 225 -14.07 52.87 29.12
CA GLY B 225 -13.44 54.19 29.07
C GLY B 225 -12.23 54.28 29.96
N ASP B 226 -12.19 55.35 30.76
CA ASP B 226 -11.05 55.63 31.64
C ASP B 226 -10.83 54.55 32.69
N ARG B 227 -11.81 53.67 32.90
CA ARG B 227 -11.68 52.65 33.94
C ARG B 227 -10.72 51.54 33.56
N LEU B 228 -10.46 51.35 32.27
CA LEU B 228 -9.57 50.31 31.78
C LEU B 228 -8.45 50.96 30.96
N ALA B 229 -7.25 50.41 31.05
CA ALA B 229 -6.11 50.98 30.36
C ALA B 229 -5.12 49.88 29.99
N PHE B 230 -4.40 50.11 28.90
CA PHE B 230 -3.40 49.18 28.41
C PHE B 230 -2.01 49.75 28.66
N ARG B 231 -1.09 48.90 29.11
CA ARG B 231 0.32 49.26 29.18
C ARG B 231 1.10 48.29 28.32
N ALA B 232 1.75 48.83 27.29
CA ALA B 232 2.58 47.99 26.44
C ALA B 232 3.93 47.74 27.11
N GLY B 233 4.44 46.52 26.97
CA GLY B 233 5.75 46.21 27.50
C GLY B 233 6.06 44.73 27.43
N ASP B 234 7.27 44.41 27.88
CA ASP B 234 7.76 43.04 27.98
C ASP B 234 7.95 42.75 29.47
N PHE B 235 7.17 41.80 29.99
CA PHE B 235 7.21 41.60 31.43
C PHE B 235 8.48 40.92 31.91
N PHE B 236 9.34 40.43 31.02
CA PHE B 236 10.63 39.91 31.46
C PHE B 236 11.69 40.97 31.60
N ALA B 237 11.44 42.19 31.12
CA ALA B 237 12.42 43.26 31.15
C ALA B 237 11.94 44.52 31.86
N GLU B 238 10.68 44.57 32.29
CA GLU B 238 10.13 45.77 32.89
C GLU B 238 9.40 45.41 34.18
N PRO B 239 9.30 46.36 35.12
CA PRO B 239 8.40 46.16 36.26
C PRO B 239 6.96 46.01 35.79
N LEU B 240 6.21 45.23 36.55
CA LEU B 240 4.79 45.07 36.26
C LEU B 240 3.99 46.25 36.79
N PRO B 241 2.83 46.55 36.20
CA PRO B 241 1.98 47.62 36.74
C PRO B 241 1.60 47.34 38.18
N GLN B 242 1.66 48.39 39.00
CA GLN B 242 1.27 48.25 40.39
C GLN B 242 -0.25 48.22 40.50
N ALA B 243 -0.77 47.27 41.27
CA ALA B 243 -2.20 47.19 41.52
C ALA B 243 -2.41 46.38 42.79
N ASP B 244 -3.66 46.38 43.26
CA ASP B 244 -4.01 45.58 44.43
C ASP B 244 -4.02 44.09 44.12
N ALA B 245 -4.30 43.71 42.88
CA ALA B 245 -4.40 42.32 42.46
C ALA B 245 -3.76 42.15 41.10
N LEU B 246 -2.94 41.11 40.94
CA LEU B 246 -2.33 40.78 39.66
C LEU B 246 -2.79 39.40 39.20
N VAL B 247 -3.15 39.30 37.93
CA VAL B 247 -3.70 38.07 37.36
C VAL B 247 -2.71 37.55 36.30
N PHE B 248 -2.40 36.26 36.38
CA PHE B 248 -1.56 35.58 35.39
C PHE B 248 -2.37 34.40 34.82
N GLY B 249 -3.06 34.60 33.70
CA GLY B 249 -3.77 33.50 33.07
C GLY B 249 -3.03 32.82 31.93
N HIS B 250 -2.69 31.54 32.10
CA HIS B 250 -1.96 30.79 31.07
C HIS B 250 -0.69 31.52 30.65
N ILE B 251 -0.01 32.10 31.65
CA ILE B 251 1.25 32.83 31.43
C ILE B 251 2.46 31.97 31.82
N LEU B 252 2.58 31.64 33.12
CA LEU B 252 3.77 30.95 33.60
C LEU B 252 4.05 29.66 32.83
N SER B 253 3.00 28.99 32.39
CA SER B 253 3.16 27.70 31.71
C SER B 253 3.85 27.81 30.36
N ASN B 254 3.93 29.01 29.78
CA ASN B 254 4.54 29.18 28.46
C ASN B 254 6.05 29.19 28.51
N TRP B 255 6.65 29.35 29.69
CA TRP B 255 8.06 29.67 29.82
C TRP B 255 8.75 28.67 30.73
N ALA B 256 10.08 28.60 30.63
CA ALA B 256 10.84 27.73 31.50
C ALA B 256 10.80 28.23 32.94
N LEU B 257 11.09 27.32 33.87
CA LEU B 257 10.89 27.60 35.29
C LEU B 257 11.59 28.86 35.78
N PRO B 258 12.84 29.15 35.44
CA PRO B 258 13.44 30.40 35.94
C PRO B 258 12.65 31.63 35.52
N LYS B 259 12.11 31.65 34.29
CA LYS B 259 11.32 32.79 33.85
C LYS B 259 10.01 32.90 34.63
N ALA B 260 9.38 31.76 34.94
CA ALA B 260 8.17 31.80 35.75
C ALA B 260 8.47 32.32 37.15
N LYS B 261 9.60 31.91 37.74
CA LYS B 261 9.96 32.43 39.06
C LYS B 261 10.25 33.93 39.00
N THR B 262 10.84 34.40 37.89
CA THR B 262 11.06 35.83 37.72
C THR B 262 9.75 36.61 37.70
N LEU B 263 8.69 36.02 37.13
CA LEU B 263 7.41 36.71 37.07
C LEU B 263 6.78 36.83 38.45
N LEU B 264 6.88 35.77 39.27
CA LEU B 264 6.29 35.82 40.59
C LEU B 264 7.03 36.79 41.50
N ARG B 265 8.35 36.92 41.30
CA ARG B 265 9.10 37.92 42.03
C ARG B 265 8.65 39.33 41.64
N LYS B 266 8.50 39.57 40.33
CA LYS B 266 8.01 40.88 39.88
C LYS B 266 6.60 41.14 40.40
N ALA B 267 5.76 40.11 40.39
CA ALA B 267 4.41 40.28 40.92
C ALA B 267 4.45 40.66 42.40
N HIS B 268 5.35 40.06 43.16
CA HIS B 268 5.47 40.42 44.57
C HIS B 268 5.87 41.87 44.74
N GLU B 269 6.73 42.37 43.84
CA GLU B 269 7.20 43.75 43.95
C GLU B 269 6.13 44.76 43.55
N ALA B 270 5.18 44.37 42.71
CA ALA B 270 4.15 45.28 42.23
C ALA B 270 2.93 45.35 43.13
N LEU B 271 2.83 44.50 44.12
CA LEU B 271 1.65 44.40 44.96
C LEU B 271 1.83 45.16 46.27
N PRO B 272 0.74 45.64 46.87
CA PRO B 272 0.84 46.21 48.22
C PRO B 272 0.69 45.14 49.29
N GLU B 273 0.86 45.52 50.55
CA GLU B 273 0.57 44.62 51.65
C GLU B 273 -0.88 44.17 51.59
N GLY B 274 -1.11 42.87 51.73
CA GLY B 274 -2.43 42.30 51.59
C GLY B 274 -2.92 42.15 50.16
N GLY B 275 -2.12 42.53 49.17
CA GLY B 275 -2.49 42.32 47.79
C GLY B 275 -2.45 40.85 47.42
N ILE B 276 -3.04 40.52 46.28
CA ILE B 276 -3.14 39.13 45.86
C ILE B 276 -2.58 38.96 44.45
N VAL B 277 -1.96 37.81 44.23
CA VAL B 277 -1.63 37.33 42.89
C VAL B 277 -2.54 36.15 42.60
N VAL B 278 -3.05 36.10 41.37
CA VAL B 278 -3.99 35.07 40.94
C VAL B 278 -3.44 34.43 39.69
N ILE B 279 -3.10 33.15 39.77
CA ILE B 279 -2.52 32.38 38.67
C ILE B 279 -3.52 31.30 38.31
N TYR B 280 -3.89 31.21 37.04
CA TYR B 280 -4.76 30.10 36.67
C TYR B 280 -4.22 29.42 35.42
N GLU B 281 -4.39 28.11 35.40
CA GLU B 281 -3.79 27.22 34.42
C GLU B 281 -4.68 25.99 34.33
N THR B 282 -4.42 25.16 33.32
CA THR B 282 -4.89 23.77 33.32
C THR B 282 -3.92 22.96 34.18
N LEU B 283 -4.06 23.11 35.50
CA LEU B 283 -3.06 22.56 36.42
C LEU B 283 -3.11 21.04 36.45
N ILE B 284 -1.95 20.42 36.60
CA ILE B 284 -1.89 19.00 36.89
C ILE B 284 -2.18 18.78 38.37
N ASP B 285 -2.87 17.69 38.70
CA ASP B 285 -3.08 17.35 40.10
C ASP B 285 -1.73 17.12 40.79
N ASP B 286 -1.67 17.42 42.10
CA ASP B 286 -0.39 17.38 42.80
C ASP B 286 0.29 16.03 42.68
N GLU B 287 -0.48 14.94 42.65
CA GLU B 287 0.09 13.60 42.56
C GLU B 287 0.39 13.17 41.13
N ARG B 288 0.12 14.04 40.16
CA ARG B 288 0.47 13.81 38.76
C ARG B 288 -0.05 12.45 38.27
N ARG B 289 -1.30 12.16 38.58
CA ARG B 289 -1.85 10.88 38.13
C ARG B 289 -3.34 10.93 37.78
N GLU B 290 -3.96 12.11 37.69
CA GLU B 290 -5.41 12.11 37.50
C GLU B 290 -5.88 13.10 36.46
N ASN B 291 -5.25 14.27 36.38
CA ASN B 291 -5.74 15.39 35.57
C ASN B 291 -5.28 15.23 34.13
N VAL B 292 -6.10 14.56 33.33
CA VAL B 292 -5.73 14.33 31.93
C VAL B 292 -5.58 15.64 31.15
N PRO B 293 -6.52 16.59 31.21
CA PRO B 293 -6.33 17.84 30.46
C PRO B 293 -5.06 18.58 30.81
N GLY B 294 -4.65 18.56 32.08
CA GLY B 294 -3.44 19.27 32.46
C GLY B 294 -2.19 18.56 31.97
N LEU B 295 -2.19 17.23 32.05
CA LEU B 295 -1.07 16.47 31.50
C LEU B 295 -1.00 16.60 29.99
N LEU B 296 -2.15 16.57 29.31
CA LEU B 296 -2.14 16.81 27.87
C LEU B 296 -1.64 18.22 27.55
N MET B 297 -2.02 19.20 28.36
CA MET B 297 -1.55 20.57 28.12
C MET B 297 -0.04 20.67 28.24
N SER B 298 0.56 19.89 29.15
CA SER B 298 2.02 19.91 29.24
C SER B 298 2.67 19.43 27.95
N LEU B 299 2.07 18.42 27.32
CA LEU B 299 2.58 17.95 26.04
C LEU B 299 2.27 18.94 24.92
N THR B 300 1.16 19.69 25.01
CA THR B 300 0.94 20.77 24.06
C THR B 300 2.02 21.84 24.19
N MET B 301 2.43 22.14 25.44
CA MET B 301 3.53 23.07 25.66
C MET B 301 4.82 22.57 25.03
N LEU B 302 5.08 21.26 25.12
CA LEU B 302 6.22 20.69 24.39
C LEU B 302 6.11 20.97 22.90
N LEU B 303 4.92 20.78 22.33
CA LEU B 303 4.79 20.85 20.88
C LEU B 303 4.81 22.28 20.36
N GLU B 304 4.46 23.26 21.19
CA GLU B 304 4.33 24.66 20.78
C GLU B 304 5.46 25.57 21.23
N THR B 305 6.19 25.24 22.30
CA THR B 305 7.10 26.20 22.89
C THR B 305 8.47 25.59 23.17
N PRO B 306 9.52 26.41 23.18
CA PRO B 306 10.85 25.87 23.52
C PRO B 306 10.96 25.34 24.95
N GLY B 307 10.29 25.98 25.90
CA GLY B 307 10.55 25.69 27.30
C GLY B 307 9.32 25.65 28.20
N GLY B 308 8.13 25.73 27.61
CA GLY B 308 6.93 25.74 28.41
C GLY B 308 6.62 24.38 29.01
N PHE B 309 5.84 24.40 30.09
CA PHE B 309 5.48 23.18 30.79
C PHE B 309 4.24 23.47 31.63
N GLU B 310 3.46 22.44 31.90
CA GLU B 310 2.36 22.51 32.85
C GLU B 310 2.85 22.02 34.21
N TYR B 311 2.25 22.51 35.28
CA TYR B 311 2.74 22.20 36.62
C TYR B 311 1.55 21.95 37.54
N THR B 312 1.86 21.65 38.79
CA THR B 312 0.86 21.38 39.81
C THR B 312 0.67 22.59 40.73
N GLY B 313 -0.47 22.59 41.41
CA GLY B 313 -0.69 23.59 42.44
C GLY B 313 0.39 23.57 43.50
N ALA B 314 0.81 22.36 43.92
CA ALA B 314 1.88 22.25 44.91
C ALA B 314 3.18 22.89 44.43
N ASP B 315 3.54 22.65 43.16
CA ASP B 315 4.71 23.31 42.57
C ASP B 315 4.61 24.82 42.75
N CYS B 316 3.45 25.37 42.40
CA CYS B 316 3.28 26.82 42.35
C CYS B 316 3.30 27.42 43.75
N ARG B 317 2.73 26.71 44.73
CA ARG B 317 2.79 27.18 46.11
C ARG B 317 4.23 27.24 46.61
N GLU B 318 5.08 26.32 46.18
CA GLU B 318 6.50 26.40 46.52
C GLU B 318 7.15 27.63 45.90
N TRP B 319 6.86 27.90 44.62
CA TRP B 319 7.40 29.08 43.97
C TRP B 319 6.92 30.36 44.65
N LEU B 320 5.64 30.40 45.02
CA LEU B 320 5.09 31.61 45.64
C LEU B 320 5.70 31.84 47.03
N ALA B 321 5.92 30.76 47.79
CA ALA B 321 6.62 30.92 49.05
C ALA B 321 8.03 31.44 48.85
N ASP B 322 8.75 30.90 47.86
CA ASP B 322 10.10 31.39 47.57
C ASP B 322 10.08 32.82 47.09
N ALA B 323 9.03 33.23 46.37
CA ALA B 323 8.90 34.62 45.93
C ALA B 323 8.59 35.57 47.07
N GLY B 324 8.18 35.07 48.23
CA GLY B 324 7.94 35.91 49.39
C GLY B 324 6.49 36.11 49.75
N PHE B 325 5.57 35.31 49.20
CA PHE B 325 4.16 35.45 49.52
C PHE B 325 3.84 34.72 50.82
N ARG B 326 2.98 35.33 51.64
CA ARG B 326 2.75 34.84 52.99
C ARG B 326 1.81 33.64 53.02
N GLU B 327 0.75 33.68 52.21
CA GLU B 327 -0.26 32.64 52.17
C GLU B 327 -0.49 32.26 50.72
N SER B 328 -0.87 31.00 50.49
CA SER B 328 -1.31 30.58 49.16
C SER B 328 -2.31 29.46 49.29
N ARG B 329 -3.15 29.30 48.28
CA ARG B 329 -4.08 28.18 48.25
C ARG B 329 -4.38 27.83 46.81
N VAL B 330 -4.78 26.57 46.61
CA VAL B 330 -5.14 26.01 45.31
C VAL B 330 -6.65 25.82 45.29
N GLN B 331 -7.29 26.22 44.20
CA GLN B 331 -8.74 26.30 44.11
C GLN B 331 -9.17 25.87 42.72
N TYR B 332 -10.13 24.94 42.64
CA TYR B 332 -10.78 24.67 41.37
C TYR B 332 -11.45 25.94 40.88
N LEU B 333 -11.35 26.20 39.57
CA LEU B 333 -11.90 27.41 38.97
C LEU B 333 -13.11 27.06 38.12
N ALA B 334 -12.91 26.46 36.95
CA ALA B 334 -14.02 25.98 36.14
C ALA B 334 -13.47 25.00 35.11
N GLY B 335 -14.18 23.89 34.92
CA GLY B 335 -13.76 22.88 33.97
C GLY B 335 -12.43 22.29 34.36
N PRO B 336 -11.49 22.23 33.41
CA PRO B 336 -10.15 21.73 33.72
C PRO B 336 -9.23 22.78 34.33
N GLU B 337 -9.70 24.00 34.51
CA GLU B 337 -8.88 25.10 34.99
C GLU B 337 -8.92 25.18 36.51
N SER B 338 -7.76 25.42 37.11
CA SER B 338 -7.62 25.68 38.54
C SER B 338 -6.83 26.96 38.73
N MET B 339 -6.92 27.55 39.93
CA MET B 339 -6.14 28.74 40.20
C MET B 339 -5.35 28.56 41.50
N VAL B 340 -4.28 29.34 41.60
CA VAL B 340 -3.48 29.45 42.80
C VAL B 340 -3.50 30.92 43.20
N ILE B 341 -3.97 31.20 44.41
CA ILE B 341 -4.08 32.56 44.93
C ILE B 341 -3.06 32.71 46.06
N ALA B 342 -2.29 33.78 46.02
CA ALA B 342 -1.38 34.10 47.11
C ALA B 342 -1.60 35.55 47.56
N THR B 343 -1.42 35.78 48.85
CA THR B 343 -1.49 37.11 49.44
C THR B 343 -0.09 37.57 49.80
N LYS B 344 0.25 38.81 49.44
CA LYS B 344 1.51 39.39 49.83
C LYS B 344 1.44 39.86 51.29
N GLU C 9 -23.43 16.31 35.66
CA GLU C 9 -23.25 14.90 35.97
C GLU C 9 -22.02 14.72 36.83
N HIS C 10 -21.40 13.54 36.74
CA HIS C 10 -20.02 13.42 37.21
C HIS C 10 -19.15 14.49 36.55
N ALA C 11 -19.58 15.01 35.39
CA ALA C 11 -18.98 16.17 34.76
C ALA C 11 -20.07 16.96 34.06
N PRO C 12 -19.98 18.30 34.05
CA PRO C 12 -20.98 19.09 33.30
C PRO C 12 -20.96 18.75 31.81
N ALA C 13 -22.11 18.94 31.17
CA ALA C 13 -22.25 18.57 29.76
C ALA C 13 -21.15 19.18 28.91
N ILE C 14 -20.78 20.44 29.17
CA ILE C 14 -19.78 21.09 28.33
C ILE C 14 -18.41 20.44 28.50
N ASP C 15 -18.08 19.97 29.70
CA ASP C 15 -16.81 19.29 29.90
C ASP C 15 -16.80 17.90 29.28
N ARG C 16 -17.92 17.19 29.31
CA ARG C 16 -18.00 15.95 28.54
C ARG C 16 -17.82 16.22 27.04
N LEU C 17 -18.41 17.29 26.53
CA LEU C 17 -18.20 17.65 25.12
C LEU C 17 -16.73 17.96 24.86
N LEU C 18 -16.11 18.74 25.74
CA LEU C 18 -14.72 19.12 25.51
C LEU C 18 -13.80 17.91 25.57
N GLN C 19 -14.12 16.92 26.40
CA GLN C 19 -13.31 15.71 26.46
C GLN C 19 -13.35 14.95 25.14
N ILE C 20 -14.53 14.85 24.53
CA ILE C 20 -14.62 14.25 23.19
C ILE C 20 -13.82 15.07 22.20
N ALA C 21 -14.01 16.40 22.23
CA ALA C 21 -13.39 17.28 21.26
C ALA C 21 -11.87 17.15 21.28
N THR C 22 -11.28 16.98 22.46
CA THR C 22 -9.84 16.89 22.60
C THR C 22 -9.34 15.45 22.66
N GLY C 23 -10.18 14.48 22.31
CA GLY C 23 -9.79 13.09 22.36
C GLY C 23 -8.67 12.74 21.41
N PHE C 24 -8.39 13.59 20.41
CA PHE C 24 -7.27 13.31 19.51
C PHE C 24 -5.94 13.34 20.27
N MET C 25 -5.84 14.15 21.33
CA MET C 25 -4.60 14.23 22.09
C MET C 25 -4.41 12.97 22.93
N ALA C 26 -5.42 12.58 23.71
CA ALA C 26 -5.32 11.34 24.46
C ALA C 26 -5.04 10.16 23.54
N SER C 27 -5.70 10.13 22.37
CA SER C 27 -5.44 9.08 21.40
CA SER C 27 -5.44 9.08 21.40
C SER C 27 -3.96 9.05 21.00
N LYS C 28 -3.41 10.21 20.60
CA LYS C 28 -2.02 10.26 20.15
C LYS C 28 -1.05 9.78 21.23
N VAL C 29 -1.33 10.07 22.50
CA VAL C 29 -0.46 9.60 23.57
C VAL C 29 -0.39 8.07 23.56
N LEU C 30 -1.55 7.42 23.48
CA LEU C 30 -1.59 5.97 23.49
C LEU C 30 -1.00 5.38 22.20
N LEU C 31 -1.34 5.98 21.05
CA LEU C 31 -0.81 5.48 19.77
C LEU C 31 0.71 5.55 19.73
N VAL C 32 1.27 6.69 20.13
CA VAL C 32 2.73 6.84 20.15
C VAL C 32 3.35 5.87 21.15
N ALA C 33 2.72 5.67 22.30
CA ALA C 33 3.22 4.67 23.24
C ALA C 33 3.30 3.29 22.59
N ALA C 34 2.27 2.92 21.83
CA ALA C 34 2.30 1.63 21.13
C ALA C 34 3.41 1.60 20.08
N SER C 35 3.55 2.69 19.30
CA SER C 35 4.59 2.74 18.27
C SER C 35 5.99 2.68 18.85
N LEU C 36 6.19 3.27 20.04
CA LEU C 36 7.44 3.17 20.77
C LEU C 36 7.68 1.80 21.38
N GLY C 37 6.67 0.94 21.44
CA GLY C 37 6.82 -0.31 22.16
C GLY C 37 6.94 -0.14 23.66
N LEU C 38 6.35 0.92 24.20
CA LEU C 38 6.52 1.25 25.61
C LEU C 38 6.08 0.11 26.51
N PHE C 39 4.90 -0.47 26.23
CA PHE C 39 4.36 -1.54 27.07
C PHE C 39 5.22 -2.79 26.99
N THR C 40 5.85 -3.03 25.84
CA THR C 40 6.76 -4.16 25.74
C THR C 40 7.99 -3.95 26.61
N GLU C 41 8.44 -2.69 26.78
CA GLU C 41 9.58 -2.43 27.67
C GLU C 41 9.23 -2.72 29.12
N LEU C 42 7.95 -2.58 29.50
CA LEU C 42 7.50 -2.85 30.85
C LEU C 42 7.04 -4.29 31.05
N ALA C 43 7.12 -5.13 30.01
CA ALA C 43 6.55 -6.47 30.11
C ALA C 43 7.25 -7.31 31.18
N ALA C 44 8.55 -7.12 31.38
CA ALA C 44 9.28 -7.93 32.35
C ALA C 44 9.13 -7.44 33.78
N GLY C 45 8.50 -6.29 33.99
CA GLY C 45 8.37 -5.75 35.31
C GLY C 45 8.42 -4.24 35.29
N PRO C 46 8.08 -3.61 36.41
CA PRO C 46 7.99 -2.15 36.44
C PRO C 46 9.35 -1.51 36.28
N LEU C 47 9.33 -0.29 35.74
CA LEU C 47 10.54 0.48 35.55
C LEU C 47 10.33 1.89 36.08
N ARG C 48 11.36 2.42 36.74
CA ARG C 48 11.37 3.84 37.07
CA ARG C 48 11.35 3.84 37.07
C ARG C 48 11.33 4.67 35.79
N GLY C 49 10.79 5.88 35.90
CA GLY C 49 10.72 6.75 34.73
C GLY C 49 12.06 6.92 34.06
N GLU C 50 13.15 7.04 34.84
CA GLU C 50 14.47 7.21 34.25
C GLU C 50 14.85 5.99 33.39
N GLU C 51 14.54 4.79 33.88
CA GLU C 51 14.89 3.59 33.11
C GLU C 51 14.06 3.50 31.85
N LEU C 52 12.76 3.79 31.95
CA LEU C 52 11.90 3.74 30.77
C LEU C 52 12.28 4.80 29.75
N ARG C 53 12.64 6.00 30.22
CA ARG C 53 13.10 7.04 29.31
C ARG C 53 14.38 6.61 28.59
N ALA C 54 15.31 5.99 29.33
CA ALA C 54 16.55 5.53 28.72
C ALA C 54 16.28 4.47 27.66
N ARG C 55 15.34 3.55 27.94
CA ARG C 55 15.02 2.50 26.98
C ARG C 55 14.46 3.10 25.69
N LEU C 56 13.62 4.12 25.81
CA LEU C 56 12.90 4.67 24.66
C LEU C 56 13.61 5.86 24.03
N ARG C 57 14.72 6.32 24.61
CA ARG C 57 15.51 7.43 24.06
C ARG C 57 14.66 8.70 23.90
N LEU C 58 13.81 8.97 24.88
CA LEU C 58 13.05 10.22 24.84
C LEU C 58 13.82 11.33 25.53
N HIS C 59 13.58 12.55 25.09
CA HIS C 59 14.24 13.68 25.71
C HIS C 59 13.81 13.79 27.17
N PRO C 60 14.73 14.16 28.08
CA PRO C 60 14.33 14.36 29.49
C PRO C 60 13.18 15.34 29.69
N ARG C 61 12.96 16.28 28.76
CA ARG C 61 12.05 17.39 29.01
C ARG C 61 10.65 16.88 29.34
N SER C 62 10.12 15.98 28.54
CA SER C 62 8.71 15.64 28.60
C SER C 62 8.44 14.17 28.88
N ALA C 63 9.47 13.37 29.14
CA ALA C 63 9.24 11.94 29.31
C ALA C 63 8.30 11.67 30.48
N ARG C 64 8.55 12.32 31.61
CA ARG C 64 7.70 12.15 32.79
C ARG C 64 6.26 12.56 32.49
N ASP C 65 6.08 13.71 31.83
CA ASP C 65 4.74 14.14 31.41
C ASP C 65 4.04 13.06 30.60
N PHE C 66 4.76 12.49 29.63
CA PHE C 66 4.22 11.44 28.77
C PHE C 66 3.80 10.23 29.60
N PHE C 67 4.71 9.74 30.46
CA PHE C 67 4.40 8.53 31.22
C PHE C 67 3.24 8.78 32.17
N ASP C 68 3.20 9.95 32.81
CA ASP C 68 2.12 10.26 33.74
C ASP C 68 0.80 10.49 33.02
N THR C 69 0.82 10.95 31.77
CA THR C 69 -0.43 11.00 31.01
C THR C 69 -1.02 9.61 30.87
N LEU C 70 -0.17 8.64 30.55
CA LEU C 70 -0.62 7.25 30.40
C LEU C 70 -1.22 6.74 31.71
N VAL C 71 -0.60 7.10 32.85
CA VAL C 71 -1.18 6.74 34.14
C VAL C 71 -2.55 7.37 34.31
N ALA C 72 -2.66 8.68 34.04
CA ALA C 72 -3.93 9.35 34.25
C ALA C 72 -5.00 8.83 33.32
N LEU C 73 -4.61 8.33 32.15
CA LEU C 73 -5.53 7.70 31.21
C LEU C 73 -5.91 6.30 31.63
N GLY C 74 -5.25 5.75 32.66
CA GLY C 74 -5.59 4.43 33.15
C GLY C 74 -4.93 3.31 32.38
N VAL C 75 -3.89 3.63 31.61
CA VAL C 75 -3.20 2.67 30.74
C VAL C 75 -1.95 2.15 31.45
N LEU C 76 -1.35 2.98 32.30
CA LEU C 76 -0.23 2.56 33.13
C LEU C 76 -0.61 2.70 34.59
N GLU C 77 0.15 2.03 35.45
CA GLU C 77 0.09 2.25 36.88
C GLU C 77 1.43 2.81 37.33
N ARG C 78 1.44 3.52 38.45
CA ARG C 78 2.68 4.07 38.96
C ARG C 78 2.66 3.95 40.48
N THR C 79 3.73 3.36 41.04
CA THR C 79 3.81 3.16 42.48
C THR C 79 5.22 3.46 42.93
N ASN C 80 5.36 4.43 43.85
CA ASN C 80 6.67 4.88 44.32
C ASN C 80 7.58 5.29 43.16
N GLY C 81 6.98 5.89 42.13
CA GLY C 81 7.75 6.33 40.99
C GLY C 81 8.10 5.26 39.98
N ALA C 82 7.60 4.05 40.14
CA ALA C 82 7.85 2.96 39.19
C ALA C 82 6.60 2.74 38.34
N TYR C 83 6.78 2.72 37.02
CA TYR C 83 5.66 2.50 36.11
C TYR C 83 5.51 1.03 35.76
N ALA C 84 4.27 0.59 35.60
CA ALA C 84 3.96 -0.77 35.21
C ALA C 84 2.77 -0.79 34.27
N ASN C 85 2.72 -1.84 33.44
CA ASN C 85 1.52 -2.17 32.68
C ASN C 85 0.33 -2.39 33.61
N THR C 86 -0.86 -2.05 33.15
CA THR C 86 -2.08 -2.60 33.73
C THR C 86 -2.25 -4.02 33.21
N PRO C 87 -3.13 -4.82 33.81
CA PRO C 87 -3.38 -6.15 33.26
C PRO C 87 -3.80 -6.12 31.79
N ALA C 88 -4.60 -5.12 31.40
CA ALA C 88 -5.06 -5.03 30.01
C ALA C 88 -3.90 -4.71 29.07
N THR C 89 -3.06 -3.73 29.42
CA THR C 89 -1.96 -3.41 28.53
C THR C 89 -0.91 -4.51 28.55
N ALA C 90 -0.74 -5.20 29.68
CA ALA C 90 0.20 -6.31 29.68
C ALA C 90 -0.31 -7.46 28.82
N GLN C 91 -1.62 -7.68 28.79
CA GLN C 91 -2.17 -8.79 28.03
C GLN C 91 -2.17 -8.51 26.53
N TYR C 92 -2.54 -7.30 26.12
CA TYR C 92 -2.85 -7.01 24.72
C TYR C 92 -1.91 -6.03 24.03
N LEU C 93 -1.10 -5.28 24.75
CA LEU C 93 -0.21 -4.31 24.10
C LEU C 93 1.26 -4.66 24.26
N VAL C 94 1.58 -5.92 24.56
CA VAL C 94 2.97 -6.38 24.68
C VAL C 94 3.30 -7.20 23.44
N ARG C 95 4.31 -6.75 22.69
CA ARG C 95 4.70 -7.46 21.47
C ARG C 95 5.17 -8.87 21.78
N GLY C 96 4.96 -9.77 20.82
CA GLY C 96 5.39 -11.14 20.91
C GLY C 96 4.36 -12.08 21.50
N LYS C 97 3.36 -11.57 22.18
CA LYS C 97 2.30 -12.41 22.71
C LYS C 97 1.27 -12.71 21.64
N SER C 98 0.65 -13.89 21.75
CA SER C 98 -0.38 -14.27 20.78
C SER C 98 -1.60 -13.36 20.86
N ALA C 99 -1.85 -12.74 22.00
CA ALA C 99 -2.99 -11.85 22.17
C ALA C 99 -2.67 -10.41 21.77
N TYR C 100 -1.49 -10.16 21.21
CA TYR C 100 -1.07 -8.79 20.93
C TYR C 100 -2.00 -8.12 19.91
N LEU C 101 -2.60 -6.99 20.32
CA LEU C 101 -3.44 -6.19 19.46
C LEU C 101 -2.83 -4.83 19.12
N GLY C 102 -1.61 -4.57 19.61
CA GLY C 102 -1.03 -3.24 19.43
C GLY C 102 -0.79 -2.86 17.99
N GLY C 103 -0.77 -3.83 17.07
CA GLY C 103 -0.68 -3.50 15.66
C GLY C 103 -1.81 -2.62 15.17
N LEU C 104 -2.98 -2.72 15.82
CA LEU C 104 -4.08 -1.82 15.49
C LEU C 104 -3.70 -0.38 15.83
N LEU C 105 -3.05 -0.18 16.98
CA LEU C 105 -2.60 1.15 17.38
C LEU C 105 -1.43 1.62 16.52
N GLU C 106 -0.47 0.73 16.23
CA GLU C 106 0.65 1.10 15.36
C GLU C 106 0.14 1.59 14.00
N MET C 107 -0.80 0.86 13.42
CA MET C 107 -1.33 1.24 12.11
C MET C 107 -2.17 2.51 12.21
N SER C 108 -2.98 2.65 13.27
CA SER C 108 -3.70 3.91 13.46
C SER C 108 -2.74 5.07 13.61
N ASP C 109 -1.62 4.85 14.32
CA ASP C 109 -0.62 5.91 14.45
C ASP C 109 -0.07 6.31 13.09
N ALA C 110 0.28 5.32 12.27
CA ALA C 110 1.01 5.61 11.05
C ALA C 110 0.10 5.96 9.89
N ARG C 111 -1.20 5.65 9.96
CA ARG C 111 -2.06 5.75 8.80
C ARG C 111 -3.42 6.38 9.10
N MET C 112 -4.20 5.81 10.03
CA MET C 112 -5.59 6.24 10.17
C MET C 112 -5.72 7.61 10.80
N TYR C 113 -4.81 7.98 11.70
CA TYR C 113 -4.90 9.32 12.30
C TYR C 113 -4.86 10.40 11.22
N GLU C 114 -3.88 10.30 10.32
CA GLU C 114 -3.79 11.26 9.22
C GLU C 114 -4.99 11.15 8.28
N LEU C 115 -5.44 9.93 8.00
CA LEU C 115 -6.61 9.74 7.16
C LEU C 115 -7.81 10.50 7.72
N TRP C 116 -8.05 10.42 9.03
CA TRP C 116 -9.20 11.10 9.60
C TRP C 116 -9.01 12.61 9.61
N GLY C 117 -7.77 13.10 9.47
CA GLY C 117 -7.56 14.52 9.21
C GLY C 117 -8.25 15.01 7.97
N ARG C 118 -8.61 14.11 7.05
CA ARG C 118 -9.29 14.47 5.82
CA ARG C 118 -9.30 14.50 5.83
C ARG C 118 -10.80 14.30 5.92
N LEU C 119 -11.34 14.14 7.14
CA LEU C 119 -12.79 13.92 7.28
C LEU C 119 -13.60 15.02 6.59
N ASP C 120 -13.14 16.27 6.69
CA ASP C 120 -13.87 17.39 6.11
C ASP C 120 -14.03 17.22 4.60
N GLU C 121 -12.98 16.77 3.92
CA GLU C 121 -13.06 16.61 2.47
C GLU C 121 -13.90 15.40 2.08
N GLY C 122 -13.87 14.33 2.88
CA GLY C 122 -14.76 13.21 2.63
C GLY C 122 -16.22 13.61 2.75
N LEU C 123 -16.54 14.45 3.74
CA LEU C 123 -17.92 14.89 3.91
C LEU C 123 -18.36 15.83 2.78
N ARG C 124 -17.45 16.71 2.34
CA ARG C 124 -17.81 17.59 1.24
C ARG C 124 -18.03 16.83 -0.06
N THR C 125 -17.16 15.85 -0.35
CA THR C 125 -17.13 15.23 -1.67
C THR C 125 -17.84 13.89 -1.76
N GLY C 126 -18.06 13.22 -0.63
CA GLY C 126 -18.54 11.85 -0.64
C GLY C 126 -17.52 10.83 -1.14
N ASN C 127 -16.26 11.25 -1.34
CA ASN C 127 -15.23 10.38 -1.91
C ASN C 127 -14.26 9.89 -0.84
N PRO C 128 -13.71 8.68 -0.98
CA PRO C 128 -12.70 8.20 -0.02
C PRO C 128 -11.46 9.08 -0.09
N GLN C 129 -10.73 9.11 1.03
CA GLN C 129 -9.62 10.03 1.19
C GLN C 129 -8.29 9.33 1.42
N ASN C 130 -8.24 8.02 1.20
CA ASN C 130 -7.08 7.19 1.45
C ASN C 130 -6.24 7.05 0.19
N GLU C 131 -5.65 5.87 0.00
CA GLU C 131 -4.84 5.61 -1.20
C GLU C 131 -5.66 5.67 -2.48
N ILE C 132 -6.99 5.52 -2.41
CA ILE C 132 -7.83 5.71 -3.59
C ILE C 132 -7.69 7.12 -4.13
N ARG C 133 -7.55 8.10 -3.25
CA ARG C 133 -7.35 9.48 -3.69
C ARG C 133 -5.94 9.72 -4.19
N THR C 134 -4.99 8.87 -3.78
CA THR C 134 -3.55 8.94 -4.06
C THR C 134 -2.87 9.94 -3.11
N ALA C 141 5.47 3.99 -2.10
CA ALA C 141 4.35 3.63 -1.25
C ALA C 141 4.40 2.16 -0.85
N THR C 142 3.52 1.36 -1.47
CA THR C 142 3.32 -0.04 -1.07
C THR C 142 4.63 -0.82 -1.01
N LEU C 143 5.53 -0.60 -1.98
CA LEU C 143 6.73 -1.42 -2.08
C LEU C 143 7.67 -1.19 -0.91
N TYR C 144 7.62 -0.02 -0.27
CA TYR C 144 8.53 0.26 0.83
C TYR C 144 7.77 0.59 2.11
N ASP C 145 6.61 -0.03 2.27
CA ASP C 145 5.90 -0.06 3.54
C ASP C 145 6.70 -0.85 4.56
N ASP C 146 6.36 -0.65 5.84
CA ASP C 146 7.01 -1.32 6.95
C ASP C 146 6.39 -2.71 7.13
N PRO C 147 7.09 -3.80 6.81
CA PRO C 147 6.47 -5.12 6.91
C PRO C 147 6.23 -5.57 8.34
N ASP C 148 7.05 -5.16 9.31
CA ASP C 148 6.75 -5.50 10.69
C ASP C 148 5.41 -4.91 11.13
N ARG C 149 5.15 -3.66 10.73
CA ARG C 149 3.88 -3.04 11.12
C ARG C 149 2.71 -3.67 10.39
N LEU C 150 2.89 -4.00 9.11
CA LEU C 150 1.85 -4.72 8.38
C LEU C 150 1.50 -6.02 9.08
N ASP C 151 2.53 -6.79 9.43
CA ASP C 151 2.33 -8.05 10.15
C ASP C 151 1.60 -7.83 11.47
N ALA C 152 2.05 -6.84 12.25
CA ALA C 152 1.39 -6.53 13.51
C ALA C 152 -0.10 -6.19 13.29
N PHE C 153 -0.38 -5.34 12.30
CA PHE C 153 -1.78 -4.99 12.00
C PHE C 153 -2.59 -6.21 11.59
N GLN C 154 -2.02 -7.09 10.76
CA GLN C 154 -2.74 -8.30 10.37
C GLN C 154 -2.98 -9.21 11.56
N GLN C 155 -1.97 -9.37 12.43
CA GLN C 155 -2.17 -10.14 13.65
C GLN C 155 -3.37 -9.61 14.42
N ALA C 156 -3.43 -8.28 14.60
CA ALA C 156 -4.51 -7.67 15.38
C ALA C 156 -5.88 -7.90 14.72
N MET C 157 -5.97 -7.75 13.40
CA MET C 157 -7.24 -7.96 12.74
C MET C 157 -7.68 -9.42 12.80
N THR C 158 -6.71 -10.34 12.78
CA THR C 158 -7.03 -11.76 12.93
C THR C 158 -7.50 -12.06 14.36
N GLY C 159 -6.88 -11.42 15.36
CA GLY C 159 -7.34 -11.56 16.73
C GLY C 159 -8.76 -11.05 16.91
N LEU C 160 -9.08 -9.89 16.32
CA LEU C 160 -10.44 -9.39 16.39
C LEU C 160 -11.39 -10.34 15.67
N SER C 161 -10.96 -10.91 14.55
CA SER C 161 -11.79 -11.88 13.86
C SER C 161 -11.98 -13.13 14.70
N MET C 162 -10.94 -13.54 15.44
CA MET C 162 -11.05 -14.69 16.33
C MET C 162 -12.09 -14.45 17.43
N ARG C 163 -12.19 -13.22 17.93
CA ARG C 163 -13.20 -12.90 18.93
C ARG C 163 -14.61 -13.07 18.37
N SER C 164 -14.82 -12.62 17.13
CA SER C 164 -16.11 -12.82 16.49
C SER C 164 -16.37 -14.30 16.27
N ALA C 165 -15.33 -15.04 15.85
CA ALA C 165 -15.47 -16.48 15.61
C ALA C 165 -15.86 -17.23 16.86
N HIS C 166 -15.24 -16.91 18.01
CA HIS C 166 -15.60 -17.61 19.24
C HIS C 166 -17.04 -17.34 19.61
N ALA C 167 -17.47 -16.08 19.49
CA ALA C 167 -18.86 -15.75 19.81
C ALA C 167 -19.81 -16.40 18.84
N LEU C 168 -19.44 -16.44 17.55
CA LEU C 168 -20.29 -17.07 16.55
C LEU C 168 -20.47 -18.56 16.82
N ALA C 169 -19.39 -19.24 17.25
CA ALA C 169 -19.48 -20.68 17.50
C ALA C 169 -20.40 -21.00 18.66
N GLU C 170 -20.55 -20.09 19.61
CA GLU C 170 -21.43 -20.32 20.77
C GLU C 170 -22.84 -19.80 20.56
N ALA C 171 -23.02 -18.76 19.74
CA ALA C 171 -24.28 -18.04 19.68
C ALA C 171 -25.31 -18.73 18.78
N ILE C 172 -24.88 -19.64 17.93
CA ILE C 172 -25.74 -20.38 17.01
C ILE C 172 -25.56 -21.85 17.31
N ASP C 173 -26.65 -22.61 17.30
CA ASP C 173 -26.54 -24.07 17.43
C ASP C 173 -26.12 -24.64 16.08
N TRP C 174 -24.82 -24.86 15.90
CA TRP C 174 -24.31 -25.35 14.63
C TRP C 174 -24.59 -26.83 14.36
N SER C 175 -25.05 -27.58 15.36
CA SER C 175 -25.37 -28.99 15.13
C SER C 175 -26.53 -29.17 14.16
N ALA C 176 -27.31 -28.13 13.87
CA ALA C 176 -28.39 -28.24 12.90
C ALA C 176 -27.90 -28.29 11.46
N TYR C 177 -26.66 -27.88 11.19
CA TYR C 177 -26.14 -27.74 9.83
C TYR C 177 -24.96 -28.67 9.62
N ARG C 178 -24.92 -29.33 8.47
CA ARG C 178 -23.82 -30.23 8.17
C ARG C 178 -22.64 -29.51 7.53
N THR C 179 -22.89 -28.44 6.78
CA THR C 179 -21.87 -27.76 5.98
C THR C 179 -22.06 -26.26 6.08
N VAL C 180 -20.95 -25.53 5.95
CA VAL C 180 -20.97 -24.08 6.09
C VAL C 180 -19.99 -23.51 5.06
N ALA C 181 -20.36 -22.39 4.45
CA ALA C 181 -19.49 -21.69 3.53
C ALA C 181 -19.30 -20.27 4.07
N ASP C 182 -18.05 -19.84 4.18
CA ASP C 182 -17.74 -18.48 4.59
C ASP C 182 -17.41 -17.66 3.34
N ILE C 183 -18.22 -16.66 3.06
CA ILE C 183 -18.13 -15.92 1.81
C ILE C 183 -17.21 -14.72 2.03
N GLY C 184 -16.09 -14.69 1.32
CA GLY C 184 -15.06 -13.70 1.61
C GLY C 184 -14.29 -14.09 2.85
N CYS C 185 -13.79 -15.32 2.89
CA CYS C 185 -13.23 -15.92 4.10
C CYS C 185 -11.86 -15.38 4.51
N ALA C 186 -11.16 -14.66 3.61
CA ALA C 186 -9.77 -14.28 3.85
C ALA C 186 -8.94 -15.50 4.26
N GLU C 187 -8.07 -15.34 5.27
CA GLU C 187 -7.21 -16.46 5.64
C GLU C 187 -7.96 -17.60 6.31
N GLY C 188 -9.25 -17.43 6.61
CA GLY C 188 -10.07 -18.53 7.08
C GLY C 188 -10.20 -18.67 8.58
N THR C 189 -9.89 -17.63 9.35
CA THR C 189 -9.87 -17.71 10.81
C THR C 189 -11.22 -18.12 11.38
N VAL C 190 -12.30 -17.51 10.88
CA VAL C 190 -13.62 -17.78 11.42
C VAL C 190 -14.06 -19.20 11.10
N LEU C 191 -13.96 -19.59 9.82
CA LEU C 191 -14.36 -20.92 9.40
C LEU C 191 -13.56 -22.01 10.11
N ILE C 192 -12.25 -21.78 10.29
CA ILE C 192 -11.42 -22.77 10.96
C ILE C 192 -11.82 -22.91 12.43
N HIS C 193 -12.16 -21.79 13.09
CA HIS C 193 -12.61 -21.91 14.46
C HIS C 193 -13.96 -22.62 14.55
N LEU C 194 -14.87 -22.33 13.64
CA LEU C 194 -16.17 -23.02 13.62
C LEU C 194 -15.98 -24.52 13.51
N LEU C 195 -15.11 -24.96 12.61
CA LEU C 195 -14.89 -26.39 12.41
C LEU C 195 -14.18 -27.02 13.59
N GLU C 196 -13.23 -26.30 14.21
CA GLU C 196 -12.57 -26.83 15.40
C GLU C 196 -13.56 -27.00 16.55
N ARG C 197 -14.47 -26.05 16.72
CA ARG C 197 -15.45 -26.10 17.81
C ARG C 197 -16.56 -27.10 17.54
N HIS C 198 -16.84 -27.38 16.27
CA HIS C 198 -17.96 -28.24 15.86
C HIS C 198 -17.43 -29.32 14.92
N PRO C 199 -16.98 -30.46 15.46
CA PRO C 199 -16.30 -31.47 14.63
C PRO C 199 -17.14 -32.03 13.48
N HIS C 200 -18.47 -31.90 13.53
CA HIS C 200 -19.30 -32.46 12.46
C HIS C 200 -19.30 -31.60 11.20
N LEU C 201 -18.86 -30.35 11.29
CA LEU C 201 -19.02 -29.43 10.18
C LEU C 201 -17.98 -29.69 9.08
N ARG C 202 -18.44 -29.61 7.83
CA ARG C 202 -17.56 -29.45 6.69
C ARG C 202 -17.71 -28.02 6.18
N GLY C 203 -16.59 -27.42 5.80
CA GLY C 203 -16.59 -26.00 5.46
C GLY C 203 -15.88 -25.71 4.16
N THR C 204 -16.34 -24.65 3.50
CA THR C 204 -15.72 -24.12 2.29
C THR C 204 -15.46 -22.64 2.48
N GLY C 205 -14.21 -22.22 2.35
CA GLY C 205 -13.87 -20.81 2.39
C GLY C 205 -13.81 -20.28 0.96
N PHE C 206 -14.57 -19.22 0.69
CA PHE C 206 -14.70 -18.67 -0.65
C PHE C 206 -14.08 -17.28 -0.67
N ASP C 207 -13.12 -17.07 -1.57
CA ASP C 207 -12.47 -15.76 -1.68
C ASP C 207 -11.74 -15.70 -3.02
N LEU C 208 -11.11 -14.56 -3.27
CA LEU C 208 -10.33 -14.38 -4.50
C LEU C 208 -9.12 -15.32 -4.52
N ALA C 209 -8.68 -15.66 -5.73
CA ALA C 209 -7.59 -16.63 -5.89
C ALA C 209 -6.35 -16.22 -5.11
N ALA C 210 -6.05 -14.91 -5.09
CA ALA C 210 -4.83 -14.44 -4.43
C ALA C 210 -4.81 -14.78 -2.95
N VAL C 211 -5.98 -15.01 -2.35
CA VAL C 211 -6.09 -15.34 -0.93
C VAL C 211 -5.69 -16.78 -0.65
N ARG C 212 -5.71 -17.64 -1.65
CA ARG C 212 -5.48 -19.08 -1.43
C ARG C 212 -4.22 -19.38 -0.63
N PRO C 213 -3.05 -18.79 -0.89
CA PRO C 213 -1.88 -19.13 -0.08
C PRO C 213 -2.05 -18.88 1.42
N SER C 214 -2.66 -17.76 1.81
CA SER C 214 -2.80 -17.49 3.24
C SER C 214 -3.82 -18.44 3.88
N PHE C 215 -4.91 -18.75 3.17
CA PHE C 215 -5.85 -19.75 3.64
C PHE C 215 -5.19 -21.12 3.76
N GLN C 216 -4.38 -21.48 2.77
CA GLN C 216 -3.75 -22.80 2.78
C GLN C 216 -2.83 -22.98 3.97
N ARG C 217 -2.15 -21.91 4.40
CA ARG C 217 -1.28 -22.02 5.57
C ARG C 217 -2.09 -22.25 6.83
N ARG C 218 -3.14 -21.46 7.04
CA ARG C 218 -4.01 -21.68 8.19
C ARG C 218 -4.67 -23.05 8.13
N HIS C 219 -5.10 -23.48 6.94
CA HIS C 219 -5.69 -24.81 6.77
C HIS C 219 -4.69 -25.89 7.19
N GLU C 220 -3.46 -25.80 6.69
CA GLU C 220 -2.41 -26.74 7.08
C GLU C 220 -2.21 -26.76 8.59
N GLU C 221 -2.09 -25.58 9.20
CA GLU C 221 -1.82 -25.49 10.62
C GLU C 221 -2.96 -26.04 11.45
N SER C 222 -4.19 -25.99 10.95
CA SER C 222 -5.34 -26.45 11.69
C SER C 222 -5.43 -27.97 11.76
N GLY C 223 -4.83 -28.67 10.82
CA GLY C 223 -4.97 -30.12 10.74
C GLY C 223 -6.36 -30.59 10.36
N LEU C 224 -7.24 -29.69 9.90
CA LEU C 224 -8.61 -30.07 9.59
C LEU C 224 -8.69 -30.97 8.36
N GLY C 225 -7.66 -30.96 7.50
CA GLY C 225 -7.62 -31.90 6.39
C GLY C 225 -8.78 -31.69 5.42
N ASP C 226 -9.46 -32.78 5.07
CA ASP C 226 -10.47 -32.74 4.02
C ASP C 226 -11.82 -32.25 4.51
N ARG C 227 -11.96 -31.93 5.80
CA ARG C 227 -13.16 -31.28 6.29
C ARG C 227 -13.24 -29.83 5.83
N LEU C 228 -12.12 -29.24 5.41
CA LEU C 228 -12.06 -27.84 5.01
C LEU C 228 -11.53 -27.73 3.59
N ALA C 229 -12.10 -26.83 2.81
CA ALA C 229 -11.62 -26.63 1.46
C ALA C 229 -11.70 -25.15 1.12
N PHE C 230 -10.82 -24.71 0.24
CA PHE C 230 -10.87 -23.36 -0.29
C PHE C 230 -11.47 -23.40 -1.68
N ARG C 231 -12.31 -22.43 -1.99
CA ARG C 231 -12.78 -22.23 -3.36
C ARG C 231 -12.46 -20.80 -3.79
N ALA C 232 -11.63 -20.67 -4.80
CA ALA C 232 -11.36 -19.38 -5.39
C ALA C 232 -12.52 -18.96 -6.28
N GLY C 233 -12.89 -17.70 -6.19
CA GLY C 233 -13.98 -17.19 -7.00
C GLY C 233 -14.21 -15.72 -6.71
N ASP C 234 -14.98 -15.10 -7.59
CA ASP C 234 -15.37 -13.69 -7.50
C ASP C 234 -16.88 -13.68 -7.26
N PHE C 235 -17.31 -13.35 -6.03
CA PHE C 235 -18.73 -13.50 -5.77
C PHE C 235 -19.60 -12.47 -6.51
N PHE C 236 -19.02 -11.53 -7.24
CA PHE C 236 -19.80 -10.66 -8.12
C PHE C 236 -19.92 -11.21 -9.53
N ALA C 237 -19.32 -12.36 -9.82
CA ALA C 237 -19.41 -12.93 -11.16
C ALA C 237 -19.77 -14.41 -11.16
N GLU C 238 -19.82 -15.06 -10.00
CA GLU C 238 -20.01 -16.50 -9.87
C GLU C 238 -21.08 -16.81 -8.84
N PRO C 239 -21.77 -17.94 -8.97
CA PRO C 239 -22.61 -18.42 -7.88
C PRO C 239 -21.77 -18.74 -6.64
N LEU C 240 -22.43 -18.74 -5.49
CA LEU C 240 -21.74 -19.06 -4.25
C LEU C 240 -21.69 -20.57 -4.04
N PRO C 241 -20.78 -21.05 -3.19
CA PRO C 241 -20.80 -22.48 -2.84
C PRO C 241 -22.12 -22.85 -2.16
N GLN C 242 -22.62 -24.03 -2.49
CA GLN C 242 -23.80 -24.54 -1.82
C GLN C 242 -23.43 -25.12 -0.47
N ALA C 243 -24.17 -24.75 0.56
CA ALA C 243 -23.92 -25.24 1.91
C ALA C 243 -25.18 -25.04 2.73
N ASP C 244 -25.21 -25.64 3.92
CA ASP C 244 -26.37 -25.50 4.78
C ASP C 244 -26.41 -24.13 5.45
N ALA C 245 -25.26 -23.49 5.60
CA ALA C 245 -25.16 -22.17 6.22
C ALA C 245 -24.13 -21.36 5.45
N LEU C 246 -24.44 -20.09 5.18
CA LEU C 246 -23.50 -19.17 4.57
C LEU C 246 -23.22 -18.03 5.54
N VAL C 247 -21.95 -17.64 5.64
CA VAL C 247 -21.52 -16.59 6.56
C VAL C 247 -20.97 -15.41 5.77
N PHE C 248 -21.40 -14.21 6.14
CA PHE C 248 -20.97 -12.94 5.55
C PHE C 248 -20.43 -12.06 6.67
N GLY C 249 -19.13 -12.16 6.95
CA GLY C 249 -18.54 -11.28 7.95
C GLY C 249 -17.91 -10.04 7.35
N HIS C 250 -18.45 -8.85 7.65
CA HIS C 250 -17.93 -7.58 7.14
C HIS C 250 -17.76 -7.63 5.63
N ILE C 251 -18.78 -8.17 4.96
CA ILE C 251 -18.82 -8.26 3.50
C ILE C 251 -19.76 -7.21 2.92
N LEU C 252 -21.05 -7.26 3.31
CA LEU C 252 -22.05 -6.43 2.62
C LEU C 252 -21.77 -4.94 2.77
N SER C 253 -21.15 -4.54 3.89
CA SER C 253 -20.85 -3.14 4.13
C SER C 253 -19.80 -2.56 3.20
N ASN C 254 -19.08 -3.40 2.42
CA ASN C 254 -17.95 -2.88 1.65
C ASN C 254 -18.35 -2.17 0.37
N TRP C 255 -19.54 -2.43 -0.16
CA TRP C 255 -19.97 -1.84 -1.42
C TRP C 255 -21.40 -1.34 -1.27
N ALA C 256 -21.88 -0.74 -2.36
CA ALA C 256 -23.19 -0.12 -2.38
C ALA C 256 -24.28 -1.18 -2.25
N LEU C 257 -25.47 -0.71 -1.88
CA LEU C 257 -26.60 -1.60 -1.63
C LEU C 257 -26.93 -2.55 -2.77
N PRO C 258 -26.92 -2.16 -4.05
CA PRO C 258 -27.25 -3.15 -5.09
C PRO C 258 -26.35 -4.37 -5.07
N LYS C 259 -25.08 -4.21 -4.70
CA LYS C 259 -24.18 -5.36 -4.65
C LYS C 259 -24.51 -6.26 -3.47
N ALA C 260 -24.82 -5.66 -2.32
CA ALA C 260 -25.24 -6.43 -1.17
C ALA C 260 -26.51 -7.22 -1.47
N LYS C 261 -27.47 -6.58 -2.15
CA LYS C 261 -28.71 -7.28 -2.49
C LYS C 261 -28.45 -8.40 -3.48
N THR C 262 -27.46 -8.22 -4.36
CA THR C 262 -27.06 -9.30 -5.26
C THR C 262 -26.48 -10.47 -4.48
N LEU C 263 -25.64 -10.18 -3.48
CA LEU C 263 -25.05 -11.25 -2.68
C LEU C 263 -26.12 -12.00 -1.88
N LEU C 264 -27.12 -11.29 -1.37
CA LEU C 264 -28.17 -11.97 -0.62
C LEU C 264 -29.03 -12.81 -1.54
N ARG C 265 -29.29 -12.33 -2.76
CA ARG C 265 -29.96 -13.15 -3.75
C ARG C 265 -29.17 -14.44 -4.01
N LYS C 266 -27.85 -14.32 -4.18
CA LYS C 266 -27.02 -15.49 -4.43
C LYS C 266 -26.96 -16.41 -3.23
N ALA C 267 -27.00 -15.85 -2.02
CA ALA C 267 -27.00 -16.69 -0.82
C ALA C 267 -28.28 -17.50 -0.73
N HIS C 268 -29.42 -16.86 -1.01
CA HIS C 268 -30.68 -17.58 -1.05
C HIS C 268 -30.65 -18.74 -2.05
N GLU C 269 -30.02 -18.54 -3.20
CA GLU C 269 -29.97 -19.61 -4.20
C GLU C 269 -29.03 -20.73 -3.78
N ALA C 270 -27.99 -20.42 -3.00
CA ALA C 270 -27.02 -21.41 -2.59
C ALA C 270 -27.50 -22.27 -1.41
N LEU C 271 -28.55 -21.82 -0.67
CA LEU C 271 -28.96 -22.52 0.54
C LEU C 271 -30.09 -23.51 0.25
N PRO C 272 -30.18 -24.56 1.05
CA PRO C 272 -31.38 -25.42 1.01
C PRO C 272 -32.50 -24.81 1.84
N GLU C 273 -33.71 -25.32 1.63
CA GLU C 273 -34.81 -24.97 2.51
C GLU C 273 -34.40 -25.23 3.96
N GLY C 274 -34.59 -24.22 4.81
CA GLY C 274 -34.17 -24.30 6.19
C GLY C 274 -32.72 -23.96 6.44
N GLY C 275 -31.94 -23.71 5.39
CA GLY C 275 -30.60 -23.20 5.57
C GLY C 275 -30.60 -21.78 6.12
N ILE C 276 -29.46 -21.37 6.65
CA ILE C 276 -29.37 -20.04 7.25
C ILE C 276 -28.28 -19.22 6.58
N VAL C 277 -28.49 -17.91 6.54
CA VAL C 277 -27.46 -16.95 6.22
C VAL C 277 -27.16 -16.16 7.50
N VAL C 278 -25.88 -15.93 7.75
CA VAL C 278 -25.42 -15.25 8.96
C VAL C 278 -24.59 -14.05 8.52
N ILE C 279 -25.03 -12.85 8.89
CA ILE C 279 -24.38 -11.61 8.50
C ILE C 279 -23.93 -10.89 9.75
N TYR C 280 -22.66 -10.51 9.83
CA TYR C 280 -22.25 -9.75 11.00
C TYR C 280 -21.42 -8.54 10.60
N GLU C 281 -21.60 -7.48 11.37
CA GLU C 281 -21.08 -6.15 11.08
C GLU C 281 -20.99 -5.40 12.40
N THR C 282 -20.39 -4.22 12.35
CA THR C 282 -20.51 -3.24 13.43
CA THR C 282 -20.52 -3.26 13.44
C THR C 282 -21.78 -2.43 13.19
N LEU C 283 -22.91 -3.12 13.35
CA LEU C 283 -24.21 -2.56 13.00
C LEU C 283 -24.52 -1.30 13.80
N ILE C 284 -25.15 -0.34 13.15
CA ILE C 284 -25.74 0.79 13.83
C ILE C 284 -27.05 0.33 14.49
N ASP C 285 -27.39 0.91 15.64
CA ASP C 285 -28.68 0.65 16.26
C ASP C 285 -29.82 1.09 15.35
N ASP C 286 -30.98 0.43 15.48
CA ASP C 286 -32.04 0.67 14.50
C ASP C 286 -32.49 2.12 14.48
N GLU C 287 -32.48 2.80 15.63
CA GLU C 287 -32.88 4.21 15.69
C GLU C 287 -31.76 5.17 15.32
N ARG C 288 -30.56 4.68 15.01
CA ARG C 288 -29.46 5.51 14.51
C ARG C 288 -29.17 6.68 15.45
N ARG C 289 -29.08 6.37 16.75
CA ARG C 289 -28.81 7.43 17.71
C ARG C 289 -27.97 6.99 18.90
N GLU C 290 -27.44 5.77 18.91
CA GLU C 290 -26.79 5.27 20.11
C GLU C 290 -25.45 4.60 19.86
N ASN C 291 -25.31 3.83 18.78
CA ASN C 291 -24.16 2.94 18.57
C ASN C 291 -23.02 3.73 17.95
N VAL C 292 -22.15 4.26 18.82
CA VAL C 292 -21.04 5.09 18.35
C VAL C 292 -20.07 4.31 17.47
N PRO C 293 -19.62 3.10 17.84
CA PRO C 293 -18.72 2.38 16.93
C PRO C 293 -19.34 2.12 15.56
N GLY C 294 -20.64 1.79 15.50
CA GLY C 294 -21.26 1.54 14.21
C GLY C 294 -21.37 2.80 13.35
N LEU C 295 -21.74 3.93 13.97
CA LEU C 295 -21.81 5.18 13.21
C LEU C 295 -20.42 5.66 12.80
N LEU C 296 -19.43 5.52 13.68
CA LEU C 296 -18.06 5.87 13.27
C LEU C 296 -17.58 4.96 12.15
N MET C 297 -17.97 3.68 12.18
CA MET C 297 -17.59 2.77 11.09
C MET C 297 -18.19 3.22 9.75
N SER C 298 -19.39 3.80 9.77
CA SER C 298 -19.97 4.32 8.53
CA SER C 298 -19.94 4.30 8.52
C SER C 298 -19.10 5.44 7.97
N LEU C 299 -18.48 6.23 8.85
CA LEU C 299 -17.58 7.29 8.39
C LEU C 299 -16.23 6.71 7.97
N THR C 300 -15.77 5.65 8.65
CA THR C 300 -14.63 4.90 8.17
C THR C 300 -14.85 4.41 6.74
N MET C 301 -16.04 3.86 6.46
CA MET C 301 -16.30 3.35 5.12
C MET C 301 -16.26 4.48 4.09
N LEU C 302 -16.77 5.66 4.46
CA LEU C 302 -16.65 6.85 3.62
C LEU C 302 -15.20 7.12 3.26
N LEU C 303 -14.32 7.14 4.27
CA LEU C 303 -12.93 7.51 4.04
C LEU C 303 -12.16 6.42 3.32
N GLU C 304 -12.59 5.16 3.46
CA GLU C 304 -11.80 4.05 2.94
C GLU C 304 -12.30 3.49 1.60
N THR C 305 -13.56 3.70 1.25
CA THR C 305 -14.15 2.99 0.11
C THR C 305 -14.98 3.91 -0.76
N PRO C 306 -15.14 3.56 -2.04
CA PRO C 306 -16.05 4.35 -2.90
C PRO C 306 -17.52 4.22 -2.52
N GLY C 307 -17.95 3.07 -2.04
CA GLY C 307 -19.37 2.84 -1.89
C GLY C 307 -19.79 2.11 -0.63
N GLY C 308 -18.84 1.83 0.26
CA GLY C 308 -19.18 1.13 1.48
C GLY C 308 -20.01 1.99 2.41
N PHE C 309 -20.69 1.31 3.34
CA PHE C 309 -21.60 1.99 4.26
C PHE C 309 -21.89 1.07 5.43
N GLU C 310 -22.24 1.64 6.57
CA GLU C 310 -22.71 0.85 7.69
C GLU C 310 -24.23 0.95 7.74
N TYR C 311 -24.86 -0.11 8.26
CA TYR C 311 -26.32 -0.18 8.24
C TYR C 311 -26.82 -0.71 9.57
N THR C 312 -28.15 -0.83 9.68
CA THR C 312 -28.83 -1.28 10.89
C THR C 312 -29.38 -2.69 10.68
N GLY C 313 -29.61 -3.37 11.80
CA GLY C 313 -30.28 -4.67 11.74
C GLY C 313 -31.62 -4.59 11.02
N ALA C 314 -32.43 -3.59 11.34
CA ALA C 314 -33.70 -3.41 10.64
C ALA C 314 -33.50 -3.27 9.13
N ASP C 315 -32.51 -2.48 8.71
CA ASP C 315 -32.19 -2.36 7.28
C ASP C 315 -31.97 -3.74 6.67
N CYS C 316 -31.13 -4.53 7.31
CA CYS C 316 -30.71 -5.83 6.76
C CYS C 316 -31.87 -6.82 6.74
N ARG C 317 -32.69 -6.83 7.79
CA ARG C 317 -33.88 -7.69 7.78
C ARG C 317 -34.78 -7.39 6.59
N GLU C 318 -34.91 -6.11 6.23
CA GLU C 318 -35.64 -5.73 5.03
C GLU C 318 -35.04 -6.35 3.77
N TRP C 319 -33.72 -6.21 3.58
CA TRP C 319 -33.09 -6.81 2.40
C TRP C 319 -33.32 -8.31 2.37
N LEU C 320 -33.19 -8.97 3.52
CA LEU C 320 -33.37 -10.41 3.58
C LEU C 320 -34.80 -10.80 3.22
N ALA C 321 -35.79 -10.04 3.71
CA ALA C 321 -37.17 -10.30 3.33
C ALA C 321 -37.35 -10.14 1.83
N ASP C 322 -36.79 -9.07 1.25
CA ASP C 322 -36.92 -8.87 -0.19
C ASP C 322 -36.16 -9.91 -0.98
N ALA C 323 -35.13 -10.52 -0.40
CA ALA C 323 -34.45 -11.65 -1.04
C ALA C 323 -35.20 -12.97 -0.87
N GLY C 324 -36.29 -12.97 -0.12
CA GLY C 324 -37.13 -14.14 0.00
C GLY C 324 -36.90 -15.01 1.21
N PHE C 325 -36.09 -14.58 2.17
CA PHE C 325 -35.90 -15.37 3.38
C PHE C 325 -37.14 -15.32 4.25
N ARG C 326 -37.45 -16.45 4.90
CA ARG C 326 -38.74 -16.58 5.59
C ARG C 326 -38.76 -15.81 6.89
N GLU C 327 -37.67 -15.85 7.65
CA GLU C 327 -37.64 -15.28 8.98
C GLU C 327 -36.22 -14.78 9.24
N SER C 328 -36.10 -13.76 10.09
CA SER C 328 -34.80 -13.17 10.39
C SER C 328 -34.84 -12.53 11.76
N ARG C 329 -33.65 -12.35 12.33
CA ARG C 329 -33.52 -11.73 13.64
C ARG C 329 -32.15 -11.07 13.76
N VAL C 330 -32.07 -10.11 14.68
CA VAL C 330 -30.83 -9.40 14.99
C VAL C 330 -30.38 -9.88 16.36
N GLN C 331 -29.06 -10.02 16.53
CA GLN C 331 -28.53 -10.57 17.77
C GLN C 331 -27.15 -9.99 18.01
N TYR C 332 -26.90 -9.55 19.24
CA TYR C 332 -25.55 -9.19 19.67
C TYR C 332 -24.59 -10.35 19.42
N LEU C 333 -23.37 -10.02 18.98
CA LEU C 333 -22.35 -11.03 18.75
C LEU C 333 -21.21 -10.91 19.75
N ALA C 334 -20.37 -9.88 19.63
CA ALA C 334 -19.27 -9.67 20.58
C ALA C 334 -18.67 -8.28 20.36
N GLY C 335 -18.31 -7.62 21.45
CA GLY C 335 -17.79 -6.27 21.38
C GLY C 335 -18.70 -5.35 20.60
N PRO C 336 -18.18 -4.68 19.58
CA PRO C 336 -19.03 -3.81 18.76
C PRO C 336 -19.78 -4.52 17.64
N GLU C 337 -19.64 -5.84 17.51
CA GLU C 337 -20.24 -6.58 16.40
C GLU C 337 -21.60 -7.14 16.79
N SER C 338 -22.52 -7.12 15.82
CA SER C 338 -23.81 -7.78 15.95
C SER C 338 -24.10 -8.53 14.66
N MET C 339 -25.06 -9.44 14.72
CA MET C 339 -25.35 -10.25 13.54
C MET C 339 -26.82 -10.26 13.21
N VAL C 340 -27.10 -10.51 11.94
CA VAL C 340 -28.44 -10.76 11.44
C VAL C 340 -28.46 -12.17 10.89
N ILE C 341 -29.45 -12.96 11.32
CA ILE C 341 -29.55 -14.36 10.95
C ILE C 341 -30.91 -14.55 10.28
N ALA C 342 -30.93 -15.26 9.16
CA ALA C 342 -32.15 -15.47 8.42
C ALA C 342 -32.21 -16.91 7.92
N THR C 343 -33.42 -17.45 7.83
CA THR C 343 -33.64 -18.82 7.39
C THR C 343 -34.33 -18.81 6.03
N LYS C 344 -33.87 -19.65 5.12
CA LYS C 344 -34.52 -19.78 3.83
C LYS C 344 -35.80 -20.55 3.97
N PRO D 12 21.45 -15.88 -36.50
CA PRO D 12 20.98 -15.83 -35.12
C PRO D 12 20.50 -14.45 -34.67
N ALA D 13 20.26 -13.55 -35.64
CA ALA D 13 19.74 -12.24 -35.29
C ALA D 13 18.26 -12.33 -34.90
N ILE D 14 17.44 -12.94 -35.75
CA ILE D 14 16.02 -13.13 -35.42
C ILE D 14 15.87 -14.04 -34.21
N ASP D 15 16.79 -15.01 -34.04
CA ASP D 15 16.73 -15.87 -32.86
C ASP D 15 17.00 -15.06 -31.59
N ARG D 16 17.87 -14.07 -31.67
CA ARG D 16 18.07 -13.17 -30.53
C ARG D 16 16.80 -12.37 -30.25
N LEU D 17 16.16 -11.85 -31.30
CA LEU D 17 14.94 -11.06 -31.09
C LEU D 17 13.82 -11.92 -30.50
N LEU D 18 13.66 -13.14 -31.01
CA LEU D 18 12.59 -14.01 -30.49
C LEU D 18 12.85 -14.40 -29.05
N GLN D 19 14.11 -14.62 -28.68
CA GLN D 19 14.43 -14.91 -27.29
C GLN D 19 13.97 -13.77 -26.37
N ILE D 20 14.15 -12.53 -26.80
CA ILE D 20 13.68 -11.39 -26.01
C ILE D 20 12.16 -11.35 -25.98
N ALA D 21 11.53 -11.42 -27.15
CA ALA D 21 10.09 -11.21 -27.24
C ALA D 21 9.31 -12.23 -26.41
N THR D 22 9.82 -13.46 -26.31
CA THR D 22 9.14 -14.52 -25.56
C THR D 22 9.79 -14.77 -24.20
N GLY D 23 10.60 -13.82 -23.72
CA GLY D 23 11.24 -13.98 -22.42
C GLY D 23 10.27 -14.03 -21.26
N PHE D 24 9.01 -13.63 -21.45
CA PHE D 24 8.04 -13.69 -20.36
C PHE D 24 7.82 -15.13 -19.89
N MET D 25 7.99 -16.11 -20.78
CA MET D 25 7.75 -17.51 -20.42
C MET D 25 8.85 -18.04 -19.49
N ALA D 26 10.11 -17.98 -19.93
CA ALA D 26 11.21 -18.38 -19.05
C ALA D 26 11.17 -17.63 -17.73
N SER D 27 10.83 -16.34 -17.79
CA SER D 27 10.66 -15.55 -16.57
CA SER D 27 10.66 -15.55 -16.58
C SER D 27 9.63 -16.19 -15.65
N LYS D 28 8.43 -16.46 -16.18
CA LYS D 28 7.35 -16.99 -15.34
C LYS D 28 7.74 -18.32 -14.71
N VAL D 29 8.47 -19.16 -15.44
CA VAL D 29 8.91 -20.43 -14.87
C VAL D 29 9.76 -20.19 -13.61
N LEU D 30 10.71 -19.26 -13.71
CA LEU D 30 11.58 -18.96 -12.59
C LEU D 30 10.84 -18.23 -11.47
N LEU D 31 9.93 -17.31 -11.83
CA LEU D 31 9.19 -16.57 -10.81
C LEU D 31 8.29 -17.50 -10.01
N VAL D 32 7.66 -18.48 -10.68
CA VAL D 32 6.76 -19.39 -9.99
C VAL D 32 7.56 -20.35 -9.12
N ALA D 33 8.72 -20.81 -9.62
CA ALA D 33 9.60 -21.63 -8.79
C ALA D 33 9.97 -20.90 -7.50
N ALA D 34 10.18 -19.59 -7.57
CA ALA D 34 10.51 -18.83 -6.37
C ALA D 34 9.32 -18.69 -5.43
N SER D 35 8.13 -18.40 -5.98
CA SER D 35 6.93 -18.29 -5.14
C SER D 35 6.58 -19.61 -4.48
N LEU D 36 6.94 -20.73 -5.12
CA LEU D 36 6.74 -22.05 -4.54
C LEU D 36 7.80 -22.41 -3.52
N GLY D 37 8.90 -21.66 -3.43
CA GLY D 37 9.99 -22.06 -2.58
C GLY D 37 10.65 -23.33 -3.04
N LEU D 38 10.62 -23.62 -4.34
CA LEU D 38 11.14 -24.88 -4.87
C LEU D 38 12.60 -25.06 -4.49
N PHE D 39 13.40 -24.01 -4.59
CA PHE D 39 14.83 -24.12 -4.30
C PHE D 39 15.08 -24.33 -2.80
N THR D 40 14.24 -23.74 -1.95
CA THR D 40 14.34 -23.99 -0.52
C THR D 40 14.06 -25.45 -0.20
N GLU D 41 13.08 -26.06 -0.88
CA GLU D 41 12.78 -27.46 -0.67
C GLU D 41 13.97 -28.35 -1.04
N LEU D 42 14.84 -27.88 -1.93
CA LEU D 42 16.02 -28.63 -2.34
C LEU D 42 17.24 -28.35 -1.47
N ALA D 43 17.13 -27.45 -0.50
CA ALA D 43 18.29 -27.05 0.28
C ALA D 43 18.89 -28.22 1.05
N ALA D 44 18.03 -29.07 1.64
CA ALA D 44 18.51 -30.21 2.41
C ALA D 44 19.16 -31.29 1.53
N GLY D 45 18.94 -31.26 0.22
CA GLY D 45 19.53 -32.21 -0.68
C GLY D 45 18.64 -32.51 -1.87
N PRO D 46 19.17 -33.25 -2.84
CA PRO D 46 18.38 -33.55 -4.06
C PRO D 46 17.11 -34.33 -3.74
N LEU D 47 16.13 -34.16 -4.61
CA LEU D 47 14.86 -34.88 -4.53
C LEU D 47 14.48 -35.39 -5.92
N ARG D 48 13.82 -36.54 -5.94
CA ARG D 48 13.31 -37.06 -7.21
C ARG D 48 12.06 -36.28 -7.62
N GLY D 49 11.66 -36.46 -8.88
CA GLY D 49 10.54 -35.68 -9.40
C GLY D 49 9.28 -35.84 -8.58
N GLU D 50 8.87 -37.10 -8.33
CA GLU D 50 7.65 -37.35 -7.58
C GLU D 50 7.75 -36.84 -6.15
N GLU D 51 8.93 -36.96 -5.53
CA GLU D 51 9.11 -36.45 -4.18
C GLU D 51 8.99 -34.93 -4.15
N LEU D 52 9.70 -34.26 -5.06
CA LEU D 52 9.60 -32.80 -5.15
C LEU D 52 8.17 -32.38 -5.51
N ARG D 53 7.56 -33.07 -6.47
CA ARG D 53 6.17 -32.81 -6.84
C ARG D 53 5.26 -32.81 -5.63
N ALA D 54 5.31 -33.88 -4.83
CA ALA D 54 4.42 -34.00 -3.67
C ALA D 54 4.72 -32.92 -2.63
N ARG D 55 5.99 -32.63 -2.37
CA ARG D 55 6.33 -31.60 -1.41
C ARG D 55 5.83 -30.21 -1.83
N LEU D 56 5.59 -30.00 -3.13
CA LEU D 56 5.09 -28.71 -3.62
C LEU D 56 3.60 -28.73 -3.93
N ARG D 57 2.93 -29.87 -3.77
CA ARG D 57 1.49 -30.01 -4.04
C ARG D 57 1.16 -29.61 -5.48
N LEU D 58 1.94 -30.15 -6.42
CA LEU D 58 1.74 -29.89 -7.84
C LEU D 58 1.12 -31.11 -8.52
N HIS D 59 0.32 -30.87 -9.54
CA HIS D 59 -0.33 -31.95 -10.27
C HIS D 59 0.70 -32.74 -11.06
N PRO D 60 0.53 -34.06 -11.20
CA PRO D 60 1.52 -34.86 -11.93
C PRO D 60 1.62 -34.55 -13.41
N ARG D 61 0.60 -33.93 -14.01
CA ARG D 61 0.59 -33.75 -15.46
C ARG D 61 1.83 -33.01 -15.95
N SER D 62 2.20 -31.92 -15.28
CA SER D 62 3.21 -31.02 -15.81
C SER D 62 4.35 -30.75 -14.82
N ALA D 63 4.38 -31.42 -13.68
CA ALA D 63 5.43 -31.16 -12.70
C ALA D 63 6.81 -31.44 -13.30
N ARG D 64 6.96 -32.61 -13.92
CA ARG D 64 8.25 -32.95 -14.52
C ARG D 64 8.63 -31.98 -15.64
N ASP D 65 7.65 -31.55 -16.46
CA ASP D 65 7.94 -30.55 -17.49
C ASP D 65 8.46 -29.26 -16.86
N PHE D 66 7.83 -28.83 -15.77
CA PHE D 66 8.25 -27.63 -15.05
C PHE D 66 9.67 -27.80 -14.51
N PHE D 67 9.90 -28.89 -13.77
CA PHE D 67 11.24 -29.18 -13.24
C PHE D 67 12.28 -29.24 -14.35
N ASP D 68 11.96 -29.91 -15.46
CA ASP D 68 12.94 -30.03 -16.53
C ASP D 68 13.17 -28.70 -17.25
N THR D 69 12.17 -27.83 -17.29
CA THR D 69 12.39 -26.49 -17.84
C THR D 69 13.45 -25.75 -17.04
N LEU D 70 13.38 -25.84 -15.71
CA LEU D 70 14.36 -25.17 -14.86
C LEU D 70 15.77 -25.73 -15.09
N VAL D 71 15.89 -27.06 -15.25
CA VAL D 71 17.18 -27.65 -15.61
C VAL D 71 17.66 -27.08 -16.94
N ALA D 72 16.76 -26.98 -17.92
CA ALA D 72 17.16 -26.50 -19.24
C ALA D 72 17.55 -25.03 -19.20
N LEU D 73 16.92 -24.25 -18.33
CA LEU D 73 17.31 -22.86 -18.13
C LEU D 73 18.62 -22.72 -17.35
N GLY D 74 19.12 -23.81 -16.76
CA GLY D 74 20.36 -23.77 -16.01
C GLY D 74 20.24 -23.34 -14.57
N VAL D 75 19.06 -23.48 -13.95
CA VAL D 75 18.86 -23.09 -12.56
C VAL D 75 18.64 -24.29 -11.65
N LEU D 76 18.37 -25.46 -12.20
CA LEU D 76 18.41 -26.71 -11.46
C LEU D 76 19.41 -27.66 -12.11
N GLU D 77 19.91 -28.59 -11.31
CA GLU D 77 20.67 -29.73 -11.81
C GLU D 77 19.79 -30.97 -11.76
N ARG D 78 20.14 -31.96 -12.58
CA ARG D 78 19.49 -33.26 -12.54
C ARG D 78 20.53 -34.33 -12.83
N THR D 79 20.72 -35.23 -11.88
CA THR D 79 21.68 -36.33 -12.01
C THR D 79 20.93 -37.63 -11.71
N ASN D 80 20.92 -38.53 -12.70
CA ASN D 80 20.24 -39.83 -12.58
C ASN D 80 18.82 -39.67 -12.06
N GLY D 81 18.15 -38.61 -12.49
CA GLY D 81 16.78 -38.36 -12.11
C GLY D 81 16.58 -37.67 -10.78
N ALA D 82 17.62 -37.05 -10.22
CA ALA D 82 17.51 -36.36 -8.93
C ALA D 82 17.76 -34.87 -9.15
N TYR D 83 16.73 -34.07 -8.92
CA TYR D 83 16.85 -32.62 -9.11
C TYR D 83 17.54 -31.98 -7.91
N ALA D 84 18.45 -31.05 -8.20
CA ALA D 84 19.22 -30.39 -7.16
C ALA D 84 19.48 -28.93 -7.53
N ASN D 85 19.71 -28.12 -6.49
CA ASN D 85 20.09 -26.73 -6.70
C ASN D 85 21.41 -26.63 -7.43
N THR D 86 21.52 -25.62 -8.29
CA THR D 86 22.82 -25.19 -8.77
C THR D 86 23.50 -24.36 -7.68
N PRO D 87 24.80 -24.14 -7.77
CA PRO D 87 25.48 -23.31 -6.75
C PRO D 87 24.85 -21.95 -6.56
N ALA D 88 24.28 -21.35 -7.62
CA ALA D 88 23.68 -20.03 -7.49
C ALA D 88 22.36 -20.09 -6.76
N THR D 89 21.48 -21.03 -7.14
CA THR D 89 20.18 -21.12 -6.48
C THR D 89 20.32 -21.59 -5.03
N ALA D 90 21.29 -22.46 -4.74
CA ALA D 90 21.53 -22.84 -3.37
C ALA D 90 22.02 -21.67 -2.53
N GLN D 91 22.79 -20.77 -3.14
CA GLN D 91 23.34 -19.64 -2.39
C GLN D 91 22.33 -18.50 -2.26
N TYR D 92 21.58 -18.20 -3.33
CA TYR D 92 20.79 -16.98 -3.39
C TYR D 92 19.29 -17.19 -3.44
N LEU D 93 18.79 -18.42 -3.53
CA LEU D 93 17.36 -18.63 -3.71
C LEU D 93 16.77 -19.56 -2.66
N VAL D 94 17.51 -19.80 -1.57
CA VAL D 94 17.02 -20.58 -0.45
C VAL D 94 16.58 -19.62 0.64
N ARG D 95 15.30 -19.69 1.02
CA ARG D 95 14.77 -18.82 2.07
C ARG D 95 15.48 -19.08 3.39
N GLY D 96 15.57 -18.03 4.21
CA GLY D 96 16.21 -18.13 5.50
C GLY D 96 17.67 -17.75 5.53
N LYS D 97 18.35 -17.77 4.38
CA LYS D 97 19.76 -17.40 4.33
C LYS D 97 19.89 -15.88 4.20
N SER D 98 20.94 -15.33 4.80
CA SER D 98 21.15 -13.90 4.76
C SER D 98 21.39 -13.39 3.34
N ALA D 99 21.87 -14.25 2.44
CA ALA D 99 22.12 -13.86 1.06
C ALA D 99 20.89 -14.01 0.15
N TYR D 100 19.78 -14.51 0.69
CA TYR D 100 18.59 -14.75 -0.11
C TYR D 100 18.18 -13.53 -0.92
N LEU D 101 18.07 -13.70 -2.24
CA LEU D 101 17.59 -12.67 -3.16
C LEU D 101 16.24 -13.03 -3.77
N GLY D 102 15.67 -14.18 -3.40
CA GLY D 102 14.45 -14.63 -4.04
C GLY D 102 13.26 -13.72 -3.83
N GLY D 103 13.33 -12.83 -2.84
CA GLY D 103 12.26 -11.85 -2.67
C GLY D 103 12.01 -11.02 -3.91
N LEU D 104 13.06 -10.78 -4.72
CA LEU D 104 12.87 -10.06 -5.99
C LEU D 104 11.97 -10.85 -6.92
N LEU D 105 12.20 -12.16 -7.00
CA LEU D 105 11.38 -13.01 -7.86
C LEU D 105 9.98 -13.17 -7.30
N GLU D 106 9.87 -13.38 -5.98
CA GLU D 106 8.55 -13.47 -5.35
C GLU D 106 7.72 -12.23 -5.65
N MET D 107 8.29 -11.04 -5.48
CA MET D 107 7.52 -9.82 -5.72
C MET D 107 7.26 -9.60 -7.20
N SER D 108 8.21 -9.94 -8.07
CA SER D 108 7.93 -9.90 -9.50
C SER D 108 6.76 -10.81 -9.84
N ASP D 109 6.72 -12.01 -9.26
CA ASP D 109 5.65 -12.94 -9.54
C ASP D 109 4.33 -12.43 -9.00
N ALA D 110 4.33 -11.91 -7.78
CA ALA D 110 3.10 -11.47 -7.13
C ALA D 110 2.56 -10.16 -7.67
N ARG D 111 3.41 -9.33 -8.29
CA ARG D 111 3.00 -7.96 -8.57
C ARG D 111 3.54 -7.40 -9.89
N MET D 112 4.85 -7.45 -10.11
CA MET D 112 5.41 -6.69 -11.22
C MET D 112 5.07 -7.31 -12.56
N TYR D 113 4.92 -8.64 -12.62
CA TYR D 113 4.60 -9.29 -13.88
C TYR D 113 3.28 -8.78 -14.43
N GLU D 114 2.25 -8.75 -13.57
CA GLU D 114 0.95 -8.25 -14.00
C GLU D 114 1.01 -6.75 -14.28
N LEU D 115 1.78 -6.00 -13.49
CA LEU D 115 1.92 -4.56 -13.74
C LEU D 115 2.42 -4.31 -15.15
N TRP D 116 3.49 -5.00 -15.54
CA TRP D 116 4.03 -4.79 -16.88
C TRP D 116 3.08 -5.25 -17.97
N GLY D 117 2.14 -6.14 -17.65
CA GLY D 117 1.07 -6.50 -18.56
C GLY D 117 0.28 -5.31 -19.03
N ARG D 118 0.34 -4.20 -18.29
CA ARG D 118 -0.37 -2.97 -18.61
C ARG D 118 0.53 -1.91 -19.24
N LEU D 119 1.69 -2.31 -19.75
CA LEU D 119 2.60 -1.37 -20.39
C LEU D 119 1.89 -0.59 -21.49
N ASP D 120 1.11 -1.28 -22.33
CA ASP D 120 0.44 -0.60 -23.45
C ASP D 120 -0.47 0.51 -22.97
N GLU D 121 -1.26 0.23 -21.92
CA GLU D 121 -2.14 1.27 -21.39
C GLU D 121 -1.33 2.42 -20.80
N GLY D 122 -0.24 2.10 -20.10
CA GLY D 122 0.62 3.15 -19.58
C GLY D 122 1.21 4.01 -20.69
N LEU D 123 1.67 3.38 -21.77
CA LEU D 123 2.25 4.14 -22.87
C LEU D 123 1.20 5.00 -23.57
N ARG D 124 -0.04 4.51 -23.64
CA ARG D 124 -1.09 5.28 -24.32
C ARG D 124 -1.59 6.44 -23.46
N THR D 125 -1.68 6.25 -22.14
CA THR D 125 -2.29 7.24 -21.27
C THR D 125 -1.30 8.16 -20.56
N GLY D 126 -0.03 7.77 -20.47
CA GLY D 126 0.88 8.49 -19.60
C GLY D 126 0.63 8.32 -18.12
N ASN D 127 -0.29 7.43 -17.71
CA ASN D 127 -0.67 7.31 -16.31
C ASN D 127 -0.18 5.99 -15.69
N PRO D 128 0.09 5.98 -14.39
CA PRO D 128 0.56 4.74 -13.76
C PRO D 128 -0.54 3.69 -13.74
N GLN D 129 -0.11 2.43 -13.66
CA GLN D 129 -1.01 1.31 -13.86
C GLN D 129 -1.12 0.41 -12.63
N ASN D 130 -0.63 0.88 -11.48
CA ASN D 130 -0.53 0.08 -10.25
C ASN D 130 -1.70 0.31 -9.29
N GLY D 135 -11.00 -0.36 -3.08
CA GLY D 135 -11.62 -0.14 -4.37
C GLY D 135 -12.47 -1.32 -4.82
N GLU D 136 -11.90 -2.18 -5.65
CA GLU D 136 -12.61 -3.39 -6.07
C GLU D 136 -12.65 -4.41 -4.93
N GLU D 137 -11.55 -4.59 -4.22
CA GLU D 137 -11.50 -5.50 -3.08
C GLU D 137 -12.11 -4.80 -1.87
N GLY D 138 -11.95 -5.39 -0.69
CA GLY D 138 -12.54 -4.84 0.52
C GLY D 138 -11.67 -3.78 1.17
N ILE D 139 -12.19 -3.24 2.28
CA ILE D 139 -11.43 -2.31 3.11
C ILE D 139 -10.13 -2.98 3.56
N TYR D 140 -9.05 -2.20 3.60
CA TYR D 140 -7.72 -2.62 4.05
C TYR D 140 -7.06 -3.63 3.12
N ALA D 141 -7.57 -3.77 1.89
CA ALA D 141 -7.01 -4.76 0.96
C ALA D 141 -5.50 -4.58 0.80
N THR D 142 -5.04 -3.34 0.64
CA THR D 142 -3.62 -3.10 0.49
C THR D 142 -2.84 -3.47 1.75
N LEU D 143 -3.45 -3.32 2.91
CA LEU D 143 -2.75 -3.60 4.15
C LEU D 143 -2.67 -5.10 4.43
N TYR D 144 -3.22 -5.95 3.56
CA TYR D 144 -3.26 -7.38 3.81
C TYR D 144 -2.29 -8.16 2.92
N ASP D 145 -1.33 -7.48 2.32
CA ASP D 145 -0.31 -8.17 1.54
C ASP D 145 0.65 -8.93 2.45
N ASP D 146 1.18 -10.03 1.92
CA ASP D 146 2.13 -10.92 2.58
C ASP D 146 3.31 -10.11 3.13
N PRO D 147 3.40 -9.92 4.44
CA PRO D 147 4.51 -9.14 4.99
C PRO D 147 5.85 -9.84 4.87
N ASP D 148 5.87 -11.18 4.91
CA ASP D 148 7.11 -11.92 4.72
C ASP D 148 7.67 -11.73 3.31
N ARG D 149 6.78 -11.72 2.31
CA ARG D 149 7.24 -11.46 0.94
C ARG D 149 7.74 -10.03 0.80
N LEU D 150 7.03 -9.09 1.40
CA LEU D 150 7.48 -7.69 1.36
C LEU D 150 8.86 -7.55 2.01
N ASP D 151 9.04 -8.19 3.16
CA ASP D 151 10.34 -8.12 3.84
C ASP D 151 11.44 -8.72 2.98
N ALA D 152 11.16 -9.88 2.34
CA ALA D 152 12.15 -10.53 1.49
C ALA D 152 12.52 -9.66 0.30
N PHE D 153 11.53 -8.98 -0.28
CA PHE D 153 11.79 -8.09 -1.40
C PHE D 153 12.72 -6.95 -0.96
N GLN D 154 12.40 -6.32 0.18
CA GLN D 154 13.22 -5.22 0.66
C GLN D 154 14.62 -5.69 1.04
N GLN D 155 14.72 -6.87 1.67
CA GLN D 155 16.02 -7.48 1.95
C GLN D 155 16.85 -7.61 0.68
N ALA D 156 16.21 -8.02 -0.42
CA ALA D 156 16.94 -8.17 -1.67
C ALA D 156 17.38 -6.83 -2.23
N MET D 157 16.50 -5.82 -2.19
CA MET D 157 16.88 -4.50 -2.68
C MET D 157 17.97 -3.87 -1.83
N THR D 158 17.90 -4.06 -0.50
CA THR D 158 18.99 -3.65 0.38
C THR D 158 20.30 -4.30 -0.06
N GLY D 159 20.28 -5.61 -0.29
CA GLY D 159 21.52 -6.30 -0.64
C GLY D 159 22.06 -5.89 -2.00
N LEU D 160 21.19 -5.83 -3.02
CA LEU D 160 21.62 -5.47 -4.36
C LEU D 160 22.20 -4.08 -4.42
N SER D 161 21.86 -3.23 -3.47
CA SER D 161 22.36 -1.86 -3.43
C SER D 161 23.71 -1.74 -2.75
N MET D 162 24.18 -2.80 -2.08
CA MET D 162 25.39 -2.67 -1.27
C MET D 162 26.60 -2.32 -2.12
N ARG D 163 26.67 -2.85 -3.34
CA ARG D 163 27.79 -2.50 -4.21
C ARG D 163 27.88 -1.00 -4.41
N SER D 164 26.75 -0.34 -4.66
CA SER D 164 26.78 1.10 -4.89
C SER D 164 27.03 1.88 -3.60
N ALA D 165 26.63 1.34 -2.44
CA ALA D 165 26.97 2.00 -1.19
C ALA D 165 28.47 1.90 -0.91
N HIS D 166 29.07 0.73 -1.14
CA HIS D 166 30.52 0.61 -1.04
C HIS D 166 31.20 1.63 -1.95
N ALA D 167 30.69 1.77 -3.18
CA ALA D 167 31.34 2.64 -4.14
C ALA D 167 31.17 4.11 -3.75
N LEU D 168 30.02 4.46 -3.18
CA LEU D 168 29.79 5.84 -2.76
C LEU D 168 30.77 6.24 -1.67
N ALA D 169 31.12 5.29 -0.80
CA ALA D 169 32.06 5.56 0.30
C ALA D 169 33.48 5.76 -0.22
N GLU D 170 33.83 5.13 -1.35
CA GLU D 170 35.19 5.20 -1.87
C GLU D 170 35.35 6.18 -3.02
N ALA D 171 34.27 6.66 -3.63
CA ALA D 171 34.37 7.50 -4.83
C ALA D 171 34.61 8.96 -4.51
N ILE D 172 34.49 9.34 -3.25
CA ILE D 172 34.51 10.72 -2.79
C ILE D 172 35.50 10.77 -1.63
N ASP D 173 36.30 11.83 -1.56
CA ASP D 173 37.11 12.10 -0.37
C ASP D 173 36.17 12.73 0.66
N TRP D 174 35.67 11.92 1.58
CA TRP D 174 34.70 12.41 2.55
C TRP D 174 35.35 13.20 3.70
N SER D 175 36.68 13.27 3.74
CA SER D 175 37.39 13.88 4.87
C SER D 175 37.16 15.38 5.01
N ALA D 176 36.80 16.07 3.92
CA ALA D 176 36.57 17.52 3.99
C ALA D 176 35.20 17.88 4.56
N TYR D 177 34.36 16.89 4.89
CA TYR D 177 32.98 17.13 5.30
C TYR D 177 32.81 16.58 6.70
N ARG D 178 32.07 17.31 7.54
CA ARG D 178 31.87 16.92 8.93
C ARG D 178 30.62 16.08 9.11
N THR D 179 29.58 16.42 8.34
CA THR D 179 28.24 15.93 8.57
C THR D 179 27.61 15.58 7.22
N VAL D 180 26.72 14.60 7.24
CA VAL D 180 26.02 14.18 6.03
C VAL D 180 24.58 13.88 6.39
N ALA D 181 23.66 14.26 5.52
CA ALA D 181 22.25 13.95 5.66
C ALA D 181 21.80 13.23 4.41
N ASP D 182 21.10 12.12 4.59
CA ASP D 182 20.53 11.33 3.49
C ASP D 182 19.04 11.67 3.42
N ILE D 183 18.62 12.25 2.31
CA ILE D 183 17.29 12.81 2.16
C ILE D 183 16.42 11.73 1.52
N GLY D 184 15.38 11.30 2.24
CA GLY D 184 14.62 10.14 1.85
C GLY D 184 15.41 8.87 2.08
N CYS D 185 15.98 8.73 3.30
CA CYS D 185 16.95 7.68 3.60
C CYS D 185 16.34 6.29 3.68
N ALA D 186 15.01 6.17 3.77
CA ALA D 186 14.33 4.88 3.99
C ALA D 186 15.01 4.21 5.18
N GLU D 187 15.37 2.93 5.11
CA GLU D 187 15.91 2.25 6.27
C GLU D 187 17.36 2.65 6.59
N GLY D 188 17.99 3.49 5.77
CA GLY D 188 19.27 4.07 6.12
C GLY D 188 20.50 3.27 5.73
N THR D 189 20.37 2.28 4.84
CA THR D 189 21.46 1.35 4.55
C THR D 189 22.70 2.06 4.02
N VAL D 190 22.54 2.93 3.03
CA VAL D 190 23.69 3.62 2.46
C VAL D 190 24.32 4.54 3.49
N LEU D 191 23.50 5.34 4.17
CA LEU D 191 24.03 6.27 5.16
C LEU D 191 24.81 5.55 6.25
N ILE D 192 24.31 4.40 6.69
CA ILE D 192 24.99 3.62 7.72
C ILE D 192 26.34 3.11 7.21
N HIS D 193 26.36 2.61 5.97
CA HIS D 193 27.61 2.08 5.45
C HIS D 193 28.65 3.19 5.32
N LEU D 194 28.23 4.35 4.81
CA LEU D 194 29.13 5.49 4.71
C LEU D 194 29.70 5.87 6.08
N LEU D 195 28.87 5.87 7.10
CA LEU D 195 29.35 6.22 8.44
C LEU D 195 30.28 5.13 8.99
N GLU D 196 30.01 3.86 8.68
CA GLU D 196 30.90 2.82 9.15
C GLU D 196 32.26 2.92 8.47
N ARG D 197 32.27 3.29 7.19
CA ARG D 197 33.51 3.39 6.43
C ARG D 197 34.32 4.64 6.79
N HIS D 198 33.65 5.74 7.16
CA HIS D 198 34.32 7.00 7.46
C HIS D 198 33.88 7.47 8.85
N PRO D 199 34.58 7.03 9.90
CA PRO D 199 34.06 7.22 11.27
C PRO D 199 34.01 8.67 11.73
N HIS D 200 34.68 9.60 11.04
CA HIS D 200 34.60 11.01 11.44
C HIS D 200 33.22 11.59 11.18
N LEU D 201 32.47 11.03 10.22
CA LEU D 201 31.20 11.60 9.78
C LEU D 201 30.12 11.44 10.86
N ARG D 202 29.38 12.52 11.11
CA ARG D 202 28.11 12.43 11.83
C ARG D 202 26.97 12.45 10.80
N GLY D 203 25.96 11.63 11.01
CA GLY D 203 24.94 11.40 10.00
C GLY D 203 23.52 11.62 10.50
N THR D 204 22.68 12.07 9.58
CA THR D 204 21.25 12.26 9.84
C THR D 204 20.47 11.65 8.70
N GLY D 205 19.54 10.75 9.02
CA GLY D 205 18.60 10.24 8.04
C GLY D 205 17.30 11.02 8.13
N PHE D 206 16.80 11.43 6.97
CA PHE D 206 15.63 12.31 6.91
C PHE D 206 14.57 11.60 6.08
N ASP D 207 13.40 11.35 6.67
CA ASP D 207 12.33 10.68 5.96
C ASP D 207 11.02 10.90 6.73
N LEU D 208 9.94 10.39 6.15
CA LEU D 208 8.63 10.47 6.80
C LEU D 208 8.64 9.74 8.13
N ALA D 209 7.80 10.22 9.06
CA ALA D 209 7.77 9.65 10.41
C ALA D 209 7.49 8.15 10.39
N ALA D 210 6.68 7.68 9.43
CA ALA D 210 6.34 6.26 9.39
C ALA D 210 7.54 5.38 9.03
N VAL D 211 8.60 5.98 8.50
CA VAL D 211 9.82 5.23 8.16
C VAL D 211 10.70 4.98 9.38
N ARG D 212 10.49 5.71 10.48
CA ARG D 212 11.46 5.65 11.58
C ARG D 212 11.66 4.24 12.14
N PRO D 213 10.63 3.41 12.37
CA PRO D 213 10.90 2.06 12.91
C PRO D 213 11.87 1.23 12.07
N SER D 214 11.77 1.28 10.74
CA SER D 214 12.68 0.47 9.94
C SER D 214 14.10 1.02 9.99
N PHE D 215 14.23 2.35 10.02
CA PHE D 215 15.54 2.98 10.20
C PHE D 215 16.12 2.65 11.58
N GLN D 216 15.29 2.75 12.62
CA GLN D 216 15.76 2.50 13.98
C GLN D 216 16.30 1.08 14.13
N ARG D 217 15.67 0.12 13.47
CA ARG D 217 16.17 -1.26 13.51
C ARG D 217 17.58 -1.34 12.94
N ARG D 218 17.81 -0.76 11.75
CA ARG D 218 19.15 -0.77 11.17
C ARG D 218 20.13 0.05 12.00
N HIS D 219 19.67 1.18 12.54
CA HIS D 219 20.51 2.01 13.39
C HIS D 219 21.00 1.22 14.61
N GLU D 220 20.09 0.55 15.31
CA GLU D 220 20.46 -0.26 16.46
C GLU D 220 21.42 -1.39 16.07
N GLU D 221 21.19 -2.02 14.92
CA GLU D 221 22.04 -3.13 14.52
C GLU D 221 23.45 -2.67 14.15
N SER D 222 23.60 -1.42 13.73
CA SER D 222 24.91 -0.93 13.29
C SER D 222 25.84 -0.61 14.45
N GLY D 223 25.31 -0.35 15.64
CA GLY D 223 26.10 0.17 16.73
C GLY D 223 26.54 1.62 16.60
N LEU D 224 26.16 2.30 15.50
CA LEU D 224 26.60 3.68 15.30
C LEU D 224 26.12 4.60 16.41
N GLY D 225 25.02 4.25 17.08
CA GLY D 225 24.61 4.93 18.30
C GLY D 225 24.50 6.44 18.17
N ASP D 226 25.27 7.16 19.00
CA ASP D 226 25.19 8.61 19.07
C ASP D 226 25.72 9.31 17.82
N ARG D 227 26.32 8.60 16.87
CA ARG D 227 26.86 9.23 15.68
C ARG D 227 25.84 9.34 14.54
N LEU D 228 24.66 8.74 14.71
CA LEU D 228 23.60 8.70 13.70
C LEU D 228 22.27 9.06 14.34
N ALA D 229 21.48 9.89 13.65
CA ALA D 229 20.15 10.23 14.13
C ALA D 229 19.18 10.20 12.98
N PHE D 230 17.90 10.03 13.31
CA PHE D 230 16.82 10.09 12.34
C PHE D 230 16.00 11.35 12.59
N ARG D 231 15.62 12.03 11.52
CA ARG D 231 14.81 13.22 11.61
C ARG D 231 13.54 13.01 10.80
N ALA D 232 12.40 13.03 11.49
CA ALA D 232 11.13 12.88 10.80
C ALA D 232 10.79 14.15 10.04
N GLY D 233 10.42 14.03 8.77
CA GLY D 233 10.08 15.21 8.01
C GLY D 233 9.60 14.87 6.62
N ASP D 234 9.01 15.87 5.98
CA ASP D 234 8.50 15.81 4.62
C ASP D 234 9.38 16.76 3.80
N PHE D 235 10.21 16.21 2.89
CA PHE D 235 11.16 17.09 2.23
C PHE D 235 10.51 18.03 1.22
N PHE D 236 9.24 17.83 0.87
CA PHE D 236 8.55 18.81 0.05
C PHE D 236 7.88 19.92 0.85
N ALA D 237 7.79 19.79 2.18
CA ALA D 237 7.06 20.77 2.98
C ALA D 237 7.92 21.51 3.99
N GLU D 238 9.14 21.06 4.27
CA GLU D 238 9.97 21.63 5.31
C GLU D 238 11.38 21.82 4.80
N PRO D 239 12.17 22.69 5.44
CA PRO D 239 13.58 22.82 5.04
C PRO D 239 14.32 21.50 5.28
N LEU D 240 15.36 21.28 4.48
CA LEU D 240 16.17 20.09 4.63
C LEU D 240 17.14 20.28 5.80
N PRO D 241 17.58 19.18 6.42
CA PRO D 241 18.64 19.30 7.44
C PRO D 241 19.86 20.00 6.87
N GLN D 242 20.45 20.87 7.67
CA GLN D 242 21.73 21.46 7.30
C GLN D 242 22.83 20.46 7.61
N ALA D 243 23.64 20.15 6.59
CA ALA D 243 24.76 19.25 6.70
C ALA D 243 25.79 19.69 5.68
N ASP D 244 27.02 19.19 5.81
CA ASP D 244 28.03 19.53 4.82
C ASP D 244 27.81 18.81 3.50
N ALA D 245 27.06 17.73 3.54
CA ALA D 245 26.80 16.89 2.39
C ALA D 245 25.39 16.36 2.45
N LEU D 246 24.67 16.41 1.31
CA LEU D 246 23.32 15.91 1.20
C LEU D 246 23.28 14.81 0.13
N VAL D 247 22.68 13.67 0.47
CA VAL D 247 22.64 12.51 -0.43
C VAL D 247 21.20 12.31 -0.87
N PHE D 248 21.01 12.10 -2.19
CA PHE D 248 19.69 11.79 -2.75
C PHE D 248 19.82 10.47 -3.51
N GLY D 249 19.42 9.38 -2.88
CA GLY D 249 19.49 8.09 -3.54
C GLY D 249 18.14 7.69 -4.08
N HIS D 250 18.00 7.65 -5.41
CA HIS D 250 16.74 7.23 -6.02
C HIS D 250 15.57 8.07 -5.51
N ILE D 251 15.80 9.37 -5.39
CA ILE D 251 14.76 10.33 -4.98
C ILE D 251 14.25 11.14 -6.18
N LEU D 252 15.14 11.88 -6.84
CA LEU D 252 14.67 12.79 -7.90
C LEU D 252 13.88 12.06 -8.97
N SER D 253 14.29 10.83 -9.31
CA SER D 253 13.64 10.07 -10.39
C SER D 253 12.18 9.71 -10.06
N ASN D 254 11.79 9.76 -8.79
CA ASN D 254 10.43 9.38 -8.41
C ASN D 254 9.42 10.48 -8.65
N TRP D 255 9.88 11.69 -8.98
CA TRP D 255 9.06 12.88 -8.94
C TRP D 255 9.14 13.62 -10.27
N ALA D 256 8.11 14.42 -10.51
CA ALA D 256 8.05 15.25 -11.69
C ALA D 256 9.15 16.29 -11.66
N LEU D 257 9.51 16.79 -12.84
CA LEU D 257 10.67 17.67 -12.97
C LEU D 257 10.57 18.93 -12.11
N PRO D 258 9.44 19.65 -12.02
CA PRO D 258 9.43 20.83 -11.15
C PRO D 258 9.72 20.48 -9.70
N LYS D 259 9.32 19.29 -9.26
CA LYS D 259 9.58 18.89 -7.88
C LYS D 259 11.03 18.51 -7.68
N ALA D 260 11.64 17.84 -8.68
CA ALA D 260 13.06 17.55 -8.61
C ALA D 260 13.88 18.84 -8.55
N LYS D 261 13.53 19.84 -9.35
CA LYS D 261 14.24 21.11 -9.29
C LYS D 261 14.04 21.77 -7.93
N THR D 262 12.84 21.64 -7.36
CA THR D 262 12.58 22.22 -6.05
C THR D 262 13.49 21.61 -4.99
N LEU D 263 13.67 20.28 -5.04
CA LEU D 263 14.56 19.63 -4.08
C LEU D 263 16.00 20.08 -4.27
N LEU D 264 16.43 20.28 -5.52
CA LEU D 264 17.80 20.77 -5.72
C LEU D 264 17.97 22.17 -5.15
N ARG D 265 16.94 23.02 -5.25
CA ARG D 265 17.00 24.35 -4.66
C ARG D 265 17.11 24.26 -3.15
N LYS D 266 16.29 23.41 -2.52
CA LYS D 266 16.36 23.25 -1.07
C LYS D 266 17.72 22.67 -0.64
N ALA D 267 18.26 21.72 -1.42
CA ALA D 267 19.61 21.24 -1.13
C ALA D 267 20.61 22.39 -1.11
N HIS D 268 20.53 23.26 -2.13
CA HIS D 268 21.43 24.40 -2.20
C HIS D 268 21.27 25.30 -0.99
N GLU D 269 20.04 25.46 -0.51
CA GLU D 269 19.80 26.31 0.65
C GLU D 269 20.27 25.65 1.94
N ALA D 270 20.19 24.32 2.03
CA ALA D 270 20.57 23.63 3.26
C ALA D 270 22.08 23.52 3.41
N LEU D 271 22.82 23.50 2.30
CA LEU D 271 24.25 23.25 2.29
C LEU D 271 25.04 24.52 2.67
N PRO D 272 26.20 24.35 3.31
CA PRO D 272 27.13 25.47 3.42
C PRO D 272 27.87 25.66 2.11
N GLU D 273 28.42 26.86 1.94
CA GLU D 273 29.37 27.07 0.86
C GLU D 273 30.45 26.00 0.95
N GLY D 274 30.80 25.41 -0.18
CA GLY D 274 31.72 24.29 -0.18
C GLY D 274 31.08 22.93 0.05
N GLY D 275 29.84 22.87 0.54
CA GLY D 275 29.18 21.58 0.71
C GLY D 275 28.84 20.91 -0.61
N ILE D 276 28.49 19.62 -0.54
CA ILE D 276 28.26 18.86 -1.76
C ILE D 276 26.87 18.24 -1.74
N VAL D 277 26.30 18.10 -2.93
CA VAL D 277 25.08 17.34 -3.14
C VAL D 277 25.47 16.09 -3.93
N VAL D 278 24.93 14.95 -3.52
CA VAL D 278 25.33 13.65 -4.03
C VAL D 278 24.06 12.93 -4.44
N ILE D 279 23.94 12.64 -5.73
CA ILE D 279 22.74 12.07 -6.33
C ILE D 279 23.15 10.77 -7.00
N TYR D 280 22.45 9.67 -6.68
CA TYR D 280 22.70 8.46 -7.45
C TYR D 280 21.38 7.84 -7.90
N GLU D 281 21.45 7.22 -9.08
CA GLU D 281 20.29 6.70 -9.80
C GLU D 281 20.76 5.57 -10.70
N THR D 282 19.79 4.85 -11.27
CA THR D 282 20.04 3.99 -12.42
C THR D 282 19.98 4.88 -13.67
N LEU D 283 21.01 5.71 -13.84
CA LEU D 283 20.98 6.72 -14.89
C LEU D 283 20.96 6.12 -16.29
N ILE D 284 20.19 6.75 -17.17
CA ILE D 284 20.30 6.44 -18.59
C ILE D 284 21.60 7.04 -19.12
N ASP D 285 22.21 6.38 -20.10
CA ASP D 285 23.39 6.95 -20.72
C ASP D 285 23.01 8.26 -21.41
N ASP D 286 24.00 9.14 -21.54
CA ASP D 286 23.71 10.48 -22.07
C ASP D 286 23.11 10.40 -23.46
N GLU D 287 23.58 9.46 -24.29
CA GLU D 287 23.06 9.26 -25.64
C GLU D 287 21.76 8.48 -25.68
N ARG D 288 21.24 8.02 -24.54
CA ARG D 288 19.94 7.35 -24.44
CA ARG D 288 19.94 7.36 -24.45
C ARG D 288 19.81 6.23 -25.47
N ARG D 289 20.84 5.37 -25.53
CA ARG D 289 20.79 4.27 -26.47
C ARG D 289 21.45 3.00 -25.97
N GLU D 290 21.90 2.94 -24.72
CA GLU D 290 22.73 1.82 -24.28
C GLU D 290 22.24 1.15 -23.00
N ASN D 291 21.90 1.95 -21.98
CA ASN D 291 21.68 1.46 -20.62
C ASN D 291 20.27 0.87 -20.50
N VAL D 292 20.16 -0.44 -20.72
CA VAL D 292 18.85 -1.09 -20.64
C VAL D 292 18.26 -1.03 -19.23
N PRO D 293 19.00 -1.29 -18.15
CA PRO D 293 18.39 -1.13 -16.81
C PRO D 293 17.82 0.26 -16.57
N GLY D 294 18.54 1.31 -16.98
CA GLY D 294 18.06 2.66 -16.80
C GLY D 294 16.81 2.97 -17.63
N LEU D 295 16.80 2.55 -18.89
CA LEU D 295 15.62 2.80 -19.72
C LEU D 295 14.42 2.00 -19.22
N LEU D 296 14.63 0.74 -18.84
CA LEU D 296 13.53 -0.02 -18.24
C LEU D 296 13.06 0.59 -16.94
N MET D 297 13.97 1.18 -16.15
CA MET D 297 13.57 1.87 -14.94
C MET D 297 12.66 3.05 -15.24
N SER D 298 12.92 3.74 -16.35
CA SER D 298 12.07 4.87 -16.70
C SER D 298 10.65 4.40 -17.02
N LEU D 299 10.54 3.22 -17.64
CA LEU D 299 9.22 2.65 -17.86
C LEU D 299 8.62 2.12 -16.57
N THR D 300 9.44 1.60 -15.66
CA THR D 300 8.95 1.31 -14.31
C THR D 300 8.35 2.56 -13.67
N MET D 301 9.03 3.70 -13.81
CA MET D 301 8.51 4.94 -13.24
C MET D 301 7.19 5.35 -13.89
N LEU D 302 7.05 5.12 -15.20
CA LEU D 302 5.75 5.29 -15.85
C LEU D 302 4.69 4.47 -15.14
N LEU D 303 4.96 3.18 -14.93
CA LEU D 303 3.92 2.28 -14.47
C LEU D 303 3.62 2.47 -12.99
N GLU D 304 4.58 2.98 -12.22
CA GLU D 304 4.44 3.03 -10.77
C GLU D 304 4.07 4.42 -10.23
N THR D 305 4.40 5.48 -10.95
CA THR D 305 4.29 6.83 -10.42
C THR D 305 3.59 7.74 -11.42
N PRO D 306 2.96 8.82 -10.93
CA PRO D 306 2.34 9.77 -11.85
C PRO D 306 3.32 10.69 -12.56
N GLY D 307 4.50 10.93 -12.00
CA GLY D 307 5.39 11.93 -12.56
C GLY D 307 6.86 11.55 -12.65
N GLY D 308 7.22 10.39 -12.12
CA GLY D 308 8.62 10.00 -12.10
C GLY D 308 9.18 9.68 -13.48
N PHE D 309 10.50 9.75 -13.57
CA PHE D 309 11.20 9.50 -14.82
C PHE D 309 12.67 9.20 -14.52
N GLU D 310 13.27 8.35 -15.33
CA GLU D 310 14.71 8.18 -15.24
C GLU D 310 15.36 9.21 -16.14
N TYR D 311 16.59 9.62 -15.82
CA TYR D 311 17.23 10.70 -16.57
C TYR D 311 18.70 10.37 -16.80
N THR D 312 19.41 11.27 -17.48
CA THR D 312 20.83 11.09 -17.76
C THR D 312 21.67 11.97 -16.86
N GLY D 313 22.96 11.65 -16.78
CA GLY D 313 23.88 12.51 -16.05
C GLY D 313 23.91 13.92 -16.63
N ALA D 314 23.83 14.03 -17.96
CA ALA D 314 23.86 15.35 -18.59
C ALA D 314 22.62 16.18 -18.22
N ASP D 315 21.45 15.55 -18.22
CA ASP D 315 20.23 16.22 -17.75
C ASP D 315 20.45 16.79 -16.35
N CYS D 316 20.99 15.96 -15.46
CA CYS D 316 21.13 16.33 -14.06
C CYS D 316 22.15 17.46 -13.86
N ARG D 317 23.23 17.45 -14.64
CA ARG D 317 24.20 18.53 -14.54
C ARG D 317 23.60 19.87 -14.97
N GLU D 318 22.67 19.86 -15.93
CA GLU D 318 21.98 21.11 -16.29
C GLU D 318 21.10 21.60 -15.13
N TRP D 319 20.35 20.71 -14.49
CA TRP D 319 19.51 21.13 -13.36
C TRP D 319 20.38 21.67 -12.22
N LEU D 320 21.52 21.03 -11.98
CA LEU D 320 22.41 21.48 -10.91
C LEU D 320 23.00 22.86 -11.22
N ALA D 321 23.42 23.08 -12.47
CA ALA D 321 23.92 24.40 -12.85
C ALA D 321 22.83 25.44 -12.71
N ASP D 322 21.60 25.11 -13.12
CA ASP D 322 20.50 26.06 -13.01
C ASP D 322 20.15 26.34 -11.55
N ALA D 323 20.40 25.39 -10.66
CA ALA D 323 20.18 25.60 -9.23
C ALA D 323 21.32 26.36 -8.56
N GLY D 324 22.38 26.70 -9.30
CA GLY D 324 23.46 27.47 -8.74
C GLY D 324 24.68 26.67 -8.32
N PHE D 325 24.64 25.35 -8.43
CA PHE D 325 25.78 24.55 -8.04
C PHE D 325 26.97 24.76 -8.99
N ARG D 326 28.15 24.54 -8.47
CA ARG D 326 29.39 24.59 -9.26
C ARG D 326 29.94 23.18 -9.45
N GLU D 327 30.84 23.05 -10.41
CA GLU D 327 31.81 21.94 -10.47
C GLU D 327 31.15 20.57 -10.34
N SER D 328 30.15 20.30 -11.17
CA SER D 328 29.49 19.00 -11.09
C SER D 328 30.19 17.98 -11.97
N ARG D 329 29.98 16.70 -11.65
CA ARG D 329 30.49 15.63 -12.49
C ARG D 329 29.61 14.40 -12.34
N VAL D 330 29.69 13.53 -13.34
CA VAL D 330 29.00 12.25 -13.36
C VAL D 330 30.06 11.18 -13.15
N GLN D 331 29.79 10.23 -12.26
CA GLN D 331 30.76 9.19 -11.95
C GLN D 331 30.06 7.85 -11.83
N TYR D 332 30.58 6.84 -12.51
CA TYR D 332 30.06 5.48 -12.37
C TYR D 332 30.26 5.00 -10.94
N LEU D 333 29.27 4.28 -10.41
CA LEU D 333 29.34 3.73 -9.06
C LEU D 333 29.52 2.21 -9.10
N ALA D 334 28.48 1.47 -9.44
CA ALA D 334 28.56 0.01 -9.49
C ALA D 334 27.40 -0.54 -10.30
N GLY D 335 27.70 -1.45 -11.22
CA GLY D 335 26.70 -2.02 -12.08
C GLY D 335 25.93 -0.97 -12.86
N PRO D 336 24.60 -0.94 -12.69
CA PRO D 336 23.78 0.03 -13.41
C PRO D 336 23.68 1.39 -12.72
N GLU D 337 24.27 1.55 -11.54
CA GLU D 337 24.15 2.78 -10.75
C GLU D 337 25.29 3.75 -11.07
N SER D 338 24.94 5.02 -11.18
CA SER D 338 25.91 6.09 -11.33
C SER D 338 25.52 7.23 -10.40
N MET D 339 26.49 8.10 -10.12
CA MET D 339 26.22 9.26 -9.29
C MET D 339 26.49 10.55 -10.05
N VAL D 340 25.79 11.60 -9.66
CA VAL D 340 26.11 12.97 -10.05
C VAL D 340 26.42 13.73 -8.77
N ILE D 341 27.54 14.43 -8.73
CA ILE D 341 27.92 15.15 -7.53
C ILE D 341 28.25 16.58 -7.93
N ALA D 342 27.86 17.53 -7.08
CA ALA D 342 28.16 18.94 -7.33
C ALA D 342 28.47 19.64 -6.02
N THR D 343 29.16 20.77 -6.14
CA THR D 343 29.60 21.59 -5.01
C THR D 343 28.87 22.93 -5.03
N LYS D 344 28.35 23.33 -3.87
CA LYS D 344 27.78 24.65 -3.69
C LYS D 344 28.90 25.70 -3.69
#